data_7QWY
# 
_entry.id   7QWY 
# 
_audit_conform.dict_name       mmcif_pdbx.dic 
_audit_conform.dict_version    5.384 
_audit_conform.dict_location   http://mmcif.pdb.org/dictionaries/ascii/mmcif_pdbx.dic 
# 
loop_
_database_2.database_id 
_database_2.database_code 
_database_2.pdbx_database_accession 
_database_2.pdbx_DOI 
PDB   7QWY         pdb_00007qwy 10.2210/pdb7qwy/pdb 
WWPDB D_1292120570 ?            ?                   
# 
loop_
_pdbx_audit_revision_history.ordinal 
_pdbx_audit_revision_history.data_content_type 
_pdbx_audit_revision_history.major_revision 
_pdbx_audit_revision_history.minor_revision 
_pdbx_audit_revision_history.revision_date 
1 'Structure model' 1 0 2022-09-28 
2 'Structure model' 1 1 2024-01-31 
# 
_pdbx_audit_revision_details.ordinal             1 
_pdbx_audit_revision_details.revision_ordinal    1 
_pdbx_audit_revision_details.data_content_type   'Structure model' 
_pdbx_audit_revision_details.provider            repository 
_pdbx_audit_revision_details.type                'Initial release' 
_pdbx_audit_revision_details.description         ? 
_pdbx_audit_revision_details.details             ? 
# 
loop_
_pdbx_audit_revision_group.ordinal 
_pdbx_audit_revision_group.revision_ordinal 
_pdbx_audit_revision_group.data_content_type 
_pdbx_audit_revision_group.group 
1 2 'Structure model' 'Data collection'        
2 2 'Structure model' 'Refinement description' 
# 
loop_
_pdbx_audit_revision_category.ordinal 
_pdbx_audit_revision_category.revision_ordinal 
_pdbx_audit_revision_category.data_content_type 
_pdbx_audit_revision_category.category 
1 2 'Structure model' chem_comp_atom                
2 2 'Structure model' chem_comp_bond                
3 2 'Structure model' pdbx_initial_refinement_model 
# 
_pdbx_database_status.status_code                     REL 
_pdbx_database_status.status_code_sf                  REL 
_pdbx_database_status.status_code_mr                  ? 
_pdbx_database_status.entry_id                        7QWY 
_pdbx_database_status.recvd_initial_deposition_date   2022-01-26 
_pdbx_database_status.SG_entry                        N 
_pdbx_database_status.deposit_site                    PDBE 
_pdbx_database_status.process_site                    PDBE 
_pdbx_database_status.status_code_cs                  ? 
_pdbx_database_status.status_code_nmr_data            ? 
_pdbx_database_status.methods_development_category    ? 
_pdbx_database_status.pdb_format_compatible           Y 
# 
loop_
_pdbx_database_related.db_name 
_pdbx_database_related.details 
_pdbx_database_related.db_id 
_pdbx_database_related.content_type 
PDB '7QVU contains the same protein complexed with a similar ligand.' 7QVU unspecified 
PDB '7QWU contains the same protein complexed with a similar ligand.' 7QWU unspecified 
PDB '7QWF contains the same protein complexed with a similar ligand.' 7QWF unspecified 
# 
_pdbx_contact_author.id                 2 
_pdbx_contact_author.email              graziano.lolli@unitn.it 
_pdbx_contact_author.name_first         Graziano 
_pdbx_contact_author.name_last          Lolli 
_pdbx_contact_author.name_mi            ? 
_pdbx_contact_author.role               'principal investigator/group leader' 
_pdbx_contact_author.identifier_ORCID   0000-0002-8536-5599 
# 
loop_
_audit_author.name 
_audit_author.pdbx_ordinal 
_audit_author.identifier_ORCID 
'Dalle Vedove, A.' 1 ? 
'Cazzanelli, G.'   2 ? 
'Caflisch, A.'     3 ? 
'Lolli, G.'        4 ? 
# 
_citation.abstract                  ? 
_citation.abstract_id_CAS           ? 
_citation.book_id_ISBN              ? 
_citation.book_publisher            ? 
_citation.book_publisher_city       ? 
_citation.book_title                ? 
_citation.coordinate_linkage        ? 
_citation.country                   US 
_citation.database_id_Medline       ? 
_citation.details                   ? 
_citation.id                        primary 
_citation.journal_abbrev            'Acs Med.Chem.Lett.' 
_citation.journal_id_ASTM           ? 
_citation.journal_id_CSD            ? 
_citation.journal_id_ISSN           1948-5875 
_citation.journal_full              ? 
_citation.journal_issue             ? 
_citation.journal_volume            13 
_citation.language                  ? 
_citation.page_first                1434 
_citation.page_last                 1443 
_citation.title                     'Identification of a BAZ2A-Bromodomain Hit Compound by Fragment Growing.' 
_citation.year                      2022 
_citation.database_id_CSD           ? 
_citation.pdbx_database_id_DOI      10.1021/acsmedchemlett.2c00173 
_citation.pdbx_database_id_PubMed   36105334 
_citation.pdbx_database_id_patent   ? 
_citation.unpublished_flag          ? 
# 
loop_
_citation_author.citation_id 
_citation_author.name 
_citation_author.ordinal 
_citation_author.identifier_ORCID 
primary 'Dalle Vedove, A.'   1 ?                   
primary 'Cazzanelli, G.'     2 ?                   
primary 'Batiste, L.'        3 ?                   
primary 'Marchand, J.R.'     4 0000-0002-8002-9457 
primary 'Spiliotopoulos, D.' 5 ?                   
primary 'Corsi, J.'          6 ?                   
primary 
;D'Agostino, V.G.
;
7 ?                   
primary 'Caflisch, A.'       8 0000-0002-2317-6792 
primary 'Lolli, G.'          9 0000-0002-8536-5599 
# 
loop_
_entity.id 
_entity.type 
_entity.src_method 
_entity.pdbx_description 
_entity.formula_weight 
_entity.pdbx_number_of_molecules 
_entity.pdbx_ec 
_entity.pdbx_mutation 
_entity.pdbx_fragment 
_entity.details 
1 polymer     man 'Bromodomain adjacent to zinc finger domain protein 2A'                                        12380.919 1  ? 
'First two residues SM derive from the expression tag' 'Bromodomain (residues 1796-1899)' ? 
2 non-polymer syn '1-[4-ethyl-2-methyl-5-[2-(piperazin-1-ylmethyl)-1,3-thiazol-4-yl]-1~{H}-pyrrol-3-yl]ethanone' 332.464   1  ? ? 
?                                  ? 
3 water       nat water                                                                                          18.015    12 ? ? 
?                                  ? 
# 
_entity_name_com.entity_id   1 
_entity_name_com.name        'Transcription termination factor I-interacting protein 5,Tip5,hWALp3' 
# 
_entity_poly.entity_id                      1 
_entity_poly.type                           'polypeptide(L)' 
_entity_poly.nstd_linkage                   no 
_entity_poly.nstd_monomer                   no 
_entity_poly.pdbx_seq_one_letter_code       
;SMHSDLTFCEIILMEMESHDAAWPFLEPVNPRLVSGYRRIIKNPMDFSTMRERLLRGGYTSSEEFAADALLVFDNCQTFN
EDDSEVGKAGHIMRRFFESRWEEFY
;
_entity_poly.pdbx_seq_one_letter_code_can   
;SMHSDLTFCEIILMEMESHDAAWPFLEPVNPRLVSGYRRIIKNPMDFSTMRERLLRGGYTSSEEFAADALLVFDNCQTFN
EDDSEVGKAGHIMRRFFESRWEEFY
;
_entity_poly.pdbx_strand_id                 A 
_entity_poly.pdbx_target_identifier         ? 
# 
loop_
_pdbx_entity_nonpoly.entity_id 
_pdbx_entity_nonpoly.name 
_pdbx_entity_nonpoly.comp_id 
2 '1-[4-ethyl-2-methyl-5-[2-(piperazin-1-ylmethyl)-1,3-thiazol-4-yl]-1~{H}-pyrrol-3-yl]ethanone' G0I 
3 water                                                                                          HOH 
# 
loop_
_entity_poly_seq.entity_id 
_entity_poly_seq.num 
_entity_poly_seq.mon_id 
_entity_poly_seq.hetero 
1 1   SER n 
1 2   MET n 
1 3   HIS n 
1 4   SER n 
1 5   ASP n 
1 6   LEU n 
1 7   THR n 
1 8   PHE n 
1 9   CYS n 
1 10  GLU n 
1 11  ILE n 
1 12  ILE n 
1 13  LEU n 
1 14  MET n 
1 15  GLU n 
1 16  MET n 
1 17  GLU n 
1 18  SER n 
1 19  HIS n 
1 20  ASP n 
1 21  ALA n 
1 22  ALA n 
1 23  TRP n 
1 24  PRO n 
1 25  PHE n 
1 26  LEU n 
1 27  GLU n 
1 28  PRO n 
1 29  VAL n 
1 30  ASN n 
1 31  PRO n 
1 32  ARG n 
1 33  LEU n 
1 34  VAL n 
1 35  SER n 
1 36  GLY n 
1 37  TYR n 
1 38  ARG n 
1 39  ARG n 
1 40  ILE n 
1 41  ILE n 
1 42  LYS n 
1 43  ASN n 
1 44  PRO n 
1 45  MET n 
1 46  ASP n 
1 47  PHE n 
1 48  SER n 
1 49  THR n 
1 50  MET n 
1 51  ARG n 
1 52  GLU n 
1 53  ARG n 
1 54  LEU n 
1 55  LEU n 
1 56  ARG n 
1 57  GLY n 
1 58  GLY n 
1 59  TYR n 
1 60  THR n 
1 61  SER n 
1 62  SER n 
1 63  GLU n 
1 64  GLU n 
1 65  PHE n 
1 66  ALA n 
1 67  ALA n 
1 68  ASP n 
1 69  ALA n 
1 70  LEU n 
1 71  LEU n 
1 72  VAL n 
1 73  PHE n 
1 74  ASP n 
1 75  ASN n 
1 76  CYS n 
1 77  GLN n 
1 78  THR n 
1 79  PHE n 
1 80  ASN n 
1 81  GLU n 
1 82  ASP n 
1 83  ASP n 
1 84  SER n 
1 85  GLU n 
1 86  VAL n 
1 87  GLY n 
1 88  LYS n 
1 89  ALA n 
1 90  GLY n 
1 91  HIS n 
1 92  ILE n 
1 93  MET n 
1 94  ARG n 
1 95  ARG n 
1 96  PHE n 
1 97  PHE n 
1 98  GLU n 
1 99  SER n 
1 100 ARG n 
1 101 TRP n 
1 102 GLU n 
1 103 GLU n 
1 104 PHE n 
1 105 TYR n 
# 
_entity_src_gen.entity_id                          1 
_entity_src_gen.pdbx_src_id                        1 
_entity_src_gen.pdbx_alt_source_flag               sample 
_entity_src_gen.pdbx_seq_type                      'Biological sequence' 
_entity_src_gen.pdbx_beg_seq_num                   1 
_entity_src_gen.pdbx_end_seq_num                   105 
_entity_src_gen.gene_src_common_name               human 
_entity_src_gen.gene_src_genus                     ? 
_entity_src_gen.pdbx_gene_src_gene                 'BAZ2A, KIAA0314, TIP5' 
_entity_src_gen.gene_src_species                   ? 
_entity_src_gen.gene_src_strain                    ? 
_entity_src_gen.gene_src_tissue                    ? 
_entity_src_gen.gene_src_tissue_fraction           ? 
_entity_src_gen.gene_src_details                   ? 
_entity_src_gen.pdbx_gene_src_fragment             ? 
_entity_src_gen.pdbx_gene_src_scientific_name      'Homo sapiens' 
_entity_src_gen.pdbx_gene_src_ncbi_taxonomy_id     9606 
_entity_src_gen.pdbx_gene_src_variant              ? 
_entity_src_gen.pdbx_gene_src_cell_line            ? 
_entity_src_gen.pdbx_gene_src_atcc                 ? 
_entity_src_gen.pdbx_gene_src_organ                ? 
_entity_src_gen.pdbx_gene_src_organelle            ? 
_entity_src_gen.pdbx_gene_src_cell                 ? 
_entity_src_gen.pdbx_gene_src_cellular_location    ? 
_entity_src_gen.host_org_common_name               ? 
_entity_src_gen.pdbx_host_org_scientific_name      'Escherichia coli' 
_entity_src_gen.pdbx_host_org_ncbi_taxonomy_id     562 
_entity_src_gen.host_org_genus                     ? 
_entity_src_gen.pdbx_host_org_gene                 ? 
_entity_src_gen.pdbx_host_org_organ                ? 
_entity_src_gen.host_org_species                   ? 
_entity_src_gen.pdbx_host_org_tissue               ? 
_entity_src_gen.pdbx_host_org_tissue_fraction      ? 
_entity_src_gen.pdbx_host_org_strain               ? 
_entity_src_gen.pdbx_host_org_variant              ? 
_entity_src_gen.pdbx_host_org_cell_line            ? 
_entity_src_gen.pdbx_host_org_atcc                 ? 
_entity_src_gen.pdbx_host_org_culture_collection   ? 
_entity_src_gen.pdbx_host_org_cell                 ? 
_entity_src_gen.pdbx_host_org_organelle            ? 
_entity_src_gen.pdbx_host_org_cellular_location    ? 
_entity_src_gen.pdbx_host_org_vector_type          ? 
_entity_src_gen.pdbx_host_org_vector               ? 
_entity_src_gen.host_org_details                   ? 
_entity_src_gen.expression_system_id               ? 
_entity_src_gen.plasmid_name                       ? 
_entity_src_gen.plasmid_details                    ? 
_entity_src_gen.pdbx_description                   ? 
# 
loop_
_chem_comp.id 
_chem_comp.type 
_chem_comp.mon_nstd_flag 
_chem_comp.name 
_chem_comp.pdbx_synonyms 
_chem_comp.formula 
_chem_comp.formula_weight 
ALA 'L-peptide linking' y ALANINE                                                                                        ? 
'C3 H7 N O2'     89.093  
ARG 'L-peptide linking' y ARGININE                                                                                       ? 
'C6 H15 N4 O2 1' 175.209 
ASN 'L-peptide linking' y ASPARAGINE                                                                                     ? 
'C4 H8 N2 O3'    132.118 
ASP 'L-peptide linking' y 'ASPARTIC ACID'                                                                                ? 
'C4 H7 N O4'     133.103 
CYS 'L-peptide linking' y CYSTEINE                                                                                       ? 
'C3 H7 N O2 S'   121.158 
G0I non-polymer         . '1-[4-ethyl-2-methyl-5-[2-(piperazin-1-ylmethyl)-1,3-thiazol-4-yl]-1~{H}-pyrrol-3-yl]ethanone' ? 
'C17 H24 N4 O S' 332.464 
GLN 'L-peptide linking' y GLUTAMINE                                                                                      ? 
'C5 H10 N2 O3'   146.144 
GLU 'L-peptide linking' y 'GLUTAMIC ACID'                                                                                ? 
'C5 H9 N O4'     147.129 
GLY 'peptide linking'   y GLYCINE                                                                                        ? 
'C2 H5 N O2'     75.067  
HIS 'L-peptide linking' y HISTIDINE                                                                                      ? 
'C6 H10 N3 O2 1' 156.162 
HOH non-polymer         . WATER                                                                                          ? 'H2 O' 
18.015  
ILE 'L-peptide linking' y ISOLEUCINE                                                                                     ? 
'C6 H13 N O2'    131.173 
LEU 'L-peptide linking' y LEUCINE                                                                                        ? 
'C6 H13 N O2'    131.173 
LYS 'L-peptide linking' y LYSINE                                                                                         ? 
'C6 H15 N2 O2 1' 147.195 
MET 'L-peptide linking' y METHIONINE                                                                                     ? 
'C5 H11 N O2 S'  149.211 
PHE 'L-peptide linking' y PHENYLALANINE                                                                                  ? 
'C9 H11 N O2'    165.189 
PRO 'L-peptide linking' y PROLINE                                                                                        ? 
'C5 H9 N O2'     115.130 
SER 'L-peptide linking' y SERINE                                                                                         ? 
'C3 H7 N O3'     105.093 
THR 'L-peptide linking' y THREONINE                                                                                      ? 
'C4 H9 N O3'     119.119 
TRP 'L-peptide linking' y TRYPTOPHAN                                                                                     ? 
'C11 H12 N2 O2'  204.225 
TYR 'L-peptide linking' y TYROSINE                                                                                       ? 
'C9 H11 N O3'    181.189 
VAL 'L-peptide linking' y VALINE                                                                                         ? 
'C5 H11 N O2'    117.146 
# 
loop_
_pdbx_poly_seq_scheme.asym_id 
_pdbx_poly_seq_scheme.entity_id 
_pdbx_poly_seq_scheme.seq_id 
_pdbx_poly_seq_scheme.mon_id 
_pdbx_poly_seq_scheme.ndb_seq_num 
_pdbx_poly_seq_scheme.pdb_seq_num 
_pdbx_poly_seq_scheme.auth_seq_num 
_pdbx_poly_seq_scheme.pdb_mon_id 
_pdbx_poly_seq_scheme.auth_mon_id 
_pdbx_poly_seq_scheme.pdb_strand_id 
_pdbx_poly_seq_scheme.pdb_ins_code 
_pdbx_poly_seq_scheme.hetero 
A 1 1   SER 1   1794 ?    ?   ?   A . n 
A 1 2   MET 2   1795 1795 MET MET A . n 
A 1 3   HIS 3   1796 1796 HIS HIS A . n 
A 1 4   SER 4   1797 1797 SER SER A . n 
A 1 5   ASP 5   1798 1798 ASP ASP A . n 
A 1 6   LEU 6   1799 1799 LEU LEU A . n 
A 1 7   THR 7   1800 1800 THR THR A . n 
A 1 8   PHE 8   1801 1801 PHE PHE A . n 
A 1 9   CYS 9   1802 1802 CYS CYS A . n 
A 1 10  GLU 10  1803 1803 GLU GLU A . n 
A 1 11  ILE 11  1804 1804 ILE ILE A . n 
A 1 12  ILE 12  1805 1805 ILE ILE A . n 
A 1 13  LEU 13  1806 1806 LEU LEU A . n 
A 1 14  MET 14  1807 1807 MET MET A . n 
A 1 15  GLU 15  1808 1808 GLU GLU A . n 
A 1 16  MET 16  1809 1809 MET MET A . n 
A 1 17  GLU 17  1810 1810 GLU GLU A . n 
A 1 18  SER 18  1811 1811 SER SER A . n 
A 1 19  HIS 19  1812 1812 HIS HIS A . n 
A 1 20  ASP 20  1813 1813 ASP ASP A . n 
A 1 21  ALA 21  1814 1814 ALA ALA A . n 
A 1 22  ALA 22  1815 1815 ALA ALA A . n 
A 1 23  TRP 23  1816 1816 TRP TRP A . n 
A 1 24  PRO 24  1817 1817 PRO PRO A . n 
A 1 25  PHE 25  1818 1818 PHE PHE A . n 
A 1 26  LEU 26  1819 1819 LEU LEU A . n 
A 1 27  GLU 27  1820 1820 GLU GLU A . n 
A 1 28  PRO 28  1821 1821 PRO PRO A . n 
A 1 29  VAL 29  1822 1822 VAL VAL A . n 
A 1 30  ASN 30  1823 1823 ASN ASN A . n 
A 1 31  PRO 31  1824 1824 PRO PRO A . n 
A 1 32  ARG 32  1825 1825 ARG ARG A . n 
A 1 33  LEU 33  1826 1826 LEU LEU A . n 
A 1 34  VAL 34  1827 1827 VAL VAL A . n 
A 1 35  SER 35  1828 1828 SER SER A . n 
A 1 36  GLY 36  1829 1829 GLY GLY A . n 
A 1 37  TYR 37  1830 1830 TYR TYR A . n 
A 1 38  ARG 38  1831 1831 ARG ARG A . n 
A 1 39  ARG 39  1832 1832 ARG ARG A . n 
A 1 40  ILE 40  1833 1833 ILE ILE A . n 
A 1 41  ILE 41  1834 1834 ILE ILE A . n 
A 1 42  LYS 42  1835 1835 LYS LYS A . n 
A 1 43  ASN 43  1836 1836 ASN ASN A . n 
A 1 44  PRO 44  1837 1837 PRO PRO A . n 
A 1 45  MET 45  1838 1838 MET MET A . n 
A 1 46  ASP 46  1839 1839 ASP ASP A . n 
A 1 47  PHE 47  1840 1840 PHE PHE A . n 
A 1 48  SER 48  1841 1841 SER SER A . n 
A 1 49  THR 49  1842 1842 THR THR A . n 
A 1 50  MET 50  1843 1843 MET MET A . n 
A 1 51  ARG 51  1844 1844 ARG ARG A . n 
A 1 52  GLU 52  1845 1845 GLU GLU A . n 
A 1 53  ARG 53  1846 1846 ARG ARG A . n 
A 1 54  LEU 54  1847 1847 LEU LEU A . n 
A 1 55  LEU 55  1848 1848 LEU LEU A . n 
A 1 56  ARG 56  1849 1849 ARG ARG A . n 
A 1 57  GLY 57  1850 1850 GLY GLY A . n 
A 1 58  GLY 58  1851 1851 GLY GLY A . n 
A 1 59  TYR 59  1852 1852 TYR TYR A . n 
A 1 60  THR 60  1853 1853 THR THR A . n 
A 1 61  SER 61  1854 1854 SER SER A . n 
A 1 62  SER 62  1855 1855 SER SER A . n 
A 1 63  GLU 63  1856 1856 GLU GLU A . n 
A 1 64  GLU 64  1857 1857 GLU GLU A . n 
A 1 65  PHE 65  1858 1858 PHE PHE A . n 
A 1 66  ALA 66  1859 1859 ALA ALA A . n 
A 1 67  ALA 67  1860 1860 ALA ALA A . n 
A 1 68  ASP 68  1861 1861 ASP ASP A . n 
A 1 69  ALA 69  1862 1862 ALA ALA A . n 
A 1 70  LEU 70  1863 1863 LEU LEU A . n 
A 1 71  LEU 71  1864 1864 LEU LEU A . n 
A 1 72  VAL 72  1865 1865 VAL VAL A . n 
A 1 73  PHE 73  1866 1866 PHE PHE A . n 
A 1 74  ASP 74  1867 1867 ASP ASP A . n 
A 1 75  ASN 75  1868 1868 ASN ASN A . n 
A 1 76  CYS 76  1869 1869 CYS CYS A . n 
A 1 77  GLN 77  1870 1870 GLN GLN A . n 
A 1 78  THR 78  1871 1871 THR THR A . n 
A 1 79  PHE 79  1872 1872 PHE PHE A . n 
A 1 80  ASN 80  1873 1873 ASN ASN A . n 
A 1 81  GLU 81  1874 1874 GLU GLU A . n 
A 1 82  ASP 82  1875 1875 ASP ASP A . n 
A 1 83  ASP 83  1876 1876 ASP ASP A . n 
A 1 84  SER 84  1877 1877 SER SER A . n 
A 1 85  GLU 85  1878 1878 GLU GLU A . n 
A 1 86  VAL 86  1879 1879 VAL VAL A . n 
A 1 87  GLY 87  1880 1880 GLY GLY A . n 
A 1 88  LYS 88  1881 1881 LYS LYS A . n 
A 1 89  ALA 89  1882 1882 ALA ALA A . n 
A 1 90  GLY 90  1883 1883 GLY GLY A . n 
A 1 91  HIS 91  1884 1884 HIS HIS A . n 
A 1 92  ILE 92  1885 1885 ILE ILE A . n 
A 1 93  MET 93  1886 1886 MET MET A . n 
A 1 94  ARG 94  1887 1887 ARG ARG A . n 
A 1 95  ARG 95  1888 1888 ARG ARG A . n 
A 1 96  PHE 96  1889 1889 PHE PHE A . n 
A 1 97  PHE 97  1890 1890 PHE PHE A . n 
A 1 98  GLU 98  1891 1891 GLU GLU A . n 
A 1 99  SER 99  1892 1892 SER SER A . n 
A 1 100 ARG 100 1893 1893 ARG ARG A . n 
A 1 101 TRP 101 1894 1894 TRP TRP A . n 
A 1 102 GLU 102 1895 1895 GLU GLU A . n 
A 1 103 GLU 103 1896 1896 GLU GLU A . n 
A 1 104 PHE 104 1897 1897 PHE PHE A . n 
A 1 105 TYR 105 1898 1898 TYR TYR A . n 
# 
loop_
_pdbx_nonpoly_scheme.asym_id 
_pdbx_nonpoly_scheme.entity_id 
_pdbx_nonpoly_scheme.mon_id 
_pdbx_nonpoly_scheme.ndb_seq_num 
_pdbx_nonpoly_scheme.pdb_seq_num 
_pdbx_nonpoly_scheme.auth_seq_num 
_pdbx_nonpoly_scheme.pdb_mon_id 
_pdbx_nonpoly_scheme.auth_mon_id 
_pdbx_nonpoly_scheme.pdb_strand_id 
_pdbx_nonpoly_scheme.pdb_ins_code 
B 2 G0I 1  1901 1901 G0I T46 A . 
C 3 HOH 1  2001 10   HOH HOH A . 
C 3 HOH 2  2002 9    HOH HOH A . 
C 3 HOH 3  2003 8    HOH HOH A . 
C 3 HOH 4  2004 2    HOH HOH A . 
C 3 HOH 5  2005 6    HOH HOH A . 
C 3 HOH 6  2006 7    HOH HOH A . 
C 3 HOH 7  2007 11   HOH HOH A . 
C 3 HOH 8  2008 1    HOH HOH A . 
C 3 HOH 9  2009 4    HOH HOH A . 
C 3 HOH 10 2010 5    HOH HOH A . 
C 3 HOH 11 2011 3    HOH HOH A . 
C 3 HOH 12 2012 12   HOH HOH A . 
# 
loop_
_software.citation_id 
_software.classification 
_software.compiler_name 
_software.compiler_version 
_software.contact_author 
_software.contact_author_email 
_software.date 
_software.description 
_software.dependencies 
_software.hardware 
_software.language 
_software.location 
_software.mods 
_software.name 
_software.os 
_software.os_version 
_software.type 
_software.version 
_software.pdbx_ordinal 
? 'data reduction'  ? ? ? ? ? ? ? ? ? ? ? XDS         ? ? ? .      1 
? 'data scaling'    ? ? ? ? ? ? ? ? ? ? ? Aimless     ? ? ? 0.7.4  2 
? phasing           ? ? ? ? ? ? ? ? ? ? ? PHASER      ? ? ? .      3 
? refinement        ? ? ? ? ? ? ? ? ? ? ? PHENIX      ? ? ? 1.11.1 4 
? 'data extraction' ? ? ? ? ? ? ? ? ? ? ? PDB_EXTRACT ? ? ? 3.27   5 
# 
_cell.angle_alpha                  90.000 
_cell.angle_alpha_esd              ? 
_cell.angle_beta                   90.000 
_cell.angle_beta_esd               ? 
_cell.angle_gamma                  120.000 
_cell.angle_gamma_esd              ? 
_cell.entry_id                     7QWY 
_cell.details                      ? 
_cell.formula_units_Z              ? 
_cell.length_a                     94.365 
_cell.length_a_esd                 ? 
_cell.length_b                     94.365 
_cell.length_b_esd                 ? 
_cell.length_c                     33.063 
_cell.length_c_esd                 ? 
_cell.volume                       ? 
_cell.volume_esd                   ? 
_cell.Z_PDB                        6 
_cell.reciprocal_angle_alpha       ? 
_cell.reciprocal_angle_beta        ? 
_cell.reciprocal_angle_gamma       ? 
_cell.reciprocal_angle_alpha_esd   ? 
_cell.reciprocal_angle_beta_esd    ? 
_cell.reciprocal_angle_gamma_esd   ? 
_cell.reciprocal_length_a          ? 
_cell.reciprocal_length_b          ? 
_cell.reciprocal_length_c          ? 
_cell.reciprocal_length_a_esd      ? 
_cell.reciprocal_length_b_esd      ? 
_cell.reciprocal_length_c_esd      ? 
_cell.pdbx_unique_axis             ? 
# 
_symmetry.entry_id                         7QWY 
_symmetry.cell_setting                     ? 
_symmetry.Int_Tables_number                152 
_symmetry.space_group_name_Hall            ? 
_symmetry.space_group_name_H-M             'P 31 2 1' 
_symmetry.pdbx_full_space_group_name_H-M   ? 
# 
_exptl.absorpt_coefficient_mu     ? 
_exptl.absorpt_correction_T_max   ? 
_exptl.absorpt_correction_T_min   ? 
_exptl.absorpt_correction_type    ? 
_exptl.absorpt_process_details    ? 
_exptl.entry_id                   7QWY 
_exptl.crystals_number            1 
_exptl.details                    ? 
_exptl.method                     'X-RAY DIFFRACTION' 
_exptl.method_details             ? 
# 
_exptl_crystal.colour                      ? 
_exptl_crystal.density_diffrn              ? 
_exptl_crystal.density_Matthews            3.43 
_exptl_crystal.density_method              ? 
_exptl_crystal.density_percent_sol         64.16 
_exptl_crystal.description                 ? 
_exptl_crystal.F_000                       ? 
_exptl_crystal.id                          1 
_exptl_crystal.preparation                 ? 
_exptl_crystal.size_max                    ? 
_exptl_crystal.size_mid                    ? 
_exptl_crystal.size_min                    ? 
_exptl_crystal.size_rad                    ? 
_exptl_crystal.colour_lustre               ? 
_exptl_crystal.colour_modifier             ? 
_exptl_crystal.colour_primary              ? 
_exptl_crystal.density_meas                ? 
_exptl_crystal.density_meas_esd            ? 
_exptl_crystal.density_meas_gt             ? 
_exptl_crystal.density_meas_lt             ? 
_exptl_crystal.density_meas_temp           ? 
_exptl_crystal.density_meas_temp_esd       ? 
_exptl_crystal.density_meas_temp_gt        ? 
_exptl_crystal.density_meas_temp_lt        ? 
_exptl_crystal.pdbx_crystal_image_url      ? 
_exptl_crystal.pdbx_crystal_image_format   ? 
_exptl_crystal.pdbx_mosaicity              0.220 
_exptl_crystal.pdbx_mosaicity_esd          ? 
# 
_exptl_crystal_grow.apparatus       ? 
_exptl_crystal_grow.atmosphere      ? 
_exptl_crystal_grow.crystal_id      1 
_exptl_crystal_grow.details         ? 
_exptl_crystal_grow.method          'VAPOR DIFFUSION, SITTING DROP' 
_exptl_crystal_grow.method_ref      ? 
_exptl_crystal_grow.pH              7.5 
_exptl_crystal_grow.pressure        ? 
_exptl_crystal_grow.pressure_esd    ? 
_exptl_crystal_grow.seeding         ? 
_exptl_crystal_grow.seeding_ref     ? 
_exptl_crystal_grow.temp            277 
_exptl_crystal_grow.temp_details    ? 
_exptl_crystal_grow.temp_esd        ? 
_exptl_crystal_grow.time            ? 
_exptl_crystal_grow.pdbx_details    '20% PEG3350, 0.2 M MgCl2' 
_exptl_crystal_grow.pdbx_pH_range   ? 
# 
_diffrn.ambient_environment              ? 
_diffrn.ambient_temp                     100 
_diffrn.ambient_temp_details             ? 
_diffrn.ambient_temp_esd                 ? 
_diffrn.crystal_id                       1 
_diffrn.crystal_support                  ? 
_diffrn.crystal_treatment                ? 
_diffrn.details                          ? 
_diffrn.id                               1 
_diffrn.ambient_pressure                 ? 
_diffrn.ambient_pressure_esd             ? 
_diffrn.ambient_pressure_gt              ? 
_diffrn.ambient_pressure_lt              ? 
_diffrn.ambient_temp_gt                  ? 
_diffrn.ambient_temp_lt                  ? 
_diffrn.pdbx_serial_crystal_experiment   N 
# 
_diffrn_detector.details                      ? 
_diffrn_detector.detector                     PIXEL 
_diffrn_detector.diffrn_id                    1 
_diffrn_detector.type                         'DECTRIS PILATUS 6M' 
_diffrn_detector.area_resol_mean              ? 
_diffrn_detector.dtime                        ? 
_diffrn_detector.pdbx_frames_total            ? 
_diffrn_detector.pdbx_collection_time_total   ? 
_diffrn_detector.pdbx_collection_date         2019-10-10 
_diffrn_detector.pdbx_frequency               ? 
# 
_diffrn_radiation.collimation                      ? 
_diffrn_radiation.diffrn_id                        1 
_diffrn_radiation.filter_edge                      ? 
_diffrn_radiation.inhomogeneity                    ? 
_diffrn_radiation.monochromator                    ? 
_diffrn_radiation.polarisn_norm                    ? 
_diffrn_radiation.polarisn_ratio                   ? 
_diffrn_radiation.probe                            ? 
_diffrn_radiation.type                             ? 
_diffrn_radiation.xray_symbol                      ? 
_diffrn_radiation.wavelength_id                    1 
_diffrn_radiation.pdbx_monochromatic_or_laue_m_l   M 
_diffrn_radiation.pdbx_wavelength_list             ? 
_diffrn_radiation.pdbx_wavelength                  ? 
_diffrn_radiation.pdbx_diffrn_protocol             'SINGLE WAVELENGTH' 
_diffrn_radiation.pdbx_analyzer                    ? 
_diffrn_radiation.pdbx_scattering_type             x-ray 
# 
_diffrn_radiation_wavelength.id           1 
_diffrn_radiation_wavelength.wavelength   0.9133 
_diffrn_radiation_wavelength.wt           1.0 
# 
_diffrn_source.current                     ? 
_diffrn_source.details                     ? 
_diffrn_source.diffrn_id                   1 
_diffrn_source.power                       ? 
_diffrn_source.size                        ? 
_diffrn_source.source                      SYNCHROTRON 
_diffrn_source.target                      ? 
_diffrn_source.type                        'ELETTRA BEAMLINE 11.2C' 
_diffrn_source.voltage                     ? 
_diffrn_source.take-off_angle              ? 
_diffrn_source.pdbx_wavelength_list        0.9133 
_diffrn_source.pdbx_wavelength             ? 
_diffrn_source.pdbx_synchrotron_beamline   11.2C 
_diffrn_source.pdbx_synchrotron_site       ELETTRA 
# 
_reflns.B_iso_Wilson_estimate                          45.420 
_reflns.entry_id                                       7QWY 
_reflns.data_reduction_details                         ? 
_reflns.data_reduction_method                          ? 
_reflns.d_resolution_high                              2.440 
_reflns.d_resolution_low                               47.183 
_reflns.details                                        ? 
_reflns.limit_h_max                                    ? 
_reflns.limit_h_min                                    ? 
_reflns.limit_k_max                                    ? 
_reflns.limit_k_min                                    ? 
_reflns.limit_l_max                                    ? 
_reflns.limit_l_min                                    ? 
_reflns.number_all                                     ? 
_reflns.number_obs                                     6468 
_reflns.observed_criterion                             ? 
_reflns.observed_criterion_F_max                       ? 
_reflns.observed_criterion_F_min                       ? 
_reflns.observed_criterion_I_max                       ? 
_reflns.observed_criterion_I_min                       ? 
_reflns.observed_criterion_sigma_F                     ? 
_reflns.observed_criterion_sigma_I                     ? 
_reflns.percent_possible_obs                           99.900 
_reflns.R_free_details                                 ? 
_reflns.Rmerge_F_all                                   ? 
_reflns.Rmerge_F_obs                                   ? 
_reflns.Friedel_coverage                               ? 
_reflns.number_gt                                      ? 
_reflns.threshold_expression                           ? 
_reflns.pdbx_redundancy                                19.000 
_reflns.pdbx_Rmerge_I_obs                              0.156 
_reflns.pdbx_Rmerge_I_all                              ? 
_reflns.pdbx_Rsym_value                                ? 
_reflns.pdbx_netI_over_av_sigmaI                       ? 
_reflns.pdbx_netI_over_sigmaI                          15.600 
_reflns.pdbx_res_netI_over_av_sigmaI_2                 ? 
_reflns.pdbx_res_netI_over_sigmaI_2                    ? 
_reflns.pdbx_chi_squared                               ? 
_reflns.pdbx_scaling_rejects                           ? 
_reflns.pdbx_d_res_high_opt                            ? 
_reflns.pdbx_d_res_low_opt                             ? 
_reflns.pdbx_d_res_opt_method                          ? 
_reflns.phase_calculation_details                      ? 
_reflns.pdbx_Rrim_I_all                                0.161 
_reflns.pdbx_Rpim_I_all                                0.037 
_reflns.pdbx_d_opt                                     ? 
_reflns.pdbx_number_measured_all                       ? 
_reflns.pdbx_diffrn_id                                 1 
_reflns.pdbx_ordinal                                   1 
_reflns.pdbx_CC_half                                   0.999 
_reflns.pdbx_CC_star                                   ? 
_reflns.pdbx_R_split                                   ? 
_reflns.pdbx_aniso_diffraction_limit_axis_1_ortho[1]   ? 
_reflns.pdbx_aniso_diffraction_limit_axis_1_ortho[2]   ? 
_reflns.pdbx_aniso_diffraction_limit_axis_1_ortho[3]   ? 
_reflns.pdbx_aniso_diffraction_limit_axis_2_ortho[1]   ? 
_reflns.pdbx_aniso_diffraction_limit_axis_2_ortho[2]   ? 
_reflns.pdbx_aniso_diffraction_limit_axis_2_ortho[3]   ? 
_reflns.pdbx_aniso_diffraction_limit_axis_3_ortho[1]   ? 
_reflns.pdbx_aniso_diffraction_limit_axis_3_ortho[2]   ? 
_reflns.pdbx_aniso_diffraction_limit_axis_3_ortho[3]   ? 
_reflns.pdbx_aniso_diffraction_limit_1                 ? 
_reflns.pdbx_aniso_diffraction_limit_2                 ? 
_reflns.pdbx_aniso_diffraction_limit_3                 ? 
_reflns.pdbx_aniso_B_tensor_eigenvector_1_ortho[1]     ? 
_reflns.pdbx_aniso_B_tensor_eigenvector_1_ortho[2]     ? 
_reflns.pdbx_aniso_B_tensor_eigenvector_1_ortho[3]     ? 
_reflns.pdbx_aniso_B_tensor_eigenvector_2_ortho[1]     ? 
_reflns.pdbx_aniso_B_tensor_eigenvector_2_ortho[2]     ? 
_reflns.pdbx_aniso_B_tensor_eigenvector_2_ortho[3]     ? 
_reflns.pdbx_aniso_B_tensor_eigenvector_3_ortho[1]     ? 
_reflns.pdbx_aniso_B_tensor_eigenvector_3_ortho[2]     ? 
_reflns.pdbx_aniso_B_tensor_eigenvector_3_ortho[3]     ? 
_reflns.pdbx_aniso_B_tensor_eigenvalue_1               ? 
_reflns.pdbx_aniso_B_tensor_eigenvalue_2               ? 
_reflns.pdbx_aniso_B_tensor_eigenvalue_3               ? 
_reflns.pdbx_orthogonalization_convention              ? 
_reflns.pdbx_percent_possible_ellipsoidal              ? 
_reflns.pdbx_percent_possible_spherical                ? 
_reflns.pdbx_percent_possible_ellipsoidal_anomalous    ? 
_reflns.pdbx_percent_possible_spherical_anomalous      ? 
_reflns.pdbx_redundancy_anomalous                      ? 
_reflns.pdbx_CC_half_anomalous                         ? 
_reflns.pdbx_absDiff_over_sigma_anomalous              ? 
_reflns.pdbx_percent_possible_anomalous                ? 
_reflns.pdbx_observed_signal_threshold                 ? 
_reflns.pdbx_signal_type                               ? 
_reflns.pdbx_signal_details                            ? 
_reflns.pdbx_signal_software_id                        ? 
# 
loop_
_reflns_shell.d_res_high 
_reflns_shell.d_res_low 
_reflns_shell.meanI_over_sigI_all 
_reflns_shell.meanI_over_sigI_obs 
_reflns_shell.number_measured_all 
_reflns_shell.number_measured_obs 
_reflns_shell.number_possible 
_reflns_shell.number_unique_all 
_reflns_shell.number_unique_obs 
_reflns_shell.percent_possible_all 
_reflns_shell.percent_possible_obs 
_reflns_shell.Rmerge_F_all 
_reflns_shell.Rmerge_F_obs 
_reflns_shell.Rmerge_I_all 
_reflns_shell.Rmerge_I_obs 
_reflns_shell.meanI_over_sigI_gt 
_reflns_shell.meanI_over_uI_all 
_reflns_shell.meanI_over_uI_gt 
_reflns_shell.number_measured_gt 
_reflns_shell.number_unique_gt 
_reflns_shell.percent_possible_gt 
_reflns_shell.Rmerge_F_gt 
_reflns_shell.Rmerge_I_gt 
_reflns_shell.pdbx_redundancy 
_reflns_shell.pdbx_Rsym_value 
_reflns_shell.pdbx_chi_squared 
_reflns_shell.pdbx_netI_over_sigmaI_all 
_reflns_shell.pdbx_netI_over_sigmaI_obs 
_reflns_shell.pdbx_Rrim_I_all 
_reflns_shell.pdbx_Rpim_I_all 
_reflns_shell.pdbx_rejects 
_reflns_shell.pdbx_ordinal 
_reflns_shell.pdbx_diffrn_id 
_reflns_shell.pdbx_CC_half 
_reflns_shell.pdbx_CC_star 
_reflns_shell.pdbx_R_split 
_reflns_shell.pdbx_percent_possible_ellipsoidal 
_reflns_shell.pdbx_percent_possible_spherical 
_reflns_shell.pdbx_percent_possible_ellipsoidal_anomalous 
_reflns_shell.pdbx_percent_possible_spherical_anomalous 
_reflns_shell.pdbx_redundancy_anomalous 
_reflns_shell.pdbx_CC_half_anomalous 
_reflns_shell.pdbx_absDiff_over_sigma_anomalous 
_reflns_shell.pdbx_percent_possible_anomalous 
2.440 2.540  ? ? 12395 ? ? ? 726 99.700 ? ? ? ? 1.376 ? ? ? ? ? ? ? ? 17.100 ? ? ? 2.700  1.418 0.338 ? 1 1 0.948 ? ? ? ? ? ? ? ? 
? ? 
8.810 47.180 ? ? 2497  ? ? ? 159 99.000 ? ? ? ? 0.038 ? ? ? ? ? ? ? ? 15.700 ? ? ? 54.100 0.040 0.010 ? 2 1 0.999 ? ? ? ? ? ? ? ? 
? ? 
# 
_refine.aniso_B[1][1]                            ? 
_refine.aniso_B[1][2]                            ? 
_refine.aniso_B[1][3]                            ? 
_refine.aniso_B[2][2]                            ? 
_refine.aniso_B[2][3]                            ? 
_refine.aniso_B[3][3]                            ? 
_refine.B_iso_max                                119.510 
_refine.B_iso_mean                               62.2735 
_refine.B_iso_min                                36.530 
_refine.correlation_coeff_Fo_to_Fc               ? 
_refine.correlation_coeff_Fo_to_Fc_free          ? 
_refine.details                                  ? 
_refine.diff_density_max                         ? 
_refine.diff_density_max_esd                     ? 
_refine.diff_density_min                         ? 
_refine.diff_density_min_esd                     ? 
_refine.diff_density_rms                         ? 
_refine.diff_density_rms_esd                     ? 
_refine.entry_id                                 7QWY 
_refine.pdbx_refine_id                           'X-RAY DIFFRACTION' 
_refine.ls_abs_structure_details                 ? 
_refine.ls_abs_structure_Flack                   ? 
_refine.ls_abs_structure_Flack_esd               ? 
_refine.ls_abs_structure_Rogers                  ? 
_refine.ls_abs_structure_Rogers_esd              ? 
_refine.ls_d_res_high                            2.4430 
_refine.ls_d_res_low                             47.1830 
_refine.ls_extinction_coef                       ? 
_refine.ls_extinction_coef_esd                   ? 
_refine.ls_extinction_expression                 ? 
_refine.ls_extinction_method                     ? 
_refine.ls_goodness_of_fit_all                   ? 
_refine.ls_goodness_of_fit_all_esd               ? 
_refine.ls_goodness_of_fit_obs                   ? 
_refine.ls_goodness_of_fit_obs_esd               ? 
_refine.ls_hydrogen_treatment                    ? 
_refine.ls_matrix_type                           ? 
_refine.ls_number_constraints                    ? 
_refine.ls_number_parameters                     ? 
_refine.ls_number_reflns_all                     ? 
_refine.ls_number_reflns_obs                     6406 
_refine.ls_number_reflns_R_free                  284 
_refine.ls_number_reflns_R_work                  6122 
_refine.ls_number_restraints                     ? 
_refine.ls_percent_reflns_obs                    99.0900 
_refine.ls_percent_reflns_R_free                 4.4300 
_refine.ls_R_factor_all                          ? 
_refine.ls_R_factor_obs                          0.2202 
_refine.ls_R_factor_R_free                       0.2544 
_refine.ls_R_factor_R_free_error                 ? 
_refine.ls_R_factor_R_free_error_details         ? 
_refine.ls_R_factor_R_work                       0.2185 
_refine.ls_R_Fsqd_factor_obs                     ? 
_refine.ls_R_I_factor_obs                        ? 
_refine.ls_redundancy_reflns_all                 ? 
_refine.ls_redundancy_reflns_obs                 ? 
_refine.ls_restrained_S_all                      ? 
_refine.ls_restrained_S_obs                      ? 
_refine.ls_shift_over_esd_max                    ? 
_refine.ls_shift_over_esd_mean                   ? 
_refine.ls_structure_factor_coef                 ? 
_refine.ls_weighting_details                     ? 
_refine.ls_weighting_scheme                      ? 
_refine.ls_wR_factor_all                         ? 
_refine.ls_wR_factor_obs                         ? 
_refine.ls_wR_factor_R_free                      ? 
_refine.ls_wR_factor_R_work                      ? 
_refine.occupancy_max                            ? 
_refine.occupancy_min                            ? 
_refine.solvent_model_details                    'FLAT BULK SOLVENT MODEL' 
_refine.solvent_model_param_bsol                 ? 
_refine.solvent_model_param_ksol                 ? 
_refine.pdbx_R_complete                          ? 
_refine.ls_R_factor_gt                           ? 
_refine.ls_goodness_of_fit_gt                    ? 
_refine.ls_goodness_of_fit_ref                   ? 
_refine.ls_shift_over_su_max                     ? 
_refine.ls_shift_over_su_max_lt                  ? 
_refine.ls_shift_over_su_mean                    ? 
_refine.ls_shift_over_su_mean_lt                 ? 
_refine.pdbx_ls_sigma_I                          ? 
_refine.pdbx_ls_sigma_F                          1.350 
_refine.pdbx_ls_sigma_Fsqd                       ? 
_refine.pdbx_data_cutoff_high_absF               ? 
_refine.pdbx_data_cutoff_high_rms_absF           ? 
_refine.pdbx_data_cutoff_low_absF                ? 
_refine.pdbx_isotropic_thermal_model             ? 
_refine.pdbx_ls_cross_valid_method               'FREE R-VALUE' 
_refine.pdbx_method_to_determine_struct          'MOLECULAR REPLACEMENT' 
_refine.pdbx_starting_model                      5MGJ 
_refine.pdbx_stereochemistry_target_values       ML 
_refine.pdbx_R_Free_selection_details            ? 
_refine.pdbx_stereochem_target_val_spec_case     ? 
_refine.pdbx_overall_ESU_R                       ? 
_refine.pdbx_overall_ESU_R_Free                  ? 
_refine.pdbx_solvent_vdw_probe_radii             1.1100 
_refine.pdbx_solvent_ion_probe_radii             ? 
_refine.pdbx_solvent_shrinkage_radii             0.9000 
_refine.pdbx_real_space_R                        ? 
_refine.pdbx_density_correlation                 ? 
_refine.pdbx_pd_number_of_powder_patterns        ? 
_refine.pdbx_pd_number_of_points                 ? 
_refine.pdbx_pd_meas_number_of_points            ? 
_refine.pdbx_pd_proc_ls_prof_R_factor            ? 
_refine.pdbx_pd_proc_ls_prof_wR_factor           ? 
_refine.pdbx_pd_Marquardt_correlation_coeff      ? 
_refine.pdbx_pd_Fsqrd_R_factor                   ? 
_refine.pdbx_pd_ls_matrix_band_width             ? 
_refine.pdbx_overall_phase_error                 25.3600 
_refine.pdbx_overall_SU_R_free_Cruickshank_DPI   ? 
_refine.pdbx_overall_SU_R_free_Blow_DPI          ? 
_refine.pdbx_overall_SU_R_Blow_DPI               ? 
_refine.pdbx_TLS_residual_ADP_flag               ? 
_refine.pdbx_diffrn_id                           1 
_refine.overall_SU_B                             ? 
_refine.overall_SU_ML                            0.3200 
_refine.overall_SU_R_Cruickshank_DPI             ? 
_refine.overall_SU_R_free                        ? 
_refine.overall_FOM_free_R_set                   ? 
_refine.overall_FOM_work_R_set                   ? 
_refine.pdbx_average_fsc_overall                 ? 
_refine.pdbx_average_fsc_work                    ? 
_refine.pdbx_average_fsc_free                    ? 
# 
_refine_hist.pdbx_refine_id                   'X-RAY DIFFRACTION' 
_refine_hist.cycle_id                         final 
_refine_hist.details                          ? 
_refine_hist.d_res_high                       2.4430 
_refine_hist.d_res_low                        47.1830 
_refine_hist.number_atoms_solvent             12 
_refine_hist.number_atoms_total               896 
_refine_hist.number_reflns_all                ? 
_refine_hist.number_reflns_obs                ? 
_refine_hist.number_reflns_R_free             ? 
_refine_hist.number_reflns_R_work             ? 
_refine_hist.R_factor_all                     ? 
_refine_hist.R_factor_obs                     ? 
_refine_hist.R_factor_R_free                  ? 
_refine_hist.R_factor_R_work                  ? 
_refine_hist.pdbx_number_residues_total       104 
_refine_hist.pdbx_B_iso_mean_ligand           61.83 
_refine_hist.pdbx_B_iso_mean_solvent          52.64 
_refine_hist.pdbx_number_atoms_protein        861 
_refine_hist.pdbx_number_atoms_nucleic_acid   0 
_refine_hist.pdbx_number_atoms_ligand         23 
_refine_hist.pdbx_number_atoms_lipid          ? 
_refine_hist.pdbx_number_atoms_carb           ? 
_refine_hist.pdbx_pseudo_atom_details         ? 
# 
loop_
_refine_ls_restr.pdbx_refine_id 
_refine_ls_restr.criterion 
_refine_ls_restr.dev_ideal 
_refine_ls_restr.dev_ideal_target 
_refine_ls_restr.number 
_refine_ls_restr.rejects 
_refine_ls_restr.type 
_refine_ls_restr.weight 
_refine_ls_restr.pdbx_restraint_function 
'X-RAY DIFFRACTION' ? 0.008  ? 908  ? f_bond_d           ? ? 
'X-RAY DIFFRACTION' ? 1.048  ? 1224 ? f_angle_d          ? ? 
'X-RAY DIFFRACTION' ? 0.050  ? 120  ? f_chiral_restr     ? ? 
'X-RAY DIFFRACTION' ? 0.005  ? 160  ? f_plane_restr      ? ? 
'X-RAY DIFFRACTION' ? 12.864 ? 537  ? f_dihedral_angle_d ? ? 
# 
loop_
_refine_ls_shell.pdbx_refine_id 
_refine_ls_shell.d_res_high 
_refine_ls_shell.d_res_low 
_refine_ls_shell.number_reflns_all 
_refine_ls_shell.number_reflns_obs 
_refine_ls_shell.number_reflns_R_free 
_refine_ls_shell.number_reflns_R_work 
_refine_ls_shell.percent_reflns_obs 
_refine_ls_shell.percent_reflns_R_free 
_refine_ls_shell.R_factor_all 
_refine_ls_shell.R_factor_obs 
_refine_ls_shell.R_factor_R_free 
_refine_ls_shell.R_factor_R_free_error 
_refine_ls_shell.R_factor_R_work 
_refine_ls_shell.redundancy_reflns_all 
_refine_ls_shell.redundancy_reflns_obs 
_refine_ls_shell.wR_factor_all 
_refine_ls_shell.wR_factor_obs 
_refine_ls_shell.wR_factor_R_free 
_refine_ls_shell.wR_factor_R_work 
_refine_ls_shell.pdbx_R_complete 
_refine_ls_shell.pdbx_total_number_of_bins_used 
_refine_ls_shell.pdbx_phase_error 
_refine_ls_shell.pdbx_fsc_work 
_refine_ls_shell.pdbx_fsc_free 
'X-RAY DIFFRACTION' 2.4431 3.0779 . . 134 3002 99.0000  . . . 0.3470 0.0000 0.2896 . . . . . . . . . . . 
'X-RAY DIFFRACTION' 3.0779 47.183 . . 150 3120 100.0000 . . . 0.2275 0.0000 0.1983 . . . . . . . . . . . 
# 
_struct.entry_id                     7QWY 
_struct.title                        'BAZ2A bromodomain in complex with acetylpyrrole derivative compound 61' 
_struct.pdbx_model_details           ? 
_struct.pdbx_formula_weight          ? 
_struct.pdbx_formula_weight_method   ? 
_struct.pdbx_model_type_details      ? 
_struct.pdbx_CASP_flag               N 
# 
_struct_keywords.entry_id        7QWY 
_struct_keywords.text            'four helical bundle, transcription' 
_struct_keywords.pdbx_keywords   TRANSCRIPTION 
# 
loop_
_struct_asym.id 
_struct_asym.pdbx_blank_PDB_chainid_flag 
_struct_asym.pdbx_modified 
_struct_asym.entity_id 
_struct_asym.details 
A N N 1 ? 
B N N 2 ? 
C N N 3 ? 
# 
_struct_ref.id                         1 
_struct_ref.db_name                    UNP 
_struct_ref.db_code                    BAZ2A_HUMAN 
_struct_ref.pdbx_db_accession          Q9UIF9 
_struct_ref.pdbx_db_isoform            ? 
_struct_ref.entity_id                  1 
_struct_ref.pdbx_seq_one_letter_code   
;HSDLTFCEIILMEMESHDAAWPFLEPVNPRLVSGYRRIIKNPMDFSTMRERLLRGGYTSSEEFAADALLVFDNCQTFNED
DSEVGKAGHIMRRFFESRWEEFY
;
_struct_ref.pdbx_align_begin           1796 
# 
_struct_ref_seq.align_id                      1 
_struct_ref_seq.ref_id                        1 
_struct_ref_seq.pdbx_PDB_id_code              7QWY 
_struct_ref_seq.pdbx_strand_id                A 
_struct_ref_seq.seq_align_beg                 3 
_struct_ref_seq.pdbx_seq_align_beg_ins_code   ? 
_struct_ref_seq.seq_align_end                 105 
_struct_ref_seq.pdbx_seq_align_end_ins_code   ? 
_struct_ref_seq.pdbx_db_accession             Q9UIF9 
_struct_ref_seq.db_align_beg                  1796 
_struct_ref_seq.pdbx_db_align_beg_ins_code    ? 
_struct_ref_seq.db_align_end                  1898 
_struct_ref_seq.pdbx_db_align_end_ins_code    ? 
_struct_ref_seq.pdbx_auth_seq_align_beg       1796 
_struct_ref_seq.pdbx_auth_seq_align_end       1898 
# 
loop_
_struct_ref_seq_dif.align_id 
_struct_ref_seq_dif.pdbx_pdb_id_code 
_struct_ref_seq_dif.mon_id 
_struct_ref_seq_dif.pdbx_pdb_strand_id 
_struct_ref_seq_dif.seq_num 
_struct_ref_seq_dif.pdbx_pdb_ins_code 
_struct_ref_seq_dif.pdbx_seq_db_name 
_struct_ref_seq_dif.pdbx_seq_db_accession_code 
_struct_ref_seq_dif.db_mon_id 
_struct_ref_seq_dif.pdbx_seq_db_seq_num 
_struct_ref_seq_dif.details 
_struct_ref_seq_dif.pdbx_auth_seq_num 
_struct_ref_seq_dif.pdbx_ordinal 
1 7QWY SER A 1 ? UNP Q9UIF9 ? ? 'expression tag' 1794 1 
1 7QWY MET A 2 ? UNP Q9UIF9 ? ? 'expression tag' 1795 2 
# 
_pdbx_struct_assembly.id                   1 
_pdbx_struct_assembly.details              author_and_software_defined_assembly 
_pdbx_struct_assembly.method_details       PISA 
_pdbx_struct_assembly.oligomeric_details   monomeric 
_pdbx_struct_assembly.oligomeric_count     1 
# 
loop_
_pdbx_struct_assembly_prop.biol_id 
_pdbx_struct_assembly_prop.type 
_pdbx_struct_assembly_prop.value 
_pdbx_struct_assembly_prop.details 
1 'ABSA (A^2)' 0    ? 
1 MORE         0    ? 
1 'SSA (A^2)'  6510 ? 
# 
_pdbx_struct_assembly_gen.assembly_id       1 
_pdbx_struct_assembly_gen.oper_expression   1 
_pdbx_struct_assembly_gen.asym_id_list      A,B,C 
# 
_pdbx_struct_assembly_auth_evidence.id                     1 
_pdbx_struct_assembly_auth_evidence.assembly_id            1 
_pdbx_struct_assembly_auth_evidence.experimental_support   'gel filtration' 
_pdbx_struct_assembly_auth_evidence.details                ? 
# 
_pdbx_struct_oper_list.id                   1 
_pdbx_struct_oper_list.type                 'identity operation' 
_pdbx_struct_oper_list.name                 1_555 
_pdbx_struct_oper_list.symmetry_operation   x,y,z 
_pdbx_struct_oper_list.matrix[1][1]         1.0000000000 
_pdbx_struct_oper_list.matrix[1][2]         0.0000000000 
_pdbx_struct_oper_list.matrix[1][3]         0.0000000000 
_pdbx_struct_oper_list.vector[1]            0.0000000000 
_pdbx_struct_oper_list.matrix[2][1]         0.0000000000 
_pdbx_struct_oper_list.matrix[2][2]         1.0000000000 
_pdbx_struct_oper_list.matrix[2][3]         0.0000000000 
_pdbx_struct_oper_list.vector[2]            0.0000000000 
_pdbx_struct_oper_list.matrix[3][1]         0.0000000000 
_pdbx_struct_oper_list.matrix[3][2]         0.0000000000 
_pdbx_struct_oper_list.matrix[3][3]         1.0000000000 
_pdbx_struct_oper_list.vector[3]            0.0000000000 
# 
loop_
_struct_conf.conf_type_id 
_struct_conf.id 
_struct_conf.pdbx_PDB_helix_id 
_struct_conf.beg_label_comp_id 
_struct_conf.beg_label_asym_id 
_struct_conf.beg_label_seq_id 
_struct_conf.pdbx_beg_PDB_ins_code 
_struct_conf.end_label_comp_id 
_struct_conf.end_label_asym_id 
_struct_conf.end_label_seq_id 
_struct_conf.pdbx_end_PDB_ins_code 
_struct_conf.beg_auth_comp_id 
_struct_conf.beg_auth_asym_id 
_struct_conf.beg_auth_seq_id 
_struct_conf.end_auth_comp_id 
_struct_conf.end_auth_asym_id 
_struct_conf.end_auth_seq_id 
_struct_conf.pdbx_PDB_helix_class 
_struct_conf.details 
_struct_conf.pdbx_PDB_helix_length 
HELX_P HELX_P1 AA1 MET A 2  ? HIS A 19  ? MET A 1795 HIS A 1812 1 ? 18 
HELX_P HELX_P2 AA2 ASP A 20 ? LEU A 26  ? ASP A 1813 LEU A 1819 5 ? 7  
HELX_P HELX_P3 AA3 GLY A 36 ? ILE A 41  ? GLY A 1829 ILE A 1834 1 ? 6  
HELX_P HELX_P4 AA4 ASP A 46 ? GLY A 57  ? ASP A 1839 GLY A 1850 1 ? 12 
HELX_P HELX_P5 AA5 SER A 61 ? ASN A 80  ? SER A 1854 ASN A 1873 1 ? 20 
HELX_P HELX_P6 AA6 SER A 84 ? GLU A 103 ? SER A 1877 GLU A 1896 1 ? 20 
# 
_struct_conf_type.id          HELX_P 
_struct_conf_type.criteria    ? 
_struct_conf_type.reference   ? 
# 
_phasing.method   MR 
# 
_pdbx_entry_details.entry_id                 7QWY 
_pdbx_entry_details.has_ligand_of_interest   Y 
_pdbx_entry_details.compound_details         ? 
_pdbx_entry_details.source_details           ? 
_pdbx_entry_details.nonpolymer_details       ? 
_pdbx_entry_details.sequence_details         ? 
# 
_pdbx_unobs_or_zero_occ_residues.id               1 
_pdbx_unobs_or_zero_occ_residues.PDB_model_num    1 
_pdbx_unobs_or_zero_occ_residues.polymer_flag     Y 
_pdbx_unobs_or_zero_occ_residues.occupancy_flag   1 
_pdbx_unobs_or_zero_occ_residues.auth_asym_id     A 
_pdbx_unobs_or_zero_occ_residues.auth_comp_id     SER 
_pdbx_unobs_or_zero_occ_residues.auth_seq_id      1794 
_pdbx_unobs_or_zero_occ_residues.PDB_ins_code     ? 
_pdbx_unobs_or_zero_occ_residues.label_asym_id    A 
_pdbx_unobs_or_zero_occ_residues.label_comp_id    SER 
_pdbx_unobs_or_zero_occ_residues.label_seq_id     1 
# 
loop_
_chem_comp_atom.comp_id 
_chem_comp_atom.atom_id 
_chem_comp_atom.type_symbol 
_chem_comp_atom.pdbx_aromatic_flag 
_chem_comp_atom.pdbx_stereo_config 
_chem_comp_atom.pdbx_ordinal 
ALA N    N N N 1   
ALA CA   C N S 2   
ALA C    C N N 3   
ALA O    O N N 4   
ALA CB   C N N 5   
ALA OXT  O N N 6   
ALA H    H N N 7   
ALA H2   H N N 8   
ALA HA   H N N 9   
ALA HB1  H N N 10  
ALA HB2  H N N 11  
ALA HB3  H N N 12  
ALA HXT  H N N 13  
ARG N    N N N 14  
ARG CA   C N S 15  
ARG C    C N N 16  
ARG O    O N N 17  
ARG CB   C N N 18  
ARG CG   C N N 19  
ARG CD   C N N 20  
ARG NE   N N N 21  
ARG CZ   C N N 22  
ARG NH1  N N N 23  
ARG NH2  N N N 24  
ARG OXT  O N N 25  
ARG H    H N N 26  
ARG H2   H N N 27  
ARG HA   H N N 28  
ARG HB2  H N N 29  
ARG HB3  H N N 30  
ARG HG2  H N N 31  
ARG HG3  H N N 32  
ARG HD2  H N N 33  
ARG HD3  H N N 34  
ARG HE   H N N 35  
ARG HH11 H N N 36  
ARG HH12 H N N 37  
ARG HH21 H N N 38  
ARG HH22 H N N 39  
ARG HXT  H N N 40  
ASN N    N N N 41  
ASN CA   C N S 42  
ASN C    C N N 43  
ASN O    O N N 44  
ASN CB   C N N 45  
ASN CG   C N N 46  
ASN OD1  O N N 47  
ASN ND2  N N N 48  
ASN OXT  O N N 49  
ASN H    H N N 50  
ASN H2   H N N 51  
ASN HA   H N N 52  
ASN HB2  H N N 53  
ASN HB3  H N N 54  
ASN HD21 H N N 55  
ASN HD22 H N N 56  
ASN HXT  H N N 57  
ASP N    N N N 58  
ASP CA   C N S 59  
ASP C    C N N 60  
ASP O    O N N 61  
ASP CB   C N N 62  
ASP CG   C N N 63  
ASP OD1  O N N 64  
ASP OD2  O N N 65  
ASP OXT  O N N 66  
ASP H    H N N 67  
ASP H2   H N N 68  
ASP HA   H N N 69  
ASP HB2  H N N 70  
ASP HB3  H N N 71  
ASP HD2  H N N 72  
ASP HXT  H N N 73  
CYS N    N N N 74  
CYS CA   C N R 75  
CYS C    C N N 76  
CYS O    O N N 77  
CYS CB   C N N 78  
CYS SG   S N N 79  
CYS OXT  O N N 80  
CYS H    H N N 81  
CYS H2   H N N 82  
CYS HA   H N N 83  
CYS HB2  H N N 84  
CYS HB3  H N N 85  
CYS HG   H N N 86  
CYS HXT  H N N 87  
G0I C21  C N N 88  
G0I C01  C N N 89  
G0I C02  C N N 90  
G0I C03  C Y N 91  
G0I C04  C Y N 92  
G0I C06  C Y N 93  
G0I C07  C N N 94  
G0I C08  C Y N 95  
G0I C09  C N N 96  
G0I C11  C N N 97  
G0I C12  C Y N 98  
G0I C13  C Y N 99  
G0I C15  C Y N 100 
G0I C16  C N N 101 
G0I C18  C N N 102 
G0I C19  C N N 103 
G0I C22  C N N 104 
G0I N05  N Y N 105 
G0I N17  N N N 106 
G0I N20  N N N 107 
G0I N23  N Y N 108 
G0I O10  O N N 109 
G0I S14  S Y N 110 
G0I H1   H N N 111 
G0I H2   H N N 112 
G0I H3   H N N 113 
G0I H4   H N N 114 
G0I H5   H N N 115 
G0I H6   H N N 116 
G0I H7   H N N 117 
G0I H8   H N N 118 
G0I H9   H N N 119 
G0I H10  H N N 120 
G0I H11  H N N 121 
G0I H12  H N N 122 
G0I H13  H N N 123 
G0I H14  H N N 124 
G0I H15  H N N 125 
G0I H16  H N N 126 
G0I H17  H N N 127 
G0I H18  H N N 128 
G0I H19  H N N 129 
G0I H20  H N N 130 
G0I H21  H N N 131 
G0I H22  H N N 132 
G0I H23  H N N 133 
G0I H24  H N N 134 
GLN N    N N N 135 
GLN CA   C N S 136 
GLN C    C N N 137 
GLN O    O N N 138 
GLN CB   C N N 139 
GLN CG   C N N 140 
GLN CD   C N N 141 
GLN OE1  O N N 142 
GLN NE2  N N N 143 
GLN OXT  O N N 144 
GLN H    H N N 145 
GLN H2   H N N 146 
GLN HA   H N N 147 
GLN HB2  H N N 148 
GLN HB3  H N N 149 
GLN HG2  H N N 150 
GLN HG3  H N N 151 
GLN HE21 H N N 152 
GLN HE22 H N N 153 
GLN HXT  H N N 154 
GLU N    N N N 155 
GLU CA   C N S 156 
GLU C    C N N 157 
GLU O    O N N 158 
GLU CB   C N N 159 
GLU CG   C N N 160 
GLU CD   C N N 161 
GLU OE1  O N N 162 
GLU OE2  O N N 163 
GLU OXT  O N N 164 
GLU H    H N N 165 
GLU H2   H N N 166 
GLU HA   H N N 167 
GLU HB2  H N N 168 
GLU HB3  H N N 169 
GLU HG2  H N N 170 
GLU HG3  H N N 171 
GLU HE2  H N N 172 
GLU HXT  H N N 173 
GLY N    N N N 174 
GLY CA   C N N 175 
GLY C    C N N 176 
GLY O    O N N 177 
GLY OXT  O N N 178 
GLY H    H N N 179 
GLY H2   H N N 180 
GLY HA2  H N N 181 
GLY HA3  H N N 182 
GLY HXT  H N N 183 
HIS N    N N N 184 
HIS CA   C N S 185 
HIS C    C N N 186 
HIS O    O N N 187 
HIS CB   C N N 188 
HIS CG   C Y N 189 
HIS ND1  N Y N 190 
HIS CD2  C Y N 191 
HIS CE1  C Y N 192 
HIS NE2  N Y N 193 
HIS OXT  O N N 194 
HIS H    H N N 195 
HIS H2   H N N 196 
HIS HA   H N N 197 
HIS HB2  H N N 198 
HIS HB3  H N N 199 
HIS HD1  H N N 200 
HIS HD2  H N N 201 
HIS HE1  H N N 202 
HIS HE2  H N N 203 
HIS HXT  H N N 204 
HOH O    O N N 205 
HOH H1   H N N 206 
HOH H2   H N N 207 
ILE N    N N N 208 
ILE CA   C N S 209 
ILE C    C N N 210 
ILE O    O N N 211 
ILE CB   C N S 212 
ILE CG1  C N N 213 
ILE CG2  C N N 214 
ILE CD1  C N N 215 
ILE OXT  O N N 216 
ILE H    H N N 217 
ILE H2   H N N 218 
ILE HA   H N N 219 
ILE HB   H N N 220 
ILE HG12 H N N 221 
ILE HG13 H N N 222 
ILE HG21 H N N 223 
ILE HG22 H N N 224 
ILE HG23 H N N 225 
ILE HD11 H N N 226 
ILE HD12 H N N 227 
ILE HD13 H N N 228 
ILE HXT  H N N 229 
LEU N    N N N 230 
LEU CA   C N S 231 
LEU C    C N N 232 
LEU O    O N N 233 
LEU CB   C N N 234 
LEU CG   C N N 235 
LEU CD1  C N N 236 
LEU CD2  C N N 237 
LEU OXT  O N N 238 
LEU H    H N N 239 
LEU H2   H N N 240 
LEU HA   H N N 241 
LEU HB2  H N N 242 
LEU HB3  H N N 243 
LEU HG   H N N 244 
LEU HD11 H N N 245 
LEU HD12 H N N 246 
LEU HD13 H N N 247 
LEU HD21 H N N 248 
LEU HD22 H N N 249 
LEU HD23 H N N 250 
LEU HXT  H N N 251 
LYS N    N N N 252 
LYS CA   C N S 253 
LYS C    C N N 254 
LYS O    O N N 255 
LYS CB   C N N 256 
LYS CG   C N N 257 
LYS CD   C N N 258 
LYS CE   C N N 259 
LYS NZ   N N N 260 
LYS OXT  O N N 261 
LYS H    H N N 262 
LYS H2   H N N 263 
LYS HA   H N N 264 
LYS HB2  H N N 265 
LYS HB3  H N N 266 
LYS HG2  H N N 267 
LYS HG3  H N N 268 
LYS HD2  H N N 269 
LYS HD3  H N N 270 
LYS HE2  H N N 271 
LYS HE3  H N N 272 
LYS HZ1  H N N 273 
LYS HZ2  H N N 274 
LYS HZ3  H N N 275 
LYS HXT  H N N 276 
MET N    N N N 277 
MET CA   C N S 278 
MET C    C N N 279 
MET O    O N N 280 
MET CB   C N N 281 
MET CG   C N N 282 
MET SD   S N N 283 
MET CE   C N N 284 
MET OXT  O N N 285 
MET H    H N N 286 
MET H2   H N N 287 
MET HA   H N N 288 
MET HB2  H N N 289 
MET HB3  H N N 290 
MET HG2  H N N 291 
MET HG3  H N N 292 
MET HE1  H N N 293 
MET HE2  H N N 294 
MET HE3  H N N 295 
MET HXT  H N N 296 
PHE N    N N N 297 
PHE CA   C N S 298 
PHE C    C N N 299 
PHE O    O N N 300 
PHE CB   C N N 301 
PHE CG   C Y N 302 
PHE CD1  C Y N 303 
PHE CD2  C Y N 304 
PHE CE1  C Y N 305 
PHE CE2  C Y N 306 
PHE CZ   C Y N 307 
PHE OXT  O N N 308 
PHE H    H N N 309 
PHE H2   H N N 310 
PHE HA   H N N 311 
PHE HB2  H N N 312 
PHE HB3  H N N 313 
PHE HD1  H N N 314 
PHE HD2  H N N 315 
PHE HE1  H N N 316 
PHE HE2  H N N 317 
PHE HZ   H N N 318 
PHE HXT  H N N 319 
PRO N    N N N 320 
PRO CA   C N S 321 
PRO C    C N N 322 
PRO O    O N N 323 
PRO CB   C N N 324 
PRO CG   C N N 325 
PRO CD   C N N 326 
PRO OXT  O N N 327 
PRO H    H N N 328 
PRO HA   H N N 329 
PRO HB2  H N N 330 
PRO HB3  H N N 331 
PRO HG2  H N N 332 
PRO HG3  H N N 333 
PRO HD2  H N N 334 
PRO HD3  H N N 335 
PRO HXT  H N N 336 
SER N    N N N 337 
SER CA   C N S 338 
SER C    C N N 339 
SER O    O N N 340 
SER CB   C N N 341 
SER OG   O N N 342 
SER OXT  O N N 343 
SER H    H N N 344 
SER H2   H N N 345 
SER HA   H N N 346 
SER HB2  H N N 347 
SER HB3  H N N 348 
SER HG   H N N 349 
SER HXT  H N N 350 
THR N    N N N 351 
THR CA   C N S 352 
THR C    C N N 353 
THR O    O N N 354 
THR CB   C N R 355 
THR OG1  O N N 356 
THR CG2  C N N 357 
THR OXT  O N N 358 
THR H    H N N 359 
THR H2   H N N 360 
THR HA   H N N 361 
THR HB   H N N 362 
THR HG1  H N N 363 
THR HG21 H N N 364 
THR HG22 H N N 365 
THR HG23 H N N 366 
THR HXT  H N N 367 
TRP N    N N N 368 
TRP CA   C N S 369 
TRP C    C N N 370 
TRP O    O N N 371 
TRP CB   C N N 372 
TRP CG   C Y N 373 
TRP CD1  C Y N 374 
TRP CD2  C Y N 375 
TRP NE1  N Y N 376 
TRP CE2  C Y N 377 
TRP CE3  C Y N 378 
TRP CZ2  C Y N 379 
TRP CZ3  C Y N 380 
TRP CH2  C Y N 381 
TRP OXT  O N N 382 
TRP H    H N N 383 
TRP H2   H N N 384 
TRP HA   H N N 385 
TRP HB2  H N N 386 
TRP HB3  H N N 387 
TRP HD1  H N N 388 
TRP HE1  H N N 389 
TRP HE3  H N N 390 
TRP HZ2  H N N 391 
TRP HZ3  H N N 392 
TRP HH2  H N N 393 
TRP HXT  H N N 394 
TYR N    N N N 395 
TYR CA   C N S 396 
TYR C    C N N 397 
TYR O    O N N 398 
TYR CB   C N N 399 
TYR CG   C Y N 400 
TYR CD1  C Y N 401 
TYR CD2  C Y N 402 
TYR CE1  C Y N 403 
TYR CE2  C Y N 404 
TYR CZ   C Y N 405 
TYR OH   O N N 406 
TYR OXT  O N N 407 
TYR H    H N N 408 
TYR H2   H N N 409 
TYR HA   H N N 410 
TYR HB2  H N N 411 
TYR HB3  H N N 412 
TYR HD1  H N N 413 
TYR HD2  H N N 414 
TYR HE1  H N N 415 
TYR HE2  H N N 416 
TYR HH   H N N 417 
TYR HXT  H N N 418 
VAL N    N N N 419 
VAL CA   C N S 420 
VAL C    C N N 421 
VAL O    O N N 422 
VAL CB   C N N 423 
VAL CG1  C N N 424 
VAL CG2  C N N 425 
VAL OXT  O N N 426 
VAL H    H N N 427 
VAL H2   H N N 428 
VAL HA   H N N 429 
VAL HB   H N N 430 
VAL HG11 H N N 431 
VAL HG12 H N N 432 
VAL HG13 H N N 433 
VAL HG21 H N N 434 
VAL HG22 H N N 435 
VAL HG23 H N N 436 
VAL HXT  H N N 437 
# 
loop_
_chem_comp_bond.comp_id 
_chem_comp_bond.atom_id_1 
_chem_comp_bond.atom_id_2 
_chem_comp_bond.value_order 
_chem_comp_bond.pdbx_aromatic_flag 
_chem_comp_bond.pdbx_stereo_config 
_chem_comp_bond.pdbx_ordinal 
ALA N   CA   sing N N 1   
ALA N   H    sing N N 2   
ALA N   H2   sing N N 3   
ALA CA  C    sing N N 4   
ALA CA  CB   sing N N 5   
ALA CA  HA   sing N N 6   
ALA C   O    doub N N 7   
ALA C   OXT  sing N N 8   
ALA CB  HB1  sing N N 9   
ALA CB  HB2  sing N N 10  
ALA CB  HB3  sing N N 11  
ALA OXT HXT  sing N N 12  
ARG N   CA   sing N N 13  
ARG N   H    sing N N 14  
ARG N   H2   sing N N 15  
ARG CA  C    sing N N 16  
ARG CA  CB   sing N N 17  
ARG CA  HA   sing N N 18  
ARG C   O    doub N N 19  
ARG C   OXT  sing N N 20  
ARG CB  CG   sing N N 21  
ARG CB  HB2  sing N N 22  
ARG CB  HB3  sing N N 23  
ARG CG  CD   sing N N 24  
ARG CG  HG2  sing N N 25  
ARG CG  HG3  sing N N 26  
ARG CD  NE   sing N N 27  
ARG CD  HD2  sing N N 28  
ARG CD  HD3  sing N N 29  
ARG NE  CZ   sing N N 30  
ARG NE  HE   sing N N 31  
ARG CZ  NH1  sing N N 32  
ARG CZ  NH2  doub N N 33  
ARG NH1 HH11 sing N N 34  
ARG NH1 HH12 sing N N 35  
ARG NH2 HH21 sing N N 36  
ARG NH2 HH22 sing N N 37  
ARG OXT HXT  sing N N 38  
ASN N   CA   sing N N 39  
ASN N   H    sing N N 40  
ASN N   H2   sing N N 41  
ASN CA  C    sing N N 42  
ASN CA  CB   sing N N 43  
ASN CA  HA   sing N N 44  
ASN C   O    doub N N 45  
ASN C   OXT  sing N N 46  
ASN CB  CG   sing N N 47  
ASN CB  HB2  sing N N 48  
ASN CB  HB3  sing N N 49  
ASN CG  OD1  doub N N 50  
ASN CG  ND2  sing N N 51  
ASN ND2 HD21 sing N N 52  
ASN ND2 HD22 sing N N 53  
ASN OXT HXT  sing N N 54  
ASP N   CA   sing N N 55  
ASP N   H    sing N N 56  
ASP N   H2   sing N N 57  
ASP CA  C    sing N N 58  
ASP CA  CB   sing N N 59  
ASP CA  HA   sing N N 60  
ASP C   O    doub N N 61  
ASP C   OXT  sing N N 62  
ASP CB  CG   sing N N 63  
ASP CB  HB2  sing N N 64  
ASP CB  HB3  sing N N 65  
ASP CG  OD1  doub N N 66  
ASP CG  OD2  sing N N 67  
ASP OD2 HD2  sing N N 68  
ASP OXT HXT  sing N N 69  
CYS N   CA   sing N N 70  
CYS N   H    sing N N 71  
CYS N   H2   sing N N 72  
CYS CA  C    sing N N 73  
CYS CA  CB   sing N N 74  
CYS CA  HA   sing N N 75  
CYS C   O    doub N N 76  
CYS C   OXT  sing N N 77  
CYS CB  SG   sing N N 78  
CYS CB  HB2  sing N N 79  
CYS CB  HB3  sing N N 80  
CYS SG  HG   sing N N 81  
CYS OXT HXT  sing N N 82  
G0I C11 C09  sing N N 83  
G0I C09 O10  doub N N 84  
G0I C09 C08  sing N N 85  
G0I C02 C01  sing N N 86  
G0I C02 C03  sing N N 87  
G0I C08 C03  sing Y N 88  
G0I C08 C06  doub Y N 89  
G0I C03 C04  doub Y N 90  
G0I C21 C22  sing N N 91  
G0I C21 N20  sing N N 92  
G0I C22 N17  sing N N 93  
G0I C06 C07  sing N N 94  
G0I C06 N05  sing Y N 95  
G0I C04 C12  sing N N 96  
G0I C04 N05  sing Y N 97  
G0I C12 C13  doub Y N 98  
G0I C12 N23  sing Y N 99  
G0I C13 S14  sing Y N 100 
G0I N23 C15  doub Y N 101 
G0I N20 C19  sing N N 102 
G0I N17 C16  sing N N 103 
G0I N17 C18  sing N N 104 
G0I S14 C15  sing Y N 105 
G0I C15 C16  sing N N 106 
G0I C18 C19  sing N N 107 
G0I C21 H1   sing N N 108 
G0I C01 H2   sing N N 109 
G0I C01 H3   sing N N 110 
G0I C01 H4   sing N N 111 
G0I C02 H5   sing N N 112 
G0I C02 H6   sing N N 113 
G0I C07 H7   sing N N 114 
G0I C07 H8   sing N N 115 
G0I C07 H9   sing N N 116 
G0I C11 H10  sing N N 117 
G0I C11 H11  sing N N 118 
G0I C11 H12  sing N N 119 
G0I C13 H13  sing N N 120 
G0I C16 H14  sing N N 121 
G0I C16 H15  sing N N 122 
G0I C18 H16  sing N N 123 
G0I C18 H17  sing N N 124 
G0I C19 H18  sing N N 125 
G0I C19 H19  sing N N 126 
G0I C22 H20  sing N N 127 
G0I N05 H21  sing N N 128 
G0I N20 H22  sing N N 129 
G0I C21 H23  sing N N 130 
G0I C22 H24  sing N N 131 
GLN N   CA   sing N N 132 
GLN N   H    sing N N 133 
GLN N   H2   sing N N 134 
GLN CA  C    sing N N 135 
GLN CA  CB   sing N N 136 
GLN CA  HA   sing N N 137 
GLN C   O    doub N N 138 
GLN C   OXT  sing N N 139 
GLN CB  CG   sing N N 140 
GLN CB  HB2  sing N N 141 
GLN CB  HB3  sing N N 142 
GLN CG  CD   sing N N 143 
GLN CG  HG2  sing N N 144 
GLN CG  HG3  sing N N 145 
GLN CD  OE1  doub N N 146 
GLN CD  NE2  sing N N 147 
GLN NE2 HE21 sing N N 148 
GLN NE2 HE22 sing N N 149 
GLN OXT HXT  sing N N 150 
GLU N   CA   sing N N 151 
GLU N   H    sing N N 152 
GLU N   H2   sing N N 153 
GLU CA  C    sing N N 154 
GLU CA  CB   sing N N 155 
GLU CA  HA   sing N N 156 
GLU C   O    doub N N 157 
GLU C   OXT  sing N N 158 
GLU CB  CG   sing N N 159 
GLU CB  HB2  sing N N 160 
GLU CB  HB3  sing N N 161 
GLU CG  CD   sing N N 162 
GLU CG  HG2  sing N N 163 
GLU CG  HG3  sing N N 164 
GLU CD  OE1  doub N N 165 
GLU CD  OE2  sing N N 166 
GLU OE2 HE2  sing N N 167 
GLU OXT HXT  sing N N 168 
GLY N   CA   sing N N 169 
GLY N   H    sing N N 170 
GLY N   H2   sing N N 171 
GLY CA  C    sing N N 172 
GLY CA  HA2  sing N N 173 
GLY CA  HA3  sing N N 174 
GLY C   O    doub N N 175 
GLY C   OXT  sing N N 176 
GLY OXT HXT  sing N N 177 
HIS N   CA   sing N N 178 
HIS N   H    sing N N 179 
HIS N   H2   sing N N 180 
HIS CA  C    sing N N 181 
HIS CA  CB   sing N N 182 
HIS CA  HA   sing N N 183 
HIS C   O    doub N N 184 
HIS C   OXT  sing N N 185 
HIS CB  CG   sing N N 186 
HIS CB  HB2  sing N N 187 
HIS CB  HB3  sing N N 188 
HIS CG  ND1  sing Y N 189 
HIS CG  CD2  doub Y N 190 
HIS ND1 CE1  doub Y N 191 
HIS ND1 HD1  sing N N 192 
HIS CD2 NE2  sing Y N 193 
HIS CD2 HD2  sing N N 194 
HIS CE1 NE2  sing Y N 195 
HIS CE1 HE1  sing N N 196 
HIS NE2 HE2  sing N N 197 
HIS OXT HXT  sing N N 198 
HOH O   H1   sing N N 199 
HOH O   H2   sing N N 200 
ILE N   CA   sing N N 201 
ILE N   H    sing N N 202 
ILE N   H2   sing N N 203 
ILE CA  C    sing N N 204 
ILE CA  CB   sing N N 205 
ILE CA  HA   sing N N 206 
ILE C   O    doub N N 207 
ILE C   OXT  sing N N 208 
ILE CB  CG1  sing N N 209 
ILE CB  CG2  sing N N 210 
ILE CB  HB   sing N N 211 
ILE CG1 CD1  sing N N 212 
ILE CG1 HG12 sing N N 213 
ILE CG1 HG13 sing N N 214 
ILE CG2 HG21 sing N N 215 
ILE CG2 HG22 sing N N 216 
ILE CG2 HG23 sing N N 217 
ILE CD1 HD11 sing N N 218 
ILE CD1 HD12 sing N N 219 
ILE CD1 HD13 sing N N 220 
ILE OXT HXT  sing N N 221 
LEU N   CA   sing N N 222 
LEU N   H    sing N N 223 
LEU N   H2   sing N N 224 
LEU CA  C    sing N N 225 
LEU CA  CB   sing N N 226 
LEU CA  HA   sing N N 227 
LEU C   O    doub N N 228 
LEU C   OXT  sing N N 229 
LEU CB  CG   sing N N 230 
LEU CB  HB2  sing N N 231 
LEU CB  HB3  sing N N 232 
LEU CG  CD1  sing N N 233 
LEU CG  CD2  sing N N 234 
LEU CG  HG   sing N N 235 
LEU CD1 HD11 sing N N 236 
LEU CD1 HD12 sing N N 237 
LEU CD1 HD13 sing N N 238 
LEU CD2 HD21 sing N N 239 
LEU CD2 HD22 sing N N 240 
LEU CD2 HD23 sing N N 241 
LEU OXT HXT  sing N N 242 
LYS N   CA   sing N N 243 
LYS N   H    sing N N 244 
LYS N   H2   sing N N 245 
LYS CA  C    sing N N 246 
LYS CA  CB   sing N N 247 
LYS CA  HA   sing N N 248 
LYS C   O    doub N N 249 
LYS C   OXT  sing N N 250 
LYS CB  CG   sing N N 251 
LYS CB  HB2  sing N N 252 
LYS CB  HB3  sing N N 253 
LYS CG  CD   sing N N 254 
LYS CG  HG2  sing N N 255 
LYS CG  HG3  sing N N 256 
LYS CD  CE   sing N N 257 
LYS CD  HD2  sing N N 258 
LYS CD  HD3  sing N N 259 
LYS CE  NZ   sing N N 260 
LYS CE  HE2  sing N N 261 
LYS CE  HE3  sing N N 262 
LYS NZ  HZ1  sing N N 263 
LYS NZ  HZ2  sing N N 264 
LYS NZ  HZ3  sing N N 265 
LYS OXT HXT  sing N N 266 
MET N   CA   sing N N 267 
MET N   H    sing N N 268 
MET N   H2   sing N N 269 
MET CA  C    sing N N 270 
MET CA  CB   sing N N 271 
MET CA  HA   sing N N 272 
MET C   O    doub N N 273 
MET C   OXT  sing N N 274 
MET CB  CG   sing N N 275 
MET CB  HB2  sing N N 276 
MET CB  HB3  sing N N 277 
MET CG  SD   sing N N 278 
MET CG  HG2  sing N N 279 
MET CG  HG3  sing N N 280 
MET SD  CE   sing N N 281 
MET CE  HE1  sing N N 282 
MET CE  HE2  sing N N 283 
MET CE  HE3  sing N N 284 
MET OXT HXT  sing N N 285 
PHE N   CA   sing N N 286 
PHE N   H    sing N N 287 
PHE N   H2   sing N N 288 
PHE CA  C    sing N N 289 
PHE CA  CB   sing N N 290 
PHE CA  HA   sing N N 291 
PHE C   O    doub N N 292 
PHE C   OXT  sing N N 293 
PHE CB  CG   sing N N 294 
PHE CB  HB2  sing N N 295 
PHE CB  HB3  sing N N 296 
PHE CG  CD1  doub Y N 297 
PHE CG  CD2  sing Y N 298 
PHE CD1 CE1  sing Y N 299 
PHE CD1 HD1  sing N N 300 
PHE CD2 CE2  doub Y N 301 
PHE CD2 HD2  sing N N 302 
PHE CE1 CZ   doub Y N 303 
PHE CE1 HE1  sing N N 304 
PHE CE2 CZ   sing Y N 305 
PHE CE2 HE2  sing N N 306 
PHE CZ  HZ   sing N N 307 
PHE OXT HXT  sing N N 308 
PRO N   CA   sing N N 309 
PRO N   CD   sing N N 310 
PRO N   H    sing N N 311 
PRO CA  C    sing N N 312 
PRO CA  CB   sing N N 313 
PRO CA  HA   sing N N 314 
PRO C   O    doub N N 315 
PRO C   OXT  sing N N 316 
PRO CB  CG   sing N N 317 
PRO CB  HB2  sing N N 318 
PRO CB  HB3  sing N N 319 
PRO CG  CD   sing N N 320 
PRO CG  HG2  sing N N 321 
PRO CG  HG3  sing N N 322 
PRO CD  HD2  sing N N 323 
PRO CD  HD3  sing N N 324 
PRO OXT HXT  sing N N 325 
SER N   CA   sing N N 326 
SER N   H    sing N N 327 
SER N   H2   sing N N 328 
SER CA  C    sing N N 329 
SER CA  CB   sing N N 330 
SER CA  HA   sing N N 331 
SER C   O    doub N N 332 
SER C   OXT  sing N N 333 
SER CB  OG   sing N N 334 
SER CB  HB2  sing N N 335 
SER CB  HB3  sing N N 336 
SER OG  HG   sing N N 337 
SER OXT HXT  sing N N 338 
THR N   CA   sing N N 339 
THR N   H    sing N N 340 
THR N   H2   sing N N 341 
THR CA  C    sing N N 342 
THR CA  CB   sing N N 343 
THR CA  HA   sing N N 344 
THR C   O    doub N N 345 
THR C   OXT  sing N N 346 
THR CB  OG1  sing N N 347 
THR CB  CG2  sing N N 348 
THR CB  HB   sing N N 349 
THR OG1 HG1  sing N N 350 
THR CG2 HG21 sing N N 351 
THR CG2 HG22 sing N N 352 
THR CG2 HG23 sing N N 353 
THR OXT HXT  sing N N 354 
TRP N   CA   sing N N 355 
TRP N   H    sing N N 356 
TRP N   H2   sing N N 357 
TRP CA  C    sing N N 358 
TRP CA  CB   sing N N 359 
TRP CA  HA   sing N N 360 
TRP C   O    doub N N 361 
TRP C   OXT  sing N N 362 
TRP CB  CG   sing N N 363 
TRP CB  HB2  sing N N 364 
TRP CB  HB3  sing N N 365 
TRP CG  CD1  doub Y N 366 
TRP CG  CD2  sing Y N 367 
TRP CD1 NE1  sing Y N 368 
TRP CD1 HD1  sing N N 369 
TRP CD2 CE2  doub Y N 370 
TRP CD2 CE3  sing Y N 371 
TRP NE1 CE2  sing Y N 372 
TRP NE1 HE1  sing N N 373 
TRP CE2 CZ2  sing Y N 374 
TRP CE3 CZ3  doub Y N 375 
TRP CE3 HE3  sing N N 376 
TRP CZ2 CH2  doub Y N 377 
TRP CZ2 HZ2  sing N N 378 
TRP CZ3 CH2  sing Y N 379 
TRP CZ3 HZ3  sing N N 380 
TRP CH2 HH2  sing N N 381 
TRP OXT HXT  sing N N 382 
TYR N   CA   sing N N 383 
TYR N   H    sing N N 384 
TYR N   H2   sing N N 385 
TYR CA  C    sing N N 386 
TYR CA  CB   sing N N 387 
TYR CA  HA   sing N N 388 
TYR C   O    doub N N 389 
TYR C   OXT  sing N N 390 
TYR CB  CG   sing N N 391 
TYR CB  HB2  sing N N 392 
TYR CB  HB3  sing N N 393 
TYR CG  CD1  doub Y N 394 
TYR CG  CD2  sing Y N 395 
TYR CD1 CE1  sing Y N 396 
TYR CD1 HD1  sing N N 397 
TYR CD2 CE2  doub Y N 398 
TYR CD2 HD2  sing N N 399 
TYR CE1 CZ   doub Y N 400 
TYR CE1 HE1  sing N N 401 
TYR CE2 CZ   sing Y N 402 
TYR CE2 HE2  sing N N 403 
TYR CZ  OH   sing N N 404 
TYR OH  HH   sing N N 405 
TYR OXT HXT  sing N N 406 
VAL N   CA   sing N N 407 
VAL N   H    sing N N 408 
VAL N   H2   sing N N 409 
VAL CA  C    sing N N 410 
VAL CA  CB   sing N N 411 
VAL CA  HA   sing N N 412 
VAL C   O    doub N N 413 
VAL C   OXT  sing N N 414 
VAL CB  CG1  sing N N 415 
VAL CB  CG2  sing N N 416 
VAL CB  HB   sing N N 417 
VAL CG1 HG11 sing N N 418 
VAL CG1 HG12 sing N N 419 
VAL CG1 HG13 sing N N 420 
VAL CG2 HG21 sing N N 421 
VAL CG2 HG22 sing N N 422 
VAL CG2 HG23 sing N N 423 
VAL OXT HXT  sing N N 424 
# 
_pdbx_audit_support.funding_organization   'Italian Association for Cancer Research' 
_pdbx_audit_support.country                Italy 
_pdbx_audit_support.grant_number           'MFAG 2017 - ID. 19882' 
_pdbx_audit_support.ordinal                1 
# 
_pdbx_entity_instance_feature.ordinal        1 
_pdbx_entity_instance_feature.comp_id        G0I 
_pdbx_entity_instance_feature.asym_id        ? 
_pdbx_entity_instance_feature.seq_num        ? 
_pdbx_entity_instance_feature.auth_comp_id   G0I 
_pdbx_entity_instance_feature.auth_asym_id   ? 
_pdbx_entity_instance_feature.auth_seq_num   ? 
_pdbx_entity_instance_feature.feature_type   'SUBJECT OF INVESTIGATION' 
_pdbx_entity_instance_feature.details        ? 
# 
_pdbx_initial_refinement_model.id               1 
_pdbx_initial_refinement_model.entity_id_list   ? 
_pdbx_initial_refinement_model.type             'experimental model' 
_pdbx_initial_refinement_model.source_name      PDB 
_pdbx_initial_refinement_model.accession_code   5MGJ 
_pdbx_initial_refinement_model.details          ? 
# 
_atom_sites.entry_id                    7QWY 
_atom_sites.Cartn_transf_matrix[1][1]   ? 
_atom_sites.Cartn_transf_matrix[1][2]   ? 
_atom_sites.Cartn_transf_matrix[1][3]   ? 
_atom_sites.Cartn_transf_matrix[2][1]   ? 
_atom_sites.Cartn_transf_matrix[2][2]   ? 
_atom_sites.Cartn_transf_matrix[2][3]   ? 
_atom_sites.Cartn_transf_matrix[3][1]   ? 
_atom_sites.Cartn_transf_matrix[3][2]   ? 
_atom_sites.Cartn_transf_matrix[3][3]   ? 
_atom_sites.Cartn_transf_vector[1]      ? 
_atom_sites.Cartn_transf_vector[2]      ? 
_atom_sites.Cartn_transf_vector[3]      ? 
_atom_sites.fract_transf_matrix[1][1]   0.01137716 
_atom_sites.fract_transf_matrix[1][2]   0.00384491 
_atom_sites.fract_transf_matrix[1][3]   -0.00234588 
_atom_sites.fract_transf_matrix[2][1]   0.00630663 
_atom_sites.fract_transf_matrix[2][2]   -0.00485969 
_atom_sites.fract_transf_matrix[2][3]   -0.00929268 
_atom_sites.fract_transf_matrix[3][1]   -0.01099237 
_atom_sites.fract_transf_matrix[3][2]   0.02120811 
_atom_sites.fract_transf_matrix[3][3]   -0.01855112 
_atom_sites.fract_transf_vector[1]      -0.146080 
_atom_sites.fract_transf_vector[2]      0.360098 
_atom_sites.fract_transf_vector[3]      -0.490394 
_atom_sites.solution_primary            ? 
_atom_sites.solution_secondary          ? 
_atom_sites.solution_hydrogens          ? 
_atom_sites.special_details             ? 
# 
loop_
_atom_type.symbol 
C 
N 
O 
S 
# 
loop_
_atom_site.group_PDB 
_atom_site.id 
_atom_site.type_symbol 
_atom_site.label_atom_id 
_atom_site.label_alt_id 
_atom_site.label_comp_id 
_atom_site.label_asym_id 
_atom_site.label_entity_id 
_atom_site.label_seq_id 
_atom_site.pdbx_PDB_ins_code 
_atom_site.Cartn_x 
_atom_site.Cartn_y 
_atom_site.Cartn_z 
_atom_site.occupancy 
_atom_site.B_iso_or_equiv 
_atom_site.pdbx_formal_charge 
_atom_site.auth_seq_id 
_atom_site.auth_comp_id 
_atom_site.auth_asym_id 
_atom_site.auth_atom_id 
_atom_site.pdbx_PDB_model_num 
ATOM   1   N N   . MET A 1 2   ? -7.252  12.400  14.676  1.00 90.18  ? 1795 MET A N   1 
ATOM   2   C CA  . MET A 1 2   ? -8.035  13.576  14.287  1.00 103.38 ? 1795 MET A CA  1 
ATOM   3   C C   . MET A 1 2   ? -8.944  13.250  13.095  1.00 107.53 ? 1795 MET A C   1 
ATOM   4   O O   . MET A 1 2   ? -8.554  12.482  12.206  1.00 102.83 ? 1795 MET A O   1 
ATOM   5   C CB  . MET A 1 2   ? -7.114  14.749  13.941  1.00 104.65 ? 1795 MET A CB  1 
ATOM   6   C CG  . MET A 1 2   ? -7.838  16.051  13.672  1.00 108.56 ? 1795 MET A CG  1 
ATOM   7   S SD  . MET A 1 2   ? -6.859  17.190  12.672  1.00 119.51 ? 1795 MET A SD  1 
ATOM   8   C CE  . MET A 1 2   ? -8.111  18.370  12.124  1.00 96.56  ? 1795 MET A CE  1 
ATOM   9   N N   . HIS A 1 3   ? -10.152 13.835  13.084  1.00 108.66 ? 1796 HIS A N   1 
ATOM   10  C CA  . HIS A 1 3   ? -11.156 13.458  12.088  1.00 106.74 ? 1796 HIS A CA  1 
ATOM   11  C C   . HIS A 1 3   ? -10.712 13.837  10.681  1.00 103.00 ? 1796 HIS A C   1 
ATOM   12  O O   . HIS A 1 3   ? -10.844 13.040  9.742   1.00 101.31 ? 1796 HIS A O   1 
ATOM   13  C CB  . HIS A 1 3   ? -12.510 14.101  12.419  1.00 109.07 ? 1796 HIS A CB  1 
ATOM   14  C CG  . HIS A 1 3   ? -13.697 13.306  11.953  1.00 114.63 ? 1796 HIS A CG  1 
ATOM   15  N ND1 . HIS A 1 3   ? -14.003 12.058  12.458  1.00 112.81 ? 1796 HIS A ND1 1 
ATOM   16  C CD2 . HIS A 1 3   ? -14.654 13.584  11.031  1.00 107.78 ? 1796 HIS A CD2 1 
ATOM   17  C CE1 . HIS A 1 3   ? -15.094 11.601  11.865  1.00 112.88 ? 1796 HIS A CE1 1 
ATOM   18  N NE2 . HIS A 1 3   ? -15.507 12.507  10.995  1.00 106.82 ? 1796 HIS A NE2 1 
ATOM   19  N N   . SER A 1 4   ? -10.184 15.049  10.512  1.00 105.51 ? 1797 SER A N   1 
ATOM   20  C CA  . SER A 1 4   ? -9.745  15.462  9.184   1.00 106.51 ? 1797 SER A CA  1 
ATOM   21  C C   . SER A 1 4   ? -8.610  14.574  8.686   1.00 101.71 ? 1797 SER A C   1 
ATOM   22  O O   . SER A 1 4   ? -8.596  14.165  7.516   1.00 99.42  ? 1797 SER A O   1 
ATOM   23  C CB  . SER A 1 4   ? -9.317  16.929  9.198   1.00 104.26 ? 1797 SER A CB  1 
ATOM   24  O OG  . SER A 1 4   ? -9.464  17.495  7.906   1.00 98.91  ? 1797 SER A OG  1 
ATOM   25  N N   . ASP A 1 5   ? -7.674  14.226  9.577   1.00 100.72 ? 1798 ASP A N   1 
ATOM   26  C CA  . ASP A 1 5   ? -6.537  13.404  9.175   1.00 96.66  ? 1798 ASP A CA  1 
ATOM   27  C C   . ASP A 1 5   ? -6.968  12.001  8.754   1.00 97.12  ? 1798 ASP A C   1 
ATOM   28  O O   . ASP A 1 5   ? -6.414  11.453  7.794   1.00 93.79  ? 1798 ASP A O   1 
ATOM   29  C CB  . ASP A 1 5   ? -5.503  13.350  10.306  1.00 91.31  ? 1798 ASP A CB  1 
ATOM   30  C CG  . ASP A 1 5   ? -4.539  14.530  10.270  1.00 92.18  ? 1798 ASP A CG  1 
ATOM   31  O OD1 . ASP A 1 5   ? -4.666  15.384  9.368   1.00 100.20 ? 1798 ASP A OD1 1 
ATOM   32  O OD2 . ASP A 1 5   ? -3.651  14.613  11.142  1.00 94.48  ? 1798 ASP A OD2 1 
ATOM   33  N N   . LEU A 1 6   ? -7.976  11.422  9.413   1.00 97.31  ? 1799 LEU A N   1 
ATOM   34  C CA  . LEU A 1 6   ? -8.348  10.033  9.148   1.00 94.05  ? 1799 LEU A CA  1 
ATOM   35  C C   . LEU A 1 6   ? -9.337  9.885   7.988   1.00 89.79  ? 1799 LEU A C   1 
ATOM   36  O O   . LEU A 1 6   ? -9.210  8.949   7.183   1.00 82.41  ? 1799 LEU A O   1 
ATOM   37  C CB  . LEU A 1 6   ? -8.914  9.396   10.425  1.00 93.91  ? 1799 LEU A CB  1 
ATOM   38  C CG  . LEU A 1 6   ? -7.930  8.890   11.499  1.00 96.38  ? 1799 LEU A CG  1 
ATOM   39  C CD1 . LEU A 1 6   ? -6.500  9.388   11.278  1.00 91.89  ? 1799 LEU A CD1 1 
ATOM   40  C CD2 . LEU A 1 6   ? -8.422  9.248   12.910  1.00 96.26  ? 1799 LEU A CD2 1 
ATOM   41  N N   . THR A 1 7   ? -10.319 10.790  7.884   1.00 91.67  ? 1800 THR A N   1 
ATOM   42  C CA  . THR A 1 7   ? -11.302 10.713  6.803   1.00 85.36  ? 1800 THR A CA  1 
ATOM   43  C C   . THR A 1 7   ? -10.625 10.747  5.436   1.00 82.65  ? 1800 THR A C   1 
ATOM   44  O O   . THR A 1 7   ? -11.015 10.023  4.502   1.00 77.04  ? 1800 THR A O   1 
ATOM   45  C CB  . THR A 1 7   ? -12.296 11.869  6.934   1.00 89.09  ? 1800 THR A CB  1 
ATOM   46  O OG1 . THR A 1 7   ? -11.563 13.097  7.022   1.00 98.19  ? 1800 THR A OG1 1 
ATOM   47  C CG2 . THR A 1 7   ? -13.198 11.712  8.170   1.00 83.81  ? 1800 THR A CG2 1 
ATOM   48  N N   . PHE A 1 8   ? -9.590  11.576  5.344   1.00 78.59  ? 1801 PHE A N   1 
ATOM   49  C CA  . PHE A 1 8   ? -8.826  11.698  4.083   1.00 78.77  ? 1801 PHE A CA  1 
ATOM   50  C C   . PHE A 1 8   ? -8.165  10.360  3.794   1.00 75.70  ? 1801 PHE A C   1 
ATOM   51  O O   . PHE A 1 8   ? -8.125  9.921   2.677   1.00 75.85  ? 1801 PHE A O   1 
ATOM   52  C CB  . PHE A 1 8   ? -7.808  12.826  4.186   1.00 91.13  ? 1801 PHE A CB  1 
ATOM   53  C CG  . PHE A 1 8   ? -8.422  14.203  4.163   1.00 102.01 ? 1801 PHE A CG  1 
ATOM   54  C CD1 . PHE A 1 8   ? -7.648  15.324  3.922   1.00 99.99  ? 1801 PHE A CD1 1 
ATOM   55  C CD2 . PHE A 1 8   ? -9.777  14.377  4.386   1.00 100.79 ? 1801 PHE A CD2 1 
ATOM   56  C CE1 . PHE A 1 8   ? -8.210  16.586  3.904   1.00 98.47  ? 1801 PHE A CE1 1 
ATOM   57  C CE2 . PHE A 1 8   ? -10.340 15.640  4.379   1.00 100.75 ? 1801 PHE A CE2 1 
ATOM   58  C CZ  . PHE A 1 8   ? -9.553  16.737  4.136   1.00 104.77 ? 1801 PHE A CZ  1 
ATOM   59  N N   . CYS A 1 9   ? -7.636  9.735   4.820   1.00 75.54  ? 1802 CYS A N   1 
ATOM   60  C CA  . CYS A 1 9   ? -7.065  8.405   4.660   1.00 72.48  ? 1802 CYS A CA  1 
ATOM   61  C C   . CYS A 1 9   ? -8.087  7.414   4.129   1.00 67.74  ? 1802 CYS A C   1 
ATOM   62  O O   . CYS A 1 9   ? -7.751  6.559   3.305   1.00 63.07  ? 1802 CYS A O   1 
ATOM   63  C CB  . CYS A 1 9   ? -6.495  7.920   5.987   1.00 73.91  ? 1802 CYS A CB  1 
ATOM   64  S SG  . CYS A 1 9   ? -5.154  8.967   6.547   1.00 83.56  ? 1802 CYS A SG  1 
ATOM   65  N N   . GLU A 1 10  ? -9.340  7.506   4.579   1.00 69.49  ? 1803 GLU A N   1 
ATOM   66  C CA  . GLU A 1 10  ? -10.336 6.588   4.042   1.00 65.19  ? 1803 GLU A CA  1 
ATOM   67  C C   . GLU A 1 10  ? -10.581 6.852   2.557   1.00 64.78  ? 1803 GLU A C   1 
ATOM   68  O O   . GLU A 1 10  ? -10.674 5.904   1.762   1.00 61.21  ? 1803 GLU A O   1 
ATOM   69  C CB  . GLU A 1 10  ? -11.626 6.680   4.856   1.00 66.93  ? 1803 GLU A CB  1 
ATOM   70  C CG  . GLU A 1 10  ? -12.834 6.014   4.212   1.00 68.16  ? 1803 GLU A CG  1 
ATOM   71  C CD  . GLU A 1 10  ? -12.644 4.528   3.926   1.00 68.97  ? 1803 GLU A CD  1 
ATOM   72  O OE1 . GLU A 1 10  ? -12.349 3.749   4.867   1.00 71.77  ? 1803 GLU A OE1 1 
ATOM   73  O OE2 . GLU A 1 10  ? -12.816 4.132   2.751   1.00 68.79  ? 1803 GLU A OE2 1 
ATOM   74  N N   . ILE A 1 11  ? -10.657 8.134   2.161   1.00 66.73  ? 1804 ILE A N   1 
ATOM   75  C CA  . ILE A 1 11  ? -10.829 8.491   0.748   1.00 59.27  ? 1804 ILE A CA  1 
ATOM   76  C C   . ILE A 1 11  ? -9.703  7.911   -0.102  1.00 59.64  ? 1804 ILE A C   1 
ATOM   77  O O   . ILE A 1 11  ? -9.939  7.250   -1.124  1.00 56.80  ? 1804 ILE A O   1 
ATOM   78  C CB  . ILE A 1 11  ? -10.886 10.018  0.582   1.00 62.28  ? 1804 ILE A CB  1 
ATOM   79  C CG1 . ILE A 1 11  ? -12.070 10.608  1.336   1.00 65.92  ? 1804 ILE A CG1 1 
ATOM   80  C CG2 . ILE A 1 11  ? -10.922 10.381  -0.889  1.00 57.20  ? 1804 ILE A CG2 1 
ATOM   81  C CD1 . ILE A 1 11  ? -11.904 12.064  1.639   1.00 72.97  ? 1804 ILE A CD1 1 
ATOM   82  N N   . ILE A 1 12  ? -8.457  8.192   0.291   1.00 59.03  ? 1805 ILE A N   1 
ATOM   83  C CA  . ILE A 1 12  ? -7.306  7.771   -0.503  1.00 57.43  ? 1805 ILE A CA  1 
ATOM   84  C C   . ILE A 1 12  ? -7.186  6.249   -0.532  1.00 60.41  ? 1805 ILE A C   1 
ATOM   85  O O   . ILE A 1 12  ? -6.776  5.665   -1.545  1.00 58.52  ? 1805 ILE A O   1 
ATOM   86  C CB  . ILE A 1 12  ? -6.032  8.441   0.046   1.00 62.19  ? 1805 ILE A CB  1 
ATOM   87  C CG1 . ILE A 1 12  ? -4.819  8.169   -0.828  1.00 62.02  ? 1805 ILE A CG1 1 
ATOM   88  C CG2 . ILE A 1 12  ? -5.720  7.988   1.441   1.00 65.28  ? 1805 ILE A CG2 1 
ATOM   89  C CD1 . ILE A 1 12  ? -3.754  9.247   -0.647  1.00 73.67  ? 1805 ILE A CD1 1 
ATOM   90  N N   . LEU A 1 13  ? -7.536  5.578   0.573   1.00 58.08  ? 1806 LEU A N   1 
ATOM   91  C CA  . LEU A 1 13  ? -7.455  4.122   0.582   1.00 61.92  ? 1806 LEU A CA  1 
ATOM   92  C C   . LEU A 1 13  ? -8.528  3.518   -0.315  1.00 57.62  ? 1806 LEU A C   1 
ATOM   93  O O   . LEU A 1 13  ? -8.259  2.569   -1.063  1.00 58.24  ? 1806 LEU A O   1 
ATOM   94  C CB  . LEU A 1 13  ? -7.554  3.577   2.016   1.00 57.35  ? 1806 LEU A CB  1 
ATOM   95  C CG  . LEU A 1 13  ? -7.552  2.037   2.111   1.00 61.11  ? 1806 LEU A CG  1 
ATOM   96  C CD1 . LEU A 1 13  ? -6.443  1.414   1.262   1.00 56.70  ? 1806 LEU A CD1 1 
ATOM   97  C CD2 . LEU A 1 13  ? -7.467  1.524   3.557   1.00 58.19  ? 1806 LEU A CD2 1 
ATOM   98  N N   . MET A 1 14  ? -9.741  4.070   -0.281  1.00 59.38  ? 1807 MET A N   1 
ATOM   99  C CA  . MET A 1 14  ? -10.796 3.590   -1.175  1.00 61.12  ? 1807 MET A CA  1 
ATOM   100 C C   . MET A 1 14  ? -10.402 3.777   -2.638  1.00 59.17  ? 1807 MET A C   1 
ATOM   101 O O   . MET A 1 14  ? -10.597 2.876   -3.476  1.00 56.86  ? 1807 MET A O   1 
ATOM   102 C CB  . MET A 1 14  ? -12.099 4.316   -0.849  1.00 58.49  ? 1807 MET A CB  1 
ATOM   103 C CG  . MET A 1 14  ? -13.198 4.165   -1.879  1.00 73.45  ? 1807 MET A CG  1 
ATOM   104 S SD  . MET A 1 14  ? -14.248 5.635   -1.858  1.00 81.86  ? 1807 MET A SD  1 
ATOM   105 C CE  . MET A 1 14  ? -14.112 6.167   -3.562  1.00 66.73  ? 1807 MET A CE  1 
ATOM   106 N N   . GLU A 1 15  ? -9.799  4.927   -2.954  1.00 53.66  ? 1808 GLU A N   1 
ATOM   107 C CA  . GLU A 1 15  ? -9.363  5.163   -4.319  1.00 56.08  ? 1808 GLU A CA  1 
ATOM   108 C C   . GLU A 1 15  ? -8.241  4.224   -4.720  1.00 55.61  ? 1808 GLU A C   1 
ATOM   109 O O   . GLU A 1 15  ? -8.204  3.754   -5.864  1.00 52.58  ? 1808 GLU A O   1 
ATOM   110 C CB  . GLU A 1 15  ? -8.958  6.628   -4.475  1.00 60.24  ? 1808 GLU A CB  1 
ATOM   111 C CG  . GLU A 1 15  ? -10.141 7.562   -4.222  1.00 64.71  ? 1808 GLU A CG  1 
ATOM   112 C CD  . GLU A 1 15  ? -9.816  9.026   -4.448  1.00 75.43  ? 1808 GLU A CD  1 
ATOM   113 O OE1 . GLU A 1 15  ? -8.660  9.416   -4.180  1.00 70.93  ? 1808 GLU A OE1 1 
ATOM   114 O OE2 . GLU A 1 15  ? -10.719 9.786   -4.889  1.00 78.42  ? 1808 GLU A OE2 1 
ATOM   115 N N   . MET A 1 16  ? -7.334  3.909   -3.794  1.00 58.28  ? 1809 MET A N   1 
ATOM   116 C CA  . MET A 1 16  ? -6.252  2.988   -4.136  1.00 58.83  ? 1809 MET A CA  1 
ATOM   117 C C   . MET A 1 16  ? -6.777  1.575   -4.351  1.00 57.40  ? 1809 MET A C   1 
ATOM   118 O O   . MET A 1 16  ? -6.329  0.882   -5.275  1.00 55.06  ? 1809 MET A O   1 
ATOM   119 C CB  . MET A 1 16  ? -5.165  3.014   -3.059  1.00 61.58  ? 1809 MET A CB  1 
ATOM   120 C CG  . MET A 1 16  ? -4.152  4.145   -3.247  1.00 58.75  ? 1809 MET A CG  1 
ATOM   121 S SD  . MET A 1 16  ? -2.754  3.989   -2.125  1.00 65.56  ? 1809 MET A SD  1 
ATOM   122 C CE  . MET A 1 16  ? -3.576  4.170   -0.532  1.00 57.22  ? 1809 MET A CE  1 
ATOM   123 N N   . GLU A 1 17  ? -7.734  1.139   -3.514  1.00 59.93  ? 1810 GLU A N   1 
ATOM   124 C CA  . GLU A 1 17  ? -8.348  -0.184  -3.667  1.00 58.04  ? 1810 GLU A CA  1 
ATOM   125 C C   . GLU A 1 17  ? -9.073  -0.323  -5.000  1.00 60.32  ? 1810 GLU A C   1 
ATOM   126 O O   . GLU A 1 17  ? -9.005  -1.383  -5.633  1.00 58.18  ? 1810 GLU A O   1 
ATOM   127 C CB  . GLU A 1 17  ? -9.339  -0.453  -2.536  1.00 51.94  ? 1810 GLU A CB  1 
ATOM   128 C CG  . GLU A 1 17  ? -8.723  -0.587  -1.176  1.00 59.94  ? 1810 GLU A CG  1 
ATOM   129 C CD  . GLU A 1 17  ? -9.765  -0.542  -0.089  1.00 63.90  ? 1810 GLU A CD  1 
ATOM   130 O OE1 . GLU A 1 17  ? -10.791 0.140   -0.290  1.00 62.82  ? 1810 GLU A OE1 1 
ATOM   131 O OE2 . GLU A 1 17  ? -9.564  -1.186  0.962   1.00 65.68  ? 1810 GLU A OE2 1 
ATOM   132 N N   . SER A 1 18  ? -9.797  0.726   -5.435  1.00 55.89  ? 1811 SER A N   1 
ATOM   133 C CA  . SER A 1 18  ? -10.516 0.639   -6.706  1.00 64.17  ? 1811 SER A CA  1 
ATOM   134 C C   . SER A 1 18  ? -9.677  1.029   -7.918  1.00 56.49  ? 1811 SER A C   1 
ATOM   135 O O   . SER A 1 18  ? -10.193 1.005   -9.040  1.00 58.73  ? 1811 SER A O   1 
ATOM   136 C CB  . SER A 1 18  ? -11.775 1.504   -6.675  1.00 60.11  ? 1811 SER A CB  1 
ATOM   137 O OG  . SER A 1 18  ? -11.484 2.765   -6.111  1.00 67.11  ? 1811 SER A OG  1 
ATOM   138 N N   . HIS A 1 19  ? -8.412  1.374   -7.731  1.00 51.49  ? 1812 HIS A N   1 
ATOM   139 C CA  . HIS A 1 19  ? -7.568  1.746   -8.856  1.00 51.86  ? 1812 HIS A CA  1 
ATOM   140 C C   . HIS A 1 19  ? -7.301  0.543   -9.758  1.00 51.10  ? 1812 HIS A C   1 
ATOM   141 O O   . HIS A 1 19  ? -7.191  -0.593  -9.298  1.00 49.00  ? 1812 HIS A O   1 
ATOM   142 C CB  . HIS A 1 19  ? -6.253  2.325   -8.337  1.00 53.79  ? 1812 HIS A CB  1 
ATOM   143 C CG  . HIS A 1 19  ? -5.485  3.104   -9.355  1.00 50.21  ? 1812 HIS A CG  1 
ATOM   144 N ND1 . HIS A 1 19  ? -4.862  2.505   -10.429 1.00 49.21  ? 1812 HIS A ND1 1 
ATOM   145 C CD2 . HIS A 1 19  ? -5.214  4.428   -9.449  1.00 49.75  ? 1812 HIS A CD2 1 
ATOM   146 C CE1 . HIS A 1 19  ? -4.256  3.431   -11.154 1.00 48.42  ? 1812 HIS A CE1 1 
ATOM   147 N NE2 . HIS A 1 19  ? -4.455  4.605   -10.581 1.00 51.78  ? 1812 HIS A NE2 1 
ATOM   148 N N   . ASP A 1 20  ? -7.181  0.808   -11.064 1.00 56.49  ? 1813 ASP A N   1 
ATOM   149 C CA  . ASP A 1 20  ? -6.904  -0.250  -12.038 1.00 52.76  ? 1813 ASP A CA  1 
ATOM   150 C C   . ASP A 1 20  ? -5.600  -0.980  -11.760 1.00 54.67  ? 1813 ASP A C   1 
ATOM   151 O O   . ASP A 1 20  ? -5.472  -2.160  -12.096 1.00 60.52  ? 1813 ASP A O   1 
ATOM   152 C CB  . ASP A 1 20  ? -6.833  0.316   -13.450 1.00 56.74  ? 1813 ASP A CB  1 
ATOM   153 C CG  . ASP A 1 20  ? -8.190  0.485   -14.078 1.00 68.31  ? 1813 ASP A CG  1 
ATOM   154 O OD1 . ASP A 1 20  ? -9.196  0.266   -13.351 1.00 68.52  ? 1813 ASP A OD1 1 
ATOM   155 O OD2 . ASP A 1 20  ? -8.239  0.838   -15.287 1.00 59.40  ? 1813 ASP A OD2 1 
ATOM   156 N N   . ALA A 1 21  ? -4.599  -0.305  -11.214 1.00 51.44  ? 1814 ALA A N   1 
ATOM   157 C CA  . ALA A 1 21  ? -3.299  -0.938  -11.065 1.00 50.04  ? 1814 ALA A CA  1 
ATOM   158 C C   . ALA A 1 21  ? -3.114  -1.610  -9.696  1.00 50.35  ? 1814 ALA A C   1 
ATOM   159 O O   . ALA A 1 21  ? -1.999  -2.038  -9.372  1.00 45.78  ? 1814 ALA A O   1 
ATOM   160 C CB  . ALA A 1 21  ? -2.200  0.089   -11.312 1.00 46.68  ? 1814 ALA A CB  1 
ATOM   161 N N   . ALA A 1 22  ? -4.181  -1.704  -8.899  1.00 46.96  ? 1815 ALA A N   1 
ATOM   162 C CA  . ALA A 1 22  ? -4.144  -2.195  -7.527  1.00 46.14  ? 1815 ALA A CA  1 
ATOM   163 C C   . ALA A 1 22  ? -4.113  -3.714  -7.431  1.00 52.83  ? 1815 ALA A C   1 
ATOM   164 O O   . ALA A 1 22  ? -3.913  -4.248  -6.330  1.00 54.49  ? 1815 ALA A O   1 
ATOM   165 C CB  . ALA A 1 22  ? -5.355  -1.678  -6.752  1.00 41.40  ? 1815 ALA A CB  1 
ATOM   166 N N   . TRP A 1 23  ? -4.282  -4.426  -8.540  1.00 50.10  ? 1816 TRP A N   1 
ATOM   167 C CA  . TRP A 1 23  ? -4.443  -5.870  -8.454  1.00 50.42  ? 1816 TRP A CA  1 
ATOM   168 C C   . TRP A 1 23  ? -3.313  -6.595  -7.720  1.00 51.85  ? 1816 TRP A C   1 
ATOM   169 O O   . TRP A 1 23  ? -3.594  -7.647  -7.131  1.00 54.92  ? 1816 TRP A O   1 
ATOM   170 C CB  . TRP A 1 23  ? -4.642  -6.444  -9.858  1.00 45.66  ? 1816 TRP A CB  1 
ATOM   171 C CG  . TRP A 1 23  ? -3.524  -6.175  -10.784 1.00 45.89  ? 1816 TRP A CG  1 
ATOM   172 C CD1 . TRP A 1 23  ? -3.405  -5.135  -11.618 1.00 50.55  ? 1816 TRP A CD1 1 
ATOM   173 C CD2 . TRP A 1 23  ? -2.357  -6.974  -10.970 1.00 56.37  ? 1816 TRP A CD2 1 
ATOM   174 N NE1 . TRP A 1 23  ? -2.241  -5.222  -12.337 1.00 50.17  ? 1816 TRP A NE1 1 
ATOM   175 C CE2 . TRP A 1 23  ? -1.575  -6.347  -11.962 1.00 52.23  ? 1816 TRP A CE2 1 
ATOM   176 C CE3 . TRP A 1 23  ? -1.893  -8.155  -10.393 1.00 52.68  ? 1816 TRP A CE3 1 
ATOM   177 C CZ2 . TRP A 1 23  ? -0.351  -6.852  -12.385 1.00 60.55  ? 1816 TRP A CZ2 1 
ATOM   178 C CZ3 . TRP A 1 23  ? -0.684  -8.666  -10.821 1.00 54.33  ? 1816 TRP A CZ3 1 
ATOM   179 C CH2 . TRP A 1 23  ? 0.079   -8.014  -11.803 1.00 59.15  ? 1816 TRP A CH2 1 
ATOM   180 N N   . PRO A 1 24  ? -2.058  -6.116  -7.677  1.00 54.03  ? 1817 PRO A N   1 
ATOM   181 C CA  . PRO A 1 24  ? -1.036  -6.883  -6.940  1.00 47.47  ? 1817 PRO A CA  1 
ATOM   182 C C   . PRO A 1 24  ? -1.083  -6.697  -5.443  1.00 49.79  ? 1817 PRO A C   1 
ATOM   183 O O   . PRO A 1 24  ? -0.326  -7.383  -4.736  1.00 54.78  ? 1817 PRO A O   1 
ATOM   184 C CB  . PRO A 1 24  ? 0.288   -6.349  -7.505  1.00 51.75  ? 1817 PRO A CB  1 
ATOM   185 C CG  . PRO A 1 24  ? -0.079  -5.627  -8.778  1.00 47.85  ? 1817 PRO A CG  1 
ATOM   186 C CD  . PRO A 1 24  ? -1.421  -5.049  -8.470  1.00 51.30  ? 1817 PRO A CD  1 
ATOM   187 N N   . PHE A 1 25  ? -1.942  -5.828  -4.924  1.00 47.17  ? 1818 PHE A N   1 
ATOM   188 C CA  . PHE A 1 25  ? -1.809  -5.362  -3.550  1.00 51.03  ? 1818 PHE A CA  1 
ATOM   189 C C   . PHE A 1 25  ? -3.094  -5.501  -2.757  1.00 51.50  ? 1818 PHE A C   1 
ATOM   190 O O   . PHE A 1 25  ? -3.189  -4.974  -1.640  1.00 50.47  ? 1818 PHE A O   1 
ATOM   191 C CB  . PHE A 1 25  ? -1.338  -3.899  -3.538  1.00 52.53  ? 1818 PHE A CB  1 
ATOM   192 C CG  . PHE A 1 25  ? -0.188  -3.636  -4.461  1.00 50.73  ? 1818 PHE A CG  1 
ATOM   193 C CD1 . PHE A 1 25  ? 1.063   -4.174  -4.207  1.00 50.84  ? 1818 PHE A CD1 1 
ATOM   194 C CD2 . PHE A 1 25  ? -0.361  -2.875  -5.597  1.00 52.90  ? 1818 PHE A CD2 1 
ATOM   195 C CE1 . PHE A 1 25  ? 2.125   -3.947  -5.067  1.00 49.15  ? 1818 PHE A CE1 1 
ATOM   196 C CE2 . PHE A 1 25  ? 0.690   -2.647  -6.461  1.00 49.66  ? 1818 PHE A CE2 1 
ATOM   197 C CZ  . PHE A 1 25  ? 1.937   -3.187  -6.191  1.00 51.59  ? 1818 PHE A CZ  1 
ATOM   198 N N   . LEU A 1 26  ? -4.083  -6.199  -3.296  1.00 54.16  ? 1819 LEU A N   1 
ATOM   199 C CA  . LEU A 1 26  ? -5.369  -6.250  -2.626  1.00 55.41  ? 1819 LEU A CA  1 
ATOM   200 C C   . LEU A 1 26  ? -5.394  -7.285  -1.514  1.00 58.77  ? 1819 LEU A C   1 
ATOM   201 O O   . LEU A 1 26  ? -6.173  -7.135  -0.568  1.00 63.60  ? 1819 LEU A O   1 
ATOM   202 C CB  . LEU A 1 26  ? -6.478  -6.501  -3.653  1.00 58.61  ? 1819 LEU A CB  1 
ATOM   203 C CG  . LEU A 1 26  ? -6.656  -5.346  -4.666  1.00 53.77  ? 1819 LEU A CG  1 
ATOM   204 C CD1 . LEU A 1 26  ? -7.659  -5.684  -5.772  1.00 47.80  ? 1819 LEU A CD1 1 
ATOM   205 C CD2 . LEU A 1 26  ? -7.071  -4.099  -3.929  1.00 54.14  ? 1819 LEU A CD2 1 
ATOM   206 N N   . GLU A 1 27  ? -4.538  -8.295  -1.571  1.00 58.64  ? 1820 GLU A N   1 
ATOM   207 C CA  . GLU A 1 27  ? -4.415  -9.242  -0.471  1.00 64.34  ? 1820 GLU A CA  1 
ATOM   208 C C   . GLU A 1 27  ? -2.937  -9.519  -0.224  1.00 60.92  ? 1820 GLU A C   1 
ATOM   209 O O   . GLU A 1 27  ? -2.106  -9.298  -1.113  1.00 59.76  ? 1820 GLU A O   1 
ATOM   210 C CB  . GLU A 1 27  ? -5.185  -10.537 -0.775  1.00 63.61  ? 1820 GLU A CB  1 
ATOM   211 C CG  . GLU A 1 27  ? -4.591  -11.385 -1.902  1.00 72.12  ? 1820 GLU A CG  1 
ATOM   212 C CD  . GLU A 1 27  ? -5.608  -12.354 -2.513  1.00 86.70  ? 1820 GLU A CD  1 
ATOM   213 O OE1 . GLU A 1 27  ? -5.180  -13.345 -3.155  1.00 84.04  ? 1820 GLU A OE1 1 
ATOM   214 O OE2 . GLU A 1 27  ? -6.832  -12.118 -2.346  1.00 85.31  ? 1820 GLU A OE2 1 
ATOM   215 N N   . PRO A 1 28  ? -2.582  -9.969  0.986   1.00 58.14  ? 1821 PRO A N   1 
ATOM   216 C CA  . PRO A 1 28  ? -1.177  -10.294 1.294   1.00 54.70  ? 1821 PRO A CA  1 
ATOM   217 C C   . PRO A 1 28  ? -0.556  -11.233 0.283   1.00 50.77  ? 1821 PRO A C   1 
ATOM   218 O O   . PRO A 1 28  ? -1.206  -12.136 -0.240  1.00 62.43  ? 1821 PRO A O   1 
ATOM   219 C CB  . PRO A 1 28  ? -1.258  -10.978 2.663   1.00 50.52  ? 1821 PRO A CB  1 
ATOM   220 C CG  . PRO A 1 28  ? -2.509  -10.490 3.282   1.00 57.32  ? 1821 PRO A CG  1 
ATOM   221 C CD  . PRO A 1 28  ? -3.461  -10.140 2.157   1.00 65.44  ? 1821 PRO A CD  1 
ATOM   222 N N   . VAL A 1 29  ? 0.731   -11.018 0.016   1.00 47.73  ? 1822 VAL A N   1 
ATOM   223 C CA  . VAL A 1 29  ? 1.489   -11.966 -0.791  1.00 54.17  ? 1822 VAL A CA  1 
ATOM   224 C C   . VAL A 1 29  ? 1.507   -13.319 -0.090  1.00 57.34  ? 1822 VAL A C   1 
ATOM   225 O O   . VAL A 1 29  ? 1.638   -13.402 1.140   1.00 54.97  ? 1822 VAL A O   1 
ATOM   226 C CB  . VAL A 1 29  ? 2.918   -11.443 -1.019  1.00 59.26  ? 1822 VAL A CB  1 
ATOM   227 C CG1 . VAL A 1 29  ? 3.836   -12.542 -1.519  1.00 46.90  ? 1822 VAL A CG1 1 
ATOM   228 C CG2 . VAL A 1 29  ? 2.917   -10.247 -1.977  1.00 55.12  ? 1822 VAL A CG2 1 
ATOM   229 N N   . ASN A 1 30  ? 1.364   -14.392 -0.865  1.00 62.61  ? 1823 ASN A N   1 
ATOM   230 C CA  . ASN A 1 30  ? 1.434   -15.742 -0.312  1.00 52.94  ? 1823 ASN A CA  1 
ATOM   231 C C   . ASN A 1 30  ? 2.856   -16.255 -0.420  1.00 54.09  ? 1823 ASN A C   1 
ATOM   232 O O   . ASN A 1 30  ? 3.296   -16.609 -1.528  1.00 53.93  ? 1823 ASN A O   1 
ATOM   233 C CB  . ASN A 1 30  ? 0.497   -16.674 -1.048  1.00 56.55  ? 1823 ASN A CB  1 
ATOM   234 C CG  . ASN A 1 30  ? 0.186   -17.934 -0.259  1.00 64.91  ? 1823 ASN A CG  1 
ATOM   235 O OD1 . ASN A 1 30  ? 1.032   -18.467 0.469   1.00 67.01  ? 1823 ASN A OD1 1 
ATOM   236 N ND2 . ASN A 1 30  ? -1.042  -18.419 -0.398  1.00 75.06  ? 1823 ASN A ND2 1 
ATOM   237 N N   . PRO A 1 31  ? 3.603   -16.351 0.684   1.00 56.68  ? 1824 PRO A N   1 
ATOM   238 C CA  . PRO A 1 31  ? 5.000   -16.801 0.577   1.00 54.41  ? 1824 PRO A CA  1 
ATOM   239 C C   . PRO A 1 31  ? 5.126   -18.261 0.184   1.00 55.17  ? 1824 PRO A C   1 
ATOM   240 O O   . PRO A 1 31  ? 6.161   -18.653 -0.369  1.00 52.70  ? 1824 PRO A O   1 
ATOM   241 C CB  . PRO A 1 31  ? 5.561   -16.530 1.974   1.00 48.99  ? 1824 PRO A CB  1 
ATOM   242 C CG  . PRO A 1 31  ? 4.359   -16.559 2.857   1.00 53.14  ? 1824 PRO A CG  1 
ATOM   243 C CD  . PRO A 1 31  ? 3.205   -16.062 2.074   1.00 52.12  ? 1824 PRO A CD  1 
ATOM   244 N N   . ARG A 1 32  ? 4.092   -19.074 0.424   1.00 56.30  ? 1825 ARG A N   1 
ATOM   245 C CA  . ARG A 1 32  ? 4.096   -20.444 -0.082  1.00 57.43  ? 1825 ARG A CA  1 
ATOM   246 C C   . ARG A 1 32  ? 4.158   -20.467 -1.590  1.00 57.57  ? 1825 ARG A C   1 
ATOM   247 O O   . ARG A 1 32  ? 4.655   -21.435 -2.177  1.00 57.61  ? 1825 ARG A O   1 
ATOM   248 C CB  . ARG A 1 32  ? 2.845   -21.191 0.364   1.00 59.13  ? 1825 ARG A CB  1 
ATOM   249 C CG  . ARG A 1 32  ? 2.864   -21.667 1.784   1.00 56.17  ? 1825 ARG A CG  1 
ATOM   250 C CD  . ARG A 1 32  ? 1.511   -22.237 2.150   1.00 62.09  ? 1825 ARG A CD  1 
ATOM   251 N NE  . ARG A 1 32  ? 1.427   -22.547 3.572   1.00 64.80  ? 1825 ARG A NE  1 
ATOM   252 C CZ  . ARG A 1 32  ? 0.341   -23.020 4.174   1.00 65.21  ? 1825 ARG A CZ  1 
ATOM   253 N NH1 . ARG A 1 32  ? -0.766  -23.242 3.472   1.00 61.95  ? 1825 ARG A NH1 1 
ATOM   254 N NH2 . ARG A 1 32  ? 0.367   -23.272 5.480   1.00 61.09  ? 1825 ARG A NH2 1 
ATOM   255 N N   . LEU A 1 33  ? 3.647   -19.419 -2.238  1.00 66.25  ? 1826 LEU A N   1 
ATOM   256 C CA  . LEU A 1 33  ? 3.558   -19.377 -3.690  1.00 60.65  ? 1826 LEU A CA  1 
ATOM   257 C C   . LEU A 1 33  ? 4.707   -18.637 -4.355  1.00 60.11  ? 1826 LEU A C   1 
ATOM   258 O O   . LEU A 1 33  ? 4.984   -18.908 -5.526  1.00 65.78  ? 1826 LEU A O   1 
ATOM   259 C CB  . LEU A 1 33  ? 2.226   -18.752 -4.123  1.00 62.08  ? 1826 LEU A CB  1 
ATOM   260 C CG  . LEU A 1 33  ? 1.037   -19.647 -3.727  1.00 66.43  ? 1826 LEU A CG  1 
ATOM   261 C CD1 . LEU A 1 33  ? -0.300  -18.918 -3.737  1.00 66.92  ? 1826 LEU A CD1 1 
ATOM   262 C CD2 . LEU A 1 33  ? 0.977   -20.864 -4.629  1.00 65.69  ? 1826 LEU A CD2 1 
ATOM   263 N N   . VAL A 1 34  ? 5.412   -17.739 -3.669  1.00 57.79  ? 1827 VAL A N   1 
ATOM   264 C CA  . VAL A 1 34  ? 6.476   -16.989 -4.341  1.00 66.51  ? 1827 VAL A CA  1 
ATOM   265 C C   . VAL A 1 34  ? 7.809   -17.234 -3.647  1.00 57.73  ? 1827 VAL A C   1 
ATOM   266 O O   . VAL A 1 34  ? 8.013   -16.844 -2.489  1.00 56.10  ? 1827 VAL A O   1 
ATOM   267 C CB  . VAL A 1 34  ? 6.162   -15.483 -4.468  1.00 57.30  ? 1827 VAL A CB  1 
ATOM   268 C CG1 . VAL A 1 34  ? 5.682   -14.932 -3.172  1.00 66.59  ? 1827 VAL A CG1 1 
ATOM   269 C CG2 . VAL A 1 34  ? 7.402   -14.736 -4.939  1.00 52.43  ? 1827 VAL A CG2 1 
ATOM   270 N N   . SER A 1 35  ? 8.721   -17.852 -4.388  1.00 58.26  ? 1828 SER A N   1 
ATOM   271 C CA  . SER A 1 35  ? 10.028  -18.211 -3.879  1.00 60.90  ? 1828 SER A CA  1 
ATOM   272 C C   . SER A 1 35  ? 10.787  -16.987 -3.387  1.00 61.17  ? 1828 SER A C   1 
ATOM   273 O O   . SER A 1 35  ? 10.952  -16.004 -4.116  1.00 64.90  ? 1828 SER A O   1 
ATOM   274 C CB  . SER A 1 35  ? 10.819  -18.912 -4.981  1.00 68.31  ? 1828 SER A CB  1 
ATOM   275 O OG  . SER A 1 35  ? 12.151  -19.157 -4.574  1.00 80.38  ? 1828 SER A OG  1 
ATOM   276 N N   . GLY A 1 36  ? 11.263  -17.058 -2.149  1.00 61.47  ? 1829 GLY A N   1 
ATOM   277 C CA  . GLY A 1 36  ? 12.153  -16.060 -1.604  1.00 55.55  ? 1829 GLY A CA  1 
ATOM   278 C C   . GLY A 1 36  ? 11.483  -14.912 -0.882  1.00 54.04  ? 1829 GLY A C   1 
ATOM   279 O O   . GLY A 1 36  ? 12.194  -14.055 -0.337  1.00 52.28  ? 1829 GLY A O   1 
ATOM   280 N N   . TYR A 1 37  ? 10.148  -14.863 -0.837  1.00 48.96  ? 1830 TYR A N   1 
ATOM   281 C CA  . TYR A 1 37  ? 9.496   -13.653 -0.337  1.00 57.61  ? 1830 TYR A CA  1 
ATOM   282 C C   . TYR A 1 37  ? 9.759   -13.451 1.146   1.00 54.57  ? 1830 TYR A C   1 
ATOM   283 O O   . TYR A 1 37  ? 10.027  -12.325 1.594   1.00 49.80  ? 1830 TYR A O   1 
ATOM   284 C CB  . TYR A 1 37  ? 7.990   -13.682 -0.603  1.00 50.51  ? 1830 TYR A CB  1 
ATOM   285 C CG  . TYR A 1 37  ? 7.375   -12.324 -0.461  1.00 50.50  ? 1830 TYR A CG  1 
ATOM   286 C CD1 . TYR A 1 37  ? 7.498   -11.380 -1.473  1.00 55.07  ? 1830 TYR A CD1 1 
ATOM   287 C CD2 . TYR A 1 37  ? 6.678   -11.969 0.683   1.00 51.74  ? 1830 TYR A CD2 1 
ATOM   288 C CE1 . TYR A 1 37  ? 6.944   -10.125 -1.348  1.00 51.57  ? 1830 TYR A CE1 1 
ATOM   289 C CE2 . TYR A 1 37  ? 6.115   -10.712 0.820   1.00 47.92  ? 1830 TYR A CE2 1 
ATOM   290 C CZ  . TYR A 1 37  ? 6.254   -9.789  -0.199  1.00 53.24  ? 1830 TYR A CZ  1 
ATOM   291 O OH  . TYR A 1 37  ? 5.695   -8.518  -0.085  1.00 54.14  ? 1830 TYR A OH  1 
ATOM   292 N N   . ARG A 1 38  ? 9.670   -14.528 1.929   1.00 51.57  ? 1831 ARG A N   1 
ATOM   293 C CA  . ARG A 1 38  ? 9.737   -14.351 3.368   1.00 48.48  ? 1831 ARG A CA  1 
ATOM   294 C C   . ARG A 1 38  ? 11.165  -14.048 3.811   1.00 49.05  ? 1831 ARG A C   1 
ATOM   295 O O   . ARG A 1 38  ? 11.367  -13.310 4.785   1.00 45.62  ? 1831 ARG A O   1 
ATOM   296 C CB  . ARG A 1 38  ? 9.124   -15.583 4.051   1.00 58.21  ? 1831 ARG A CB  1 
ATOM   297 C CG  . ARG A 1 38  ? 10.084  -16.611 4.670   1.00 59.03  ? 1831 ARG A CG  1 
ATOM   298 C CD  . ARG A 1 38  ? 9.387   -17.528 5.708   1.00 52.38  ? 1831 ARG A CD  1 
ATOM   299 N NE  . ARG A 1 38  ? 8.327   -18.391 5.165   1.00 57.74  ? 1831 ARG A NE  1 
ATOM   300 C CZ  . ARG A 1 38  ? 7.042   -18.368 5.534   1.00 60.25  ? 1831 ARG A CZ  1 
ATOM   301 N NH1 . ARG A 1 38  ? 6.171   -19.214 4.977   1.00 56.63  ? 1831 ARG A NH1 1 
ATOM   302 N NH2 . ARG A 1 38  ? 6.622   -17.526 6.474   1.00 58.62  ? 1831 ARG A NH2 1 
ATOM   303 N N   . ARG A 1 39  ? 12.156  -14.557 3.066   1.00 46.66  ? 1832 ARG A N   1 
ATOM   304 C CA  . ARG A 1 39  ? 13.558  -14.210 3.298   1.00 47.65  ? 1832 ARG A CA  1 
ATOM   305 C C   . ARG A 1 39  ? 13.810  -12.709 3.141   1.00 51.45  ? 1832 ARG A C   1 
ATOM   306 O O   . ARG A 1 39  ? 14.530  -12.103 3.946   1.00 44.68  ? 1832 ARG A O   1 
ATOM   307 C CB  . ARG A 1 39  ? 14.443  -14.996 2.323   1.00 48.23  ? 1832 ARG A CB  1 
ATOM   308 C CG  . ARG A 1 39  ? 15.778  -15.471 2.879   1.00 55.18  ? 1832 ARG A CG  1 
ATOM   309 C CD  . ARG A 1 39  ? 16.852  -15.807 1.787   1.00 58.40  ? 1832 ARG A CD  1 
ATOM   310 N NE  . ARG A 1 39  ? 16.328  -16.298 0.505   1.00 60.26  ? 1832 ARG A NE  1 
ATOM   311 C CZ  . ARG A 1 39  ? 16.460  -15.656 -0.671  1.00 71.34  ? 1832 ARG A CZ  1 
ATOM   312 N NH1 . ARG A 1 39  ? 17.089  -14.488 -0.737  1.00 65.45  ? 1832 ARG A NH1 1 
ATOM   313 N NH2 . ARG A 1 39  ? 15.955  -16.168 -1.798  1.00 66.68  ? 1832 ARG A NH2 1 
ATOM   314 N N   . ILE A 1 40  ? 13.217  -12.086 2.114   1.00 53.84  ? 1833 ILE A N   1 
ATOM   315 C CA  . ILE A 1 40  ? 13.580  -10.721 1.722   1.00 47.38  ? 1833 ILE A CA  1 
ATOM   316 C C   . ILE A 1 40  ? 12.666  -9.677  2.350   1.00 47.42  ? 1833 ILE A C   1 
ATOM   317 O O   . ILE A 1 40  ? 13.128  -8.632  2.820   1.00 47.89  ? 1833 ILE A O   1 
ATOM   318 C CB  . ILE A 1 40  ? 13.579  -10.596 0.192   1.00 48.21  ? 1833 ILE A CB  1 
ATOM   319 C CG1 . ILE A 1 40  ? 14.679  -11.471 -0.407  1.00 46.20  ? 1833 ILE A CG1 1 
ATOM   320 C CG2 . ILE A 1 40  ? 13.739  -9.113  -0.216  1.00 48.88  ? 1833 ILE A CG2 1 
ATOM   321 C CD1 . ILE A 1 40  ? 14.549  -11.685 -1.900  1.00 47.04  ? 1833 ILE A CD1 1 
ATOM   322 N N   . ILE A 1 41  ? 11.363  -9.888  2.351   1.00 44.62  ? 1834 ILE A N   1 
ATOM   323 C CA  . ILE A 1 41  ? 10.441  -8.852  2.786   1.00 49.60  ? 1834 ILE A CA  1 
ATOM   324 C C   . ILE A 1 41  ? 10.138  -9.115  4.255   1.00 48.76  ? 1834 ILE A C   1 
ATOM   325 O O   . ILE A 1 41  ? 9.350   -10.003 4.592   1.00 47.50  ? 1834 ILE A O   1 
ATOM   326 C CB  . ILE A 1 41  ? 9.178   -8.800  1.922   1.00 44.06  ? 1834 ILE A CB  1 
ATOM   327 C CG1 . ILE A 1 41  ? 9.542   -8.280  0.535   1.00 44.73  ? 1834 ILE A CG1 1 
ATOM   328 C CG2 . ILE A 1 41  ? 8.149   -7.882  2.555   1.00 44.76  ? 1834 ILE A CG2 1 
ATOM   329 C CD1 . ILE A 1 41  ? 10.365  -7.008  0.604   1.00 43.55  ? 1834 ILE A CD1 1 
ATOM   330 N N   . LYS A 1 42  ? 10.733  -8.307  5.131   1.00 45.67  ? 1835 LYS A N   1 
ATOM   331 C CA  . LYS A 1 42  ? 10.584  -8.571  6.549   1.00 49.57  ? 1835 LYS A CA  1 
ATOM   332 C C   . LYS A 1 42  ? 9.282   -8.035  7.150   1.00 48.58  ? 1835 LYS A C   1 
ATOM   333 O O   . LYS A 1 42  ? 8.816   -8.586  8.157   1.00 50.61  ? 1835 LYS A O   1 
ATOM   334 C CB  . LYS A 1 42  ? 11.822  -8.053  7.275   1.00 48.22  ? 1835 LYS A CB  1 
ATOM   335 C CG  . LYS A 1 42  ? 12.870  -9.177  7.370   1.00 55.20  ? 1835 LYS A CG  1 
ATOM   336 C CD  . LYS A 1 42  ? 12.258  -10.456 8.009   1.00 55.46  ? 1835 LYS A CD  1 
ATOM   337 C CE  . LYS A 1 42  ? 13.017  -11.760 7.668   1.00 64.75  ? 1835 LYS A CE  1 
ATOM   338 N NZ  . LYS A 1 42  ? 12.769  -12.877 8.685   1.00 60.83  ? 1835 LYS A NZ  1 
ATOM   339 N N   . ASN A 1 43  ? 8.650   -7.031  6.544   1.00 49.73  ? 1836 ASN A N   1 
ATOM   340 C CA  . ASN A 1 43  ? 7.370   -6.502  7.018   1.00 47.76  ? 1836 ASN A CA  1 
ATOM   341 C C   . ASN A 1 43  ? 6.414   -6.373  5.840   1.00 56.48  ? 1836 ASN A C   1 
ATOM   342 O O   . ASN A 1 43  ? 6.228   -5.275  5.289   1.00 44.62  ? 1836 ASN A O   1 
ATOM   343 C CB  . ASN A 1 43  ? 7.533   -5.154  7.720   1.00 46.40  ? 1836 ASN A CB  1 
ATOM   344 C CG  . ASN A 1 43  ? 8.548   -5.195  8.829   1.00 56.25  ? 1836 ASN A CG  1 
ATOM   345 O OD1 . ASN A 1 43  ? 9.421   -4.329  8.916   1.00 60.51  ? 1836 ASN A OD1 1 
ATOM   346 N ND2 . ASN A 1 43  ? 8.466   -6.225  9.675   1.00 57.60  ? 1836 ASN A ND2 1 
ATOM   347 N N   . PRO A 1 44  ? 5.787   -7.471  5.425   1.00 56.06  ? 1837 PRO A N   1 
ATOM   348 C CA  . PRO A 1 44  ? 4.816   -7.393  4.331   1.00 46.11  ? 1837 PRO A CA  1 
ATOM   349 C C   . PRO A 1 44  ? 3.693   -6.433  4.668   1.00 48.08  ? 1837 PRO A C   1 
ATOM   350 O O   . PRO A 1 44  ? 3.439   -6.111  5.829   1.00 51.35  ? 1837 PRO A O   1 
ATOM   351 C CB  . PRO A 1 44  ? 4.304   -8.832  4.208   1.00 55.79  ? 1837 PRO A CB  1 
ATOM   352 C CG  . PRO A 1 44  ? 4.636   -9.457  5.537   1.00 47.84  ? 1837 PRO A CG  1 
ATOM   353 C CD  . PRO A 1 44  ? 5.945   -8.846  5.915   1.00 45.66  ? 1837 PRO A CD  1 
ATOM   354 N N   . MET A 1 45  ? 3.019   -5.958  3.624   1.00 52.75  ? 1838 MET A N   1 
ATOM   355 C CA  . MET A 1 45  ? 1.937   -5.013  3.824   1.00 48.21  ? 1838 MET A CA  1 
ATOM   356 C C   . MET A 1 45  ? 1.094   -4.992  2.561   1.00 48.16  ? 1838 MET A C   1 
ATOM   357 O O   . MET A 1 45  ? 1.596   -5.228  1.456   1.00 48.02  ? 1838 MET A O   1 
ATOM   358 C CB  . MET A 1 45  ? 2.482   -3.623  4.175   1.00 45.01  ? 1838 MET A CB  1 
ATOM   359 C CG  . MET A 1 45  ? 1.421   -2.591  4.483   1.00 48.90  ? 1838 MET A CG  1 
ATOM   360 S SD  . MET A 1 45  ? 0.196   -3.145  5.677   1.00 53.13  ? 1838 MET A SD  1 
ATOM   361 C CE  . MET A 1 45  ? 1.240   -3.427  7.096   1.00 51.46  ? 1838 MET A CE  1 
ATOM   362 N N   . ASP A 1 46  ? -0.199  -4.758  2.737   1.00 47.73  ? 1839 ASP A N   1 
ATOM   363 C CA  . ASP A 1 46  ? -1.094  -4.757  1.596   1.00 57.18  ? 1839 ASP A CA  1 
ATOM   364 C C   . ASP A 1 46  ? -2.312  -3.895  1.917   1.00 60.14  ? 1839 ASP A C   1 
ATOM   365 O O   . ASP A 1 46  ? -2.526  -3.480  3.062   1.00 58.97  ? 1839 ASP A O   1 
ATOM   366 C CB  . ASP A 1 46  ? -1.490  -6.182  1.220   1.00 57.04  ? 1839 ASP A CB  1 
ATOM   367 C CG  . ASP A 1 46  ? -2.471  -6.786  2.198   1.00 61.48  ? 1839 ASP A CG  1 
ATOM   368 O OD1 . ASP A 1 46  ? -2.054  -7.355  3.231   1.00 70.00  ? 1839 ASP A OD1 1 
ATOM   369 O OD2 . ASP A 1 46  ? -3.683  -6.672  1.940   1.00 69.32  ? 1839 ASP A OD2 1 
ATOM   370 N N   . PHE A 1 47  ? -3.121  -3.629  0.888   1.00 52.32  ? 1840 PHE A N   1 
ATOM   371 C CA  . PHE A 1 47  ? -4.265  -2.746  1.090   1.00 53.80  ? 1840 PHE A CA  1 
ATOM   372 C C   . PHE A 1 47  ? -5.308  -3.351  2.026   1.00 55.26  ? 1840 PHE A C   1 
ATOM   373 O O   . PHE A 1 47  ? -5.965  -2.613  2.766   1.00 53.17  ? 1840 PHE A O   1 
ATOM   374 C CB  . PHE A 1 47  ? -4.900  -2.391  -0.255  1.00 55.74  ? 1840 PHE A CB  1 
ATOM   375 C CG  . PHE A 1 47  ? -4.003  -1.587  -1.141  1.00 57.13  ? 1840 PHE A CG  1 
ATOM   376 C CD1 . PHE A 1 47  ? -3.029  -0.768  -0.591  1.00 56.05  ? 1840 PHE A CD1 1 
ATOM   377 C CD2 . PHE A 1 47  ? -4.123  -1.655  -2.517  1.00 59.38  ? 1840 PHE A CD2 1 
ATOM   378 C CE1 . PHE A 1 47  ? -2.187  -0.034  -1.385  1.00 53.96  ? 1840 PHE A CE1 1 
ATOM   379 C CE2 . PHE A 1 47  ? -3.295  -0.901  -3.332  1.00 63.79  ? 1840 PHE A CE2 1 
ATOM   380 C CZ  . PHE A 1 47  ? -2.317  -0.092  -2.760  1.00 63.64  ? 1840 PHE A CZ  1 
ATOM   381 N N   . SER A 1 48  ? -5.492  -4.676  2.007   1.00 56.54  ? 1841 SER A N   1 
ATOM   382 C CA  . SER A 1 48  ? -6.509  -5.275  2.875   1.00 57.41  ? 1841 SER A CA  1 
ATOM   383 C C   . SER A 1 48  ? -6.098  -5.215  4.343   1.00 58.27  ? 1841 SER A C   1 
ATOM   384 O O   . SER A 1 48  ? -6.944  -4.980  5.212   1.00 59.53  ? 1841 SER A O   1 
ATOM   385 C CB  . SER A 1 48  ? -6.791  -6.715  2.458   1.00 50.29  ? 1841 SER A CB  1 
ATOM   386 O OG  . SER A 1 48  ? -5.866  -7.593  3.076   1.00 64.96  ? 1841 SER A OG  1 
ATOM   387 N N   . THR A 1 49  ? -4.806  -5.435  4.636   1.00 54.18  ? 1842 THR A N   1 
ATOM   388 C CA  . THR A 1 49  ? -4.274  -5.192  5.975   1.00 53.18  ? 1842 THR A CA  1 
ATOM   389 C C   . THR A 1 49  ? -4.486  -3.743  6.397   1.00 53.21  ? 1842 THR A C   1 
ATOM   390 O O   . THR A 1 49  ? -4.906  -3.463  7.527   1.00 53.63  ? 1842 THR A O   1 
ATOM   391 C CB  . THR A 1 49  ? -2.782  -5.541  6.020   1.00 58.78  ? 1842 THR A CB  1 
ATOM   392 O OG1 . THR A 1 49  ? -2.571  -6.817  5.412   1.00 58.25  ? 1842 THR A OG1 1 
ATOM   393 C CG2 . THR A 1 49  ? -2.278  -5.606  7.459   1.00 49.82  ? 1842 THR A CG2 1 
ATOM   394 N N   . MET A 1 50  ? -4.206  -2.800  5.494   1.00 57.30  ? 1843 MET A N   1 
ATOM   395 C CA  . MET A 1 50  ? -4.430  -1.395  5.816   1.00 54.59  ? 1843 MET A CA  1 
ATOM   396 C C   . MET A 1 50  ? -5.902  -1.122  6.086   1.00 56.15  ? 1843 MET A C   1 
ATOM   397 O O   . MET A 1 50  ? -6.242  -0.326  6.969   1.00 60.44  ? 1843 MET A O   1 
ATOM   398 C CB  . MET A 1 50  ? -3.908  -0.511  4.689   1.00 54.48  ? 1843 MET A CB  1 
ATOM   399 C CG  . MET A 1 50  ? -2.418  -0.256  4.766   1.00 55.52  ? 1843 MET A CG  1 
ATOM   400 S SD  . MET A 1 50  ? -1.741  0.414   3.238   1.00 58.17  ? 1843 MET A SD  1 
ATOM   401 C CE  . MET A 1 50  ? -2.482  2.043   3.211   1.00 54.68  ? 1843 MET A CE  1 
ATOM   402 N N   . ARG A 1 51  ? -6.791  -1.792  5.354   1.00 55.52  ? 1844 ARG A N   1 
ATOM   403 C CA  . ARG A 1 51  ? -8.226  -1.586  5.530   1.00 60.41  ? 1844 ARG A CA  1 
ATOM   404 C C   . ARG A 1 51  ? -8.692  -2.142  6.870   1.00 63.67  ? 1844 ARG A C   1 
ATOM   405 O O   . ARG A 1 51  ? -9.409  -1.462  7.619   1.00 67.74  ? 1844 ARG A O   1 
ATOM   406 C CB  . ARG A 1 51  ? -8.983  -2.235  4.368   1.00 61.45  ? 1844 ARG A CB  1 
ATOM   407 C CG  . ARG A 1 51  ? -10.477 -2.380  4.574   1.00 63.35  ? 1844 ARG A CG  1 
ATOM   408 C CD  . ARG A 1 51  ? -11.194 -1.042  4.508   1.00 65.40  ? 1844 ARG A CD  1 
ATOM   409 N NE  . ARG A 1 51  ? -11.061 -0.383  3.209   1.00 57.27  ? 1844 ARG A NE  1 
ATOM   410 C CZ  . ARG A 1 51  ? -11.243 0.918   3.037   1.00 63.08  ? 1844 ARG A CZ  1 
ATOM   411 N NH1 . ARG A 1 51  ? -11.560 1.663   4.088   1.00 61.70  ? 1844 ARG A NH1 1 
ATOM   412 N NH2 . ARG A 1 51  ? -11.111 1.473   1.834   1.00 62.09  ? 1844 ARG A NH2 1 
ATOM   413 N N   . GLU A 1 52  ? -8.275  -3.373  7.194   1.00 60.61  ? 1845 GLU A N   1 
ATOM   414 C CA  . GLU A 1 52  ? -8.542  -3.934  8.515   1.00 61.59  ? 1845 GLU A CA  1 
ATOM   415 C C   . GLU A 1 52  ? -8.100  -2.977  9.608   1.00 63.38  ? 1845 GLU A C   1 
ATOM   416 O O   . GLU A 1 52  ? -8.867  -2.665  10.529  1.00 65.86  ? 1845 GLU A O   1 
ATOM   417 C CB  . GLU A 1 52  ? -7.823  -5.274  8.690   1.00 63.28  ? 1845 GLU A CB  1 
ATOM   418 C CG  . GLU A 1 52  ? -8.227  -6.373  7.707   1.00 72.73  ? 1845 GLU A CG  1 
ATOM   419 C CD  . GLU A 1 52  ? -7.421  -7.685  7.869   1.00 78.41  ? 1845 GLU A CD  1 
ATOM   420 O OE1 . GLU A 1 52  ? -7.629  -8.602  7.035   1.00 84.54  ? 1845 GLU A OE1 1 
ATOM   421 O OE2 . GLU A 1 52  ? -6.594  -7.809  8.813   1.00 75.58  ? 1845 GLU A OE2 1 
ATOM   422 N N   . ARG A 1 53  ? -6.854  -2.501  9.527   1.00 62.61  ? 1846 ARG A N   1 
ATOM   423 C CA  . ARG A 1 53  ? -6.354  -1.657  10.605  1.00 59.35  ? 1846 ARG A CA  1 
ATOM   424 C C   . ARG A 1 53  ? -7.113  -0.344  10.672  1.00 63.45  ? 1846 ARG A C   1 
ATOM   425 O O   . ARG A 1 53  ? -7.394  0.147   11.769  1.00 67.05  ? 1846 ARG A O   1 
ATOM   426 C CB  . ARG A 1 53  ? -4.856  -1.401  10.446  1.00 60.17  ? 1846 ARG A CB  1 
ATOM   427 C CG  . ARG A 1 53  ? -4.318  -0.446  11.487  1.00 62.19  ? 1846 ARG A CG  1 
ATOM   428 C CD  . ARG A 1 53  ? -2.830  -0.611  11.726  1.00 68.08  ? 1846 ARG A CD  1 
ATOM   429 N NE  . ARG A 1 53  ? -2.292  0.562   12.420  1.00 77.37  ? 1846 ARG A NE  1 
ATOM   430 C CZ  . ARG A 1 53  ? -1.022  0.950   12.360  1.00 78.75  ? 1846 ARG A CZ  1 
ATOM   431 N NH1 . ARG A 1 53  ? -0.153  0.252   11.634  1.00 77.71  ? 1846 ARG A NH1 1 
ATOM   432 N NH2 . ARG A 1 53  ? -0.620  2.034   13.019  1.00 73.55  ? 1846 ARG A NH2 1 
ATOM   433 N N   . LEU A 1 54  ? -7.480  0.217   9.517   1.00 64.80  ? 1847 LEU A N   1 
ATOM   434 C CA  . LEU A 1 54  ? -8.198  1.487   9.502   1.00 62.21  ? 1847 LEU A CA  1 
ATOM   435 C C   . LEU A 1 54  ? -9.568  1.350   10.155  1.00 63.01  ? 1847 LEU A C   1 
ATOM   436 O O   . LEU A 1 54  ? -9.907  2.119   11.061  1.00 67.06  ? 1847 LEU A O   1 
ATOM   437 C CB  . LEU A 1 54  ? -8.315  2.005   8.067   1.00 58.89  ? 1847 LEU A CB  1 
ATOM   438 C CG  . LEU A 1 54  ? -8.753  3.459   7.888   1.00 60.72  ? 1847 LEU A CG  1 
ATOM   439 C CD1 . LEU A 1 54  ? -7.989  4.378   8.824   1.00 62.25  ? 1847 LEU A CD1 1 
ATOM   440 C CD2 . LEU A 1 54  ? -8.607  3.912   6.435   1.00 63.76  ? 1847 LEU A CD2 1 
ATOM   441 N N   . LEU A 1 55  ? -10.361 0.354   9.731   1.00 61.24  ? 1848 LEU A N   1 
ATOM   442 C CA  . LEU A 1 55  ? -11.678 0.153   10.341  1.00 65.14  ? 1848 LEU A CA  1 
ATOM   443 C C   . LEU A 1 55  ? -11.567 -0.161  11.831  1.00 73.69  ? 1848 LEU A C   1 
ATOM   444 O O   . LEU A 1 55  ? -12.399 0.290   12.632  1.00 79.09  ? 1848 LEU A O   1 
ATOM   445 C CB  . LEU A 1 55  ? -12.451 -0.968  9.643   1.00 62.48  ? 1848 LEU A CB  1 
ATOM   446 C CG  . LEU A 1 55  ? -12.566 -0.981  8.120   1.00 67.97  ? 1848 LEU A CG  1 
ATOM   447 C CD1 . LEU A 1 55  ? -12.924 -2.370  7.630   1.00 55.89  ? 1848 LEU A CD1 1 
ATOM   448 C CD2 . LEU A 1 55  ? -13.576 0.069   7.608   1.00 68.53  ? 1848 LEU A CD2 1 
ATOM   449 N N   . ARG A 1 56  ? -10.540 -0.926  12.226  1.00 67.99  ? 1849 ARG A N   1 
ATOM   450 C CA  . ARG A 1 56  ? -10.346 -1.256  13.633  1.00 66.66  ? 1849 ARG A CA  1 
ATOM   451 C C   . ARG A 1 56  ? -10.099 -0.030  14.495  1.00 69.31  ? 1849 ARG A C   1 
ATOM   452 O O   . ARG A 1 56  ? -10.300 -0.095  15.708  1.00 76.78  ? 1849 ARG A O   1 
ATOM   453 C CB  . ARG A 1 56  ? -9.168  -2.211  13.768  1.00 70.44  ? 1849 ARG A CB  1 
ATOM   454 C CG  . ARG A 1 56  ? -9.543  -3.649  13.835  1.00 61.32  ? 1849 ARG A CG  1 
ATOM   455 C CD  . ARG A 1 56  ? -9.538  -4.079  15.280  1.00 75.06  ? 1849 ARG A CD  1 
ATOM   456 N NE  . ARG A 1 56  ? -8.314  -4.785  15.662  1.00 75.46  ? 1849 ARG A NE  1 
ATOM   457 C CZ  . ARG A 1 56  ? -8.015  -5.093  16.919  1.00 78.21  ? 1849 ARG A CZ  1 
ATOM   458 N NH1 . ARG A 1 56  ? -6.887  -5.741  17.213  1.00 78.31  ? 1849 ARG A NH1 1 
ATOM   459 N NH2 . ARG A 1 56  ? -8.861  -4.752  17.884  1.00 78.40  ? 1849 ARG A NH2 1 
ATOM   460 N N   . GLY A 1 57  ? -9.650  1.076   13.909  1.00 70.26  ? 1850 GLY A N   1 
ATOM   461 C CA  . GLY A 1 57  ? -9.321  2.266   14.663  1.00 77.34  ? 1850 GLY A CA  1 
ATOM   462 C C   . GLY A 1 57  ? -7.842  2.464   14.943  1.00 79.02  ? 1850 GLY A C   1 
ATOM   463 O O   . GLY A 1 57  ? -7.469  3.520   15.476  1.00 87.52  ? 1850 GLY A O   1 
ATOM   464 N N   . GLY A 1 58  ? -6.991  1.506   14.560  1.00 67.68  ? 1851 GLY A N   1 
ATOM   465 C CA  . GLY A 1 58  ? -5.581  1.431   14.914  1.00 73.18  ? 1851 GLY A CA  1 
ATOM   466 C C   . GLY A 1 58  ? -4.642  2.459   14.291  1.00 77.65  ? 1851 GLY A C   1 
ATOM   467 O O   . GLY A 1 58  ? -3.439  2.382   14.559  1.00 78.02  ? 1851 GLY A O   1 
ATOM   468 N N   . TYR A 1 59  ? -5.120  3.405   13.482  1.00 69.77  ? 1852 TYR A N   1 
ATOM   469 C CA  . TYR A 1 59  ? -4.272  4.480   12.983  1.00 69.95  ? 1852 TYR A CA  1 
ATOM   470 C C   . TYR A 1 59  ? -4.532  5.732   13.805  1.00 80.51  ? 1852 TYR A C   1 
ATOM   471 O O   . TYR A 1 59  ? -5.640  6.279   13.775  1.00 87.58  ? 1852 TYR A O   1 
ATOM   472 C CB  . TYR A 1 59  ? -4.525  4.775   11.505  1.00 72.12  ? 1852 TYR A CB  1 
ATOM   473 C CG  . TYR A 1 59  ? -3.988  3.745   10.555  1.00 70.93  ? 1852 TYR A CG  1 
ATOM   474 C CD1 . TYR A 1 59  ? -2.628  3.524   10.427  1.00 71.33  ? 1852 TYR A CD1 1 
ATOM   475 C CD2 . TYR A 1 59  ? -4.850  2.985   9.780   1.00 68.95  ? 1852 TYR A CD2 1 
ATOM   476 C CE1 . TYR A 1 59  ? -2.150  2.564   9.554   1.00 67.05  ? 1852 TYR A CE1 1 
ATOM   477 C CE2 . TYR A 1 59  ? -4.383  2.037   8.905   1.00 63.15  ? 1852 TYR A CE2 1 
ATOM   478 C CZ  . TYR A 1 59  ? -3.037  1.829   8.794   1.00 63.35  ? 1852 TYR A CZ  1 
ATOM   479 O OH  . TYR A 1 59  ? -2.591  0.870   7.918   1.00 62.26  ? 1852 TYR A OH  1 
ATOM   480 N N   . THR A 1 60  ? -3.506  6.195   14.521  1.00 84.56  ? 1853 THR A N   1 
ATOM   481 C CA  . THR A 1 60  ? -3.645  7.397   15.339  1.00 78.84  ? 1853 THR A CA  1 
ATOM   482 C C   . THR A 1 60  ? -3.607  8.654   14.481  1.00 82.85  ? 1853 THR A C   1 
ATOM   483 O O   . THR A 1 60  ? -4.497  9.506   14.575  1.00 93.96  ? 1853 THR A O   1 
ATOM   484 C CB  . THR A 1 60  ? -2.545  7.442   16.400  1.00 82.18  ? 1853 THR A CB  1 
ATOM   485 O OG1 . THR A 1 60  ? -1.394  8.106   15.863  1.00 90.53  ? 1853 THR A OG1 1 
ATOM   486 C CG2 . THR A 1 60  ? -2.153  6.034   16.816  1.00 77.41  ? 1853 THR A CG2 1 
ATOM   487 N N   . SER A 1 61  ? -2.594  8.786   13.630  1.00 82.34  ? 1854 SER A N   1 
ATOM   488 C CA  . SER A 1 61  ? -2.417  9.972   12.804  1.00 82.96  ? 1854 SER A CA  1 
ATOM   489 C C   . SER A 1 61  ? -2.348  9.571   11.342  1.00 80.81  ? 1854 SER A C   1 
ATOM   490 O O   . SER A 1 61  ? -2.211  8.393   11.006  1.00 80.20  ? 1854 SER A O   1 
ATOM   491 C CB  . SER A 1 61  ? -1.140  10.722  13.181  1.00 87.20  ? 1854 SER A CB  1 
ATOM   492 O OG  . SER A 1 61  ? -0.020  9.854   13.051  1.00 90.60  ? 1854 SER A OG  1 
ATOM   493 N N   . SER A 1 62  ? -2.410  10.572  10.460  1.00 82.28  ? 1855 SER A N   1 
ATOM   494 C CA  . SER A 1 62  ? -2.277  10.265  9.045   1.00 77.89  ? 1855 SER A CA  1 
ATOM   495 C C   . SER A 1 62  ? -0.890  9.710   8.718   1.00 76.50  ? 1855 SER A C   1 
ATOM   496 O O   . SER A 1 62  ? -0.766  8.845   7.848   1.00 72.18  ? 1855 SER A O   1 
ATOM   497 C CB  . SER A 1 62  ? -2.584  11.503  8.213   1.00 79.46  ? 1855 SER A CB  1 
ATOM   498 O OG  . SER A 1 62  ? -1.467  12.366  8.184   1.00 86.18  ? 1855 SER A OG  1 
ATOM   499 N N   . GLU A 1 63  ? 0.149   10.144  9.438   1.00 75.63  ? 1856 GLU A N   1 
ATOM   500 C CA  . GLU A 1 63  ? 1.515   9.724   9.112   1.00 72.23  ? 1856 GLU A CA  1 
ATOM   501 C C   . GLU A 1 63  ? 1.712   8.217   9.268   1.00 74.98  ? 1856 GLU A C   1 
ATOM   502 O O   . GLU A 1 63  ? 2.481   7.609   8.512   1.00 75.29  ? 1856 GLU A O   1 
ATOM   503 C CB  . GLU A 1 63  ? 2.521   10.468  9.986   1.00 77.64  ? 1856 GLU A CB  1 
ATOM   504 C CG  . GLU A 1 63  ? 2.807   11.888  9.552   1.00 80.16  ? 1856 GLU A CG  1 
ATOM   505 C CD  . GLU A 1 63  ? 1.733   12.869  10.004  1.00 88.06  ? 1856 GLU A CD  1 
ATOM   506 O OE1 . GLU A 1 63  ? 1.010   12.565  10.986  1.00 87.04  ? 1856 GLU A OE1 1 
ATOM   507 O OE2 . GLU A 1 63  ? 1.613   13.941  9.370   1.00 91.00  ? 1856 GLU A OE2 1 
ATOM   508 N N   . GLU A 1 64  ? 1.056   7.594   10.251  1.00 69.64  ? 1857 GLU A N   1 
ATOM   509 C CA  . GLU A 1 64  ? 1.149   6.139   10.373  1.00 73.70  ? 1857 GLU A CA  1 
ATOM   510 C C   . GLU A 1 64  ? 0.555   5.447   9.151   1.00 71.20  ? 1857 GLU A C   1 
ATOM   511 O O   . GLU A 1 64  ? 1.139   4.498   8.596   1.00 68.02  ? 1857 GLU A O   1 
ATOM   512 C CB  . GLU A 1 64  ? 0.447   5.675   11.646  1.00 72.86  ? 1857 GLU A CB  1 
ATOM   513 C CG  . GLU A 1 64  ? 0.877   6.444   12.869  1.00 81.91  ? 1857 GLU A CG  1 
ATOM   514 C CD  . GLU A 1 64  ? 0.511   5.731   14.143  1.00 92.00  ? 1857 GLU A CD  1 
ATOM   515 O OE1 . GLU A 1 64  ? 1.309   5.792   15.110  1.00 95.10  ? 1857 GLU A OE1 1 
ATOM   516 O OE2 . GLU A 1 64  ? -0.578  5.116   14.174  1.00 88.33  ? 1857 GLU A OE2 1 
ATOM   517 N N   . PHE A 1 65  ? -0.624  5.910   8.726   1.00 67.93  ? 1858 PHE A N   1 
ATOM   518 C CA  . PHE A 1 65  ? -1.217  5.457   7.475   1.00 64.59  ? 1858 PHE A CA  1 
ATOM   519 C C   . PHE A 1 65  ? -0.239  5.614   6.318   1.00 60.26  ? 1858 PHE A C   1 
ATOM   520 O O   . PHE A 1 65  ? -0.038  4.692   5.515   1.00 62.59  ? 1858 PHE A O   1 
ATOM   521 C CB  . PHE A 1 65  ? -2.492  6.254   7.206   1.00 66.33  ? 1858 PHE A CB  1 
ATOM   522 C CG  . PHE A 1 65  ? -3.214  5.837   5.970   1.00 61.65  ? 1858 PHE A CG  1 
ATOM   523 C CD1 . PHE A 1 65  ? -3.117  6.581   4.810   1.00 57.45  ? 1858 PHE A CD1 1 
ATOM   524 C CD2 . PHE A 1 65  ? -3.995  4.696   5.967   1.00 61.46  ? 1858 PHE A CD2 1 
ATOM   525 C CE1 . PHE A 1 65  ? -3.780  6.195   3.672   1.00 57.28  ? 1858 PHE A CE1 1 
ATOM   526 C CE2 . PHE A 1 65  ? -4.660  4.304   4.832   1.00 58.20  ? 1858 PHE A CE2 1 
ATOM   527 C CZ  . PHE A 1 65  ? -4.551  5.053   3.679   1.00 59.73  ? 1858 PHE A CZ  1 
ATOM   528 N N   . ALA A 1 66  ? 0.385   6.784   6.225   1.00 59.33  ? 1859 ALA A N   1 
ATOM   529 C CA  . ALA A 1 66  ? 1.320   7.028   5.136   1.00 63.08  ? 1859 ALA A CA  1 
ATOM   530 C C   . ALA A 1 66  ? 2.477   6.041   5.178   1.00 56.49  ? 1859 ALA A C   1 
ATOM   531 O O   . ALA A 1 66  ? 2.957   5.589   4.132   1.00 51.47  ? 1859 ALA A O   1 
ATOM   532 C CB  . ALA A 1 66  ? 1.829   8.464   5.201   1.00 67.63  ? 1859 ALA A CB  1 
ATOM   533 N N   . ALA A 1 67  ? 2.917   5.681   6.385   1.00 54.15  ? 1860 ALA A N   1 
ATOM   534 C CA  . ALA A 1 67  ? 3.996   4.715   6.544   1.00 54.45  ? 1860 ALA A CA  1 
ATOM   535 C C   . ALA A 1 67  ? 3.608   3.342   6.019   1.00 49.66  ? 1860 ALA A C   1 
ATOM   536 O O   . ALA A 1 67  ? 4.402   2.697   5.326   1.00 53.26  ? 1860 ALA A O   1 
ATOM   537 C CB  . ALA A 1 67  ? 4.402   4.615   8.009   1.00 55.95  ? 1860 ALA A CB  1 
ATOM   538 N N   . ASP A 1 68  ? 2.408   2.857   6.350   1.00 50.36  ? 1861 ASP A N   1 
ATOM   539 C CA  . ASP A 1 68  ? 2.009   1.553   5.813   1.00 47.17  ? 1861 ASP A CA  1 
ATOM   540 C C   . ASP A 1 68  ? 1.881   1.601   4.287   1.00 52.92  ? 1861 ASP A C   1 
ATOM   541 O O   . ASP A 1 68  ? 2.317   0.671   3.576   1.00 45.60  ? 1861 ASP A O   1 
ATOM   542 C CB  . ASP A 1 68  ? 0.701   1.094   6.455   1.00 54.58  ? 1861 ASP A CB  1 
ATOM   543 C CG  . ASP A 1 68  ? 0.915   0.324   7.781   1.00 62.98  ? 1861 ASP A CG  1 
ATOM   544 O OD1 . ASP A 1 68  ? 1.950   -0.366  7.950   1.00 60.43  ? 1861 ASP A OD1 1 
ATOM   545 O OD2 . ASP A 1 68  ? 0.025   0.405   8.660   1.00 65.96  ? 1861 ASP A OD2 1 
ATOM   546 N N   . ALA A 1 69  ? 1.319   2.704   3.762   1.00 46.65  ? 1862 ALA A N   1 
ATOM   547 C CA  . ALA A 1 69  ? 1.180   2.848   2.319   1.00 46.46  ? 1862 ALA A CA  1 
ATOM   548 C C   . ALA A 1 69  ? 2.536   2.839   1.626   1.00 46.87  ? 1862 ALA A C   1 
ATOM   549 O O   . ALA A 1 69  ? 2.751   2.091   0.664   1.00 46.96  ? 1862 ALA A O   1 
ATOM   550 C CB  . ALA A 1 69  ? 0.417   4.136   1.988   1.00 52.79  ? 1862 ALA A CB  1 
ATOM   551 N N   . LEU A 1 70  ? 3.470   3.662   2.099   1.00 45.22  ? 1863 LEU A N   1 
ATOM   552 C CA  . LEU A 1 70  ? 4.796   3.668   1.489   1.00 48.41  ? 1863 LEU A CA  1 
ATOM   553 C C   . LEU A 1 70  ? 5.467   2.308   1.625   1.00 49.90  ? 1863 LEU A C   1 
ATOM   554 O O   . LEU A 1 70  ? 6.229   1.899   0.739   1.00 49.39  ? 1863 LEU A O   1 
ATOM   555 C CB  . LEU A 1 70  ? 5.652   4.790   2.099   1.00 47.78  ? 1863 LEU A CB  1 
ATOM   556 C CG  . LEU A 1 70  ? 5.125   6.202   1.738   1.00 52.97  ? 1863 LEU A CG  1 
ATOM   557 C CD1 . LEU A 1 70  ? 5.906   7.334   2.395   1.00 52.26  ? 1863 LEU A CD1 1 
ATOM   558 C CD2 . LEU A 1 70  ? 5.090   6.407   0.226   1.00 48.33  ? 1863 LEU A CD2 1 
ATOM   559 N N   . LEU A 1 71  ? 5.151   1.575   2.701   1.00 49.43  ? 1864 LEU A N   1 
ATOM   560 C CA  . LEU A 1 71  ? 5.708   0.240   2.912   1.00 44.15  ? 1864 LEU A CA  1 
ATOM   561 C C   . LEU A 1 71  ? 5.294   -0.734  1.804   1.00 47.79  ? 1864 LEU A C   1 
ATOM   562 O O   . LEU A 1 71  ? 6.107   -1.562  1.357   1.00 46.53  ? 1864 LEU A O   1 
ATOM   563 C CB  . LEU A 1 71  ? 5.251   -0.271  4.276   1.00 45.87  ? 1864 LEU A CB  1 
ATOM   564 C CG  . LEU A 1 71  ? 6.079   -1.211  5.121   1.00 48.65  ? 1864 LEU A CG  1 
ATOM   565 C CD1 . LEU A 1 71  ? 5.265   -1.491  6.361   1.00 47.06  ? 1864 LEU A CD1 1 
ATOM   566 C CD2 . LEU A 1 71  ? 6.361   -2.443  4.350   1.00 49.46  ? 1864 LEU A CD2 1 
ATOM   567 N N   . VAL A 1 72  ? 4.025   -0.669  1.362   1.00 45.61  ? 1865 VAL A N   1 
ATOM   568 C CA  . VAL A 1 72  ? 3.587   -1.472  0.208   1.00 49.30  ? 1865 VAL A CA  1 
ATOM   569 C C   . VAL A 1 72  ? 4.541   -1.311  -0.982  1.00 44.03  ? 1865 VAL A C   1 
ATOM   570 O O   . VAL A 1 72  ? 4.970   -2.294  -1.613  1.00 48.07  ? 1865 VAL A O   1 
ATOM   571 C CB  . VAL A 1 72  ? 2.146   -1.102  -0.195  1.00 42.31  ? 1865 VAL A CB  1 
ATOM   572 C CG1 . VAL A 1 72  ? 1.679   -2.037  -1.253  1.00 40.92  ? 1865 VAL A CG1 1 
ATOM   573 C CG2 . VAL A 1 72  ? 1.213   -1.175  1.012   1.00 45.62  ? 1865 VAL A CG2 1 
ATOM   574 N N   . PHE A 1 73  ? 4.910   -0.074  -1.293  1.00 41.55  ? 1866 PHE A N   1 
ATOM   575 C CA  . PHE A 1 73  ? 5.624   0.163   -2.543  1.00 45.77  ? 1866 PHE A CA  1 
ATOM   576 C C   . PHE A 1 73  ? 7.119   0.002   -2.372  1.00 44.71  ? 1866 PHE A C   1 
ATOM   577 O O   . PHE A 1 73  ? 7.808   -0.411  -3.316  1.00 46.12  ? 1866 PHE A O   1 
ATOM   578 C CB  . PHE A 1 73  ? 5.262   1.553   -3.106  1.00 41.41  ? 1866 PHE A CB  1 
ATOM   579 C CG  . PHE A 1 73  ? 3.785   1.805   -3.127  1.00 43.70  ? 1866 PHE A CG  1 
ATOM   580 C CD1 . PHE A 1 73  ? 2.922   0.908   -3.756  1.00 46.77  ? 1866 PHE A CD1 1 
ATOM   581 C CD2 . PHE A 1 73  ? 3.240   2.901   -2.474  1.00 47.50  ? 1866 PHE A CD2 1 
ATOM   582 C CE1 . PHE A 1 73  ? 1.551   1.118   -3.751  1.00 42.49  ? 1866 PHE A CE1 1 
ATOM   583 C CE2 . PHE A 1 73  ? 1.866   3.121   -2.469  1.00 43.91  ? 1866 PHE A CE2 1 
ATOM   584 C CZ  . PHE A 1 73  ? 1.026   2.223   -3.107  1.00 42.65  ? 1866 PHE A CZ  1 
ATOM   585 N N   . ASP A 1 74  ? 7.628   0.299   -1.178  1.00 50.29  ? 1867 ASP A N   1 
ATOM   586 C CA  . ASP A 1 74  ? 8.996   -0.082  -0.839  1.00 50.84  ? 1867 ASP A CA  1 
ATOM   587 C C   . ASP A 1 74  ? 9.204   -1.584  -0.985  1.00 47.16  ? 1867 ASP A C   1 
ATOM   588 O O   . ASP A 1 74  ? 10.155  -2.011  -1.651  1.00 48.93  ? 1867 ASP A O   1 
ATOM   589 C CB  . ASP A 1 74  ? 9.349   0.387   0.570   1.00 43.71  ? 1867 ASP A CB  1 
ATOM   590 C CG  . ASP A 1 74  ? 9.630   1.886   0.636   1.00 54.73  ? 1867 ASP A CG  1 
ATOM   591 O OD1 . ASP A 1 74  ? 10.039  2.509   -0.389  1.00 58.64  ? 1867 ASP A OD1 1 
ATOM   592 O OD2 . ASP A 1 74  ? 9.421   2.448   1.733   1.00 61.58  ? 1867 ASP A OD2 1 
ATOM   593 N N   . ASN A 1 75  ? 8.322   -2.409  -0.383  1.00 45.91  ? 1868 ASN A N   1 
ATOM   594 C CA  . ASN A 1 75  ? 8.483   -3.868  -0.520  1.00 48.26  ? 1868 ASN A CA  1 
ATOM   595 C C   . ASN A 1 75  ? 8.384   -4.284  -1.975  1.00 49.05  ? 1868 ASN A C   1 
ATOM   596 O O   . ASN A 1 75  ? 9.135   -5.159  -2.432  1.00 48.20  ? 1868 ASN A O   1 
ATOM   597 C CB  . ASN A 1 75  ? 7.424   -4.643  0.262   1.00 45.13  ? 1868 ASN A CB  1 
ATOM   598 C CG  . ASN A 1 75  ? 7.508   -4.427  1.730   1.00 49.04  ? 1868 ASN A CG  1 
ATOM   599 O OD1 . ASN A 1 75  ? 8.504   -3.924  2.248   1.00 52.10  ? 1868 ASN A OD1 1 
ATOM   600 N ND2 . ASN A 1 75  ? 6.447   -4.797  2.426   1.00 49.52  ? 1868 ASN A ND2 1 
ATOM   601 N N   . CYS A 1 76  ? 7.434   -3.677  -2.705  1.00 47.46  ? 1869 CYS A N   1 
ATOM   602 C CA  . CYS A 1 76  ? 7.278   -3.942  -4.129  1.00 45.97  ? 1869 CYS A CA  1 
ATOM   603 C C   . CYS A 1 76  ? 8.592   -3.720  -4.875  1.00 47.43  ? 1869 CYS A C   1 
ATOM   604 O O   . CYS A 1 76  ? 9.055   -4.592  -5.622  1.00 46.75  ? 1869 CYS A O   1 
ATOM   605 C CB  . CYS A 1 76  ? 6.164   -3.039  -4.674  1.00 49.44  ? 1869 CYS A CB  1 
ATOM   606 S SG  . CYS A 1 76  ? 5.643   -3.348  -6.358  1.00 51.75  ? 1869 CYS A SG  1 
ATOM   607 N N   . GLN A 1 77  ? 9.238   -2.574  -4.636  1.00 45.99  ? 1870 GLN A N   1 
ATOM   608 C CA  . GLN A 1 77  ? 10.457  -2.255  -5.369  1.00 47.02  ? 1870 GLN A CA  1 
ATOM   609 C C   . GLN A 1 77  ? 11.623  -3.109  -4.915  1.00 48.40  ? 1870 GLN A C   1 
ATOM   610 O O   . GLN A 1 77  ? 12.504  -3.429  -5.721  1.00 53.48  ? 1870 GLN A O   1 
ATOM   611 C CB  . GLN A 1 77  ? 10.786  -0.765  -5.227  1.00 47.24  ? 1870 GLN A CB  1 
ATOM   612 C CG  . GLN A 1 77  ? 9.747   0.144   -5.900  1.00 43.92  ? 1870 GLN A CG  1 
ATOM   613 C CD  . GLN A 1 77  ? 10.037  1.608   -5.673  1.00 46.72  ? 1870 GLN A CD  1 
ATOM   614 O OE1 . GLN A 1 77  ? 10.922  2.168   -6.324  1.00 47.14  ? 1870 GLN A OE1 1 
ATOM   615 N NE2 . GLN A 1 77  ? 9.326   2.231   -4.722  1.00 39.38  ? 1870 GLN A NE2 1 
ATOM   616 N N   . THR A 1 78  ? 11.633  -3.506  -3.641  1.00 50.86  ? 1871 THR A N   1 
ATOM   617 C CA  . THR A 1 78  ? 12.629  -4.453  -3.154  1.00 44.57  ? 1871 THR A CA  1 
ATOM   618 C C   . THR A 1 78  ? 12.543  -5.782  -3.900  1.00 48.13  ? 1871 THR A C   1 
ATOM   619 O O   . THR A 1 78  ? 13.542  -6.270  -4.432  1.00 48.19  ? 1871 THR A O   1 
ATOM   620 C CB  . THR A 1 78  ? 12.447  -4.666  -1.648  1.00 46.23  ? 1871 THR A CB  1 
ATOM   621 O OG1 . THR A 1 78  ? 12.580  -3.414  -0.965  1.00 47.60  ? 1871 THR A OG1 1 
ATOM   622 C CG2 . THR A 1 78  ? 13.501  -5.595  -1.124  1.00 42.51  ? 1871 THR A CG2 1 
ATOM   623 N N   . PHE A 1 79  ? 11.353  -6.377  -3.968  1.00 46.25  ? 1872 PHE A N   1 
ATOM   624 C CA  . PHE A 1 79  ? 11.269  -7.740  -4.487  1.00 47.83  ? 1872 PHE A CA  1 
ATOM   625 C C   . PHE A 1 79  ? 11.202  -7.816  -6.016  1.00 54.98  ? 1872 PHE A C   1 
ATOM   626 O O   . PHE A 1 79  ? 11.828  -8.700  -6.615  1.00 51.43  ? 1872 PHE A O   1 
ATOM   627 C CB  . PHE A 1 79  ? 10.061  -8.455  -3.886  1.00 52.82  ? 1872 PHE A CB  1 
ATOM   628 C CG  . PHE A 1 79  ? 10.149  -9.957  -3.985  1.00 54.32  ? 1872 PHE A CG  1 
ATOM   629 C CD1 . PHE A 1 79  ? 10.796  -10.699 -3.015  1.00 51.75  ? 1872 PHE A CD1 1 
ATOM   630 C CD2 . PHE A 1 79  ? 9.617   -10.616 -5.076  1.00 57.33  ? 1872 PHE A CD2 1 
ATOM   631 C CE1 . PHE A 1 79  ? 10.882  -12.069 -3.123  1.00 53.50  ? 1872 PHE A CE1 1 
ATOM   632 C CE2 . PHE A 1 79  ? 9.715   -11.984 -5.191  1.00 54.06  ? 1872 PHE A CE2 1 
ATOM   633 C CZ  . PHE A 1 79  ? 10.339  -12.710 -4.215  1.00 52.69  ? 1872 PHE A CZ  1 
ATOM   634 N N   . ASN A 1 80  ? 10.442  -6.932  -6.673  1.00 55.33  ? 1873 ASN A N   1 
ATOM   635 C CA  . ASN A 1 80  ? 10.185  -7.058  -8.105  1.00 53.91  ? 1873 ASN A CA  1 
ATOM   636 C C   . ASN A 1 80  ? 11.037  -6.085  -8.912  1.00 55.12  ? 1873 ASN A C   1 
ATOM   637 O O   . ASN A 1 80  ? 11.322  -4.972  -8.469  1.00 63.24  ? 1873 ASN A O   1 
ATOM   638 C CB  . ASN A 1 80  ? 8.704   -6.830  -8.401  1.00 47.93  ? 1873 ASN A CB  1 
ATOM   639 C CG  . ASN A 1 80  ? 7.804   -7.515  -7.384  1.00 56.65  ? 1873 ASN A CG  1 
ATOM   640 O OD1 . ASN A 1 80  ? 7.546   -8.719  -7.483  1.00 62.09  ? 1873 ASN A OD1 1 
ATOM   641 N ND2 . ASN A 1 80  ? 7.351   -6.764  -6.379  1.00 50.06  ? 1873 ASN A ND2 1 
ATOM   642 N N   . GLU A 1 81  ? 11.443  -6.505  -10.111 1.00 59.69  ? 1874 GLU A N   1 
ATOM   643 C CA  . GLU A 1 81  ? 12.160  -5.587  -10.989 1.00 60.82  ? 1874 GLU A CA  1 
ATOM   644 C C   . GLU A 1 81  ? 11.204  -4.584  -11.622 1.00 58.30  ? 1874 GLU A C   1 
ATOM   645 O O   . GLU A 1 81  ? 10.020  -4.864  -11.840 1.00 56.65  ? 1874 GLU A O   1 
ATOM   646 C CB  . GLU A 1 81  ? 12.932  -6.326  -12.077 1.00 58.60  ? 1874 GLU A CB  1 
ATOM   647 C CG  . GLU A 1 81  ? 13.971  -7.236  -11.520 1.00 74.60  ? 1874 GLU A CG  1 
ATOM   648 C CD  . GLU A 1 81  ? 14.237  -8.429  -12.405 1.00 84.85  ? 1874 GLU A CD  1 
ATOM   649 O OE1 . GLU A 1 81  ? 13.815  -9.548  -12.056 1.00 98.59  ? 1874 GLU A OE1 1 
ATOM   650 O OE2 . GLU A 1 81  ? 14.901  -8.262  -13.449 1.00 94.58  ? 1874 GLU A OE2 1 
ATOM   651 N N   . ASP A 1 82  ? 11.748  -3.405  -11.935 1.00 52.24  ? 1875 ASP A N   1 
ATOM   652 C CA  . ASP A 1 82  ? 10.917  -2.282  -12.324 1.00 53.53  ? 1875 ASP A CA  1 
ATOM   653 C C   . ASP A 1 82  ? 10.122  -2.582  -13.583 1.00 58.19  ? 1875 ASP A C   1 
ATOM   654 O O   . ASP A 1 82  ? 9.071   -1.972  -13.810 1.00 54.92  ? 1875 ASP A O   1 
ATOM   655 C CB  . ASP A 1 82  ? 11.783  -1.038  -12.529 1.00 50.24  ? 1875 ASP A CB  1 
ATOM   656 C CG  . ASP A 1 82  ? 12.487  -0.605  -11.256 1.00 52.58  ? 1875 ASP A CG  1 
ATOM   657 O OD1 . ASP A 1 82  ? 11.817  -0.455  -10.199 1.00 47.34  ? 1875 ASP A OD1 1 
ATOM   658 O OD2 . ASP A 1 82  ? 13.725  -0.438  -11.319 1.00 48.45  ? 1875 ASP A OD2 1 
ATOM   659 N N   . ASP A 1 83  ? 10.590  -3.520  -14.407 1.00 58.95  ? 1876 ASP A N   1 
ATOM   660 C CA  . ASP A 1 83  ? 9.882   -3.858  -15.634 1.00 61.24  ? 1876 ASP A CA  1 
ATOM   661 C C   . ASP A 1 83  ? 9.038   -5.115  -15.514 1.00 63.15  ? 1876 ASP A C   1 
ATOM   662 O O   . ASP A 1 83  ? 8.431   -5.529  -16.506 1.00 68.83  ? 1876 ASP A O   1 
ATOM   663 C CB  . ASP A 1 83  ? 10.858  -4.000  -16.809 1.00 60.63  ? 1876 ASP A CB  1 
ATOM   664 C CG  . ASP A 1 83  ? 12.023  -4.887  -16.505 1.00 69.85  ? 1876 ASP A CG  1 
ATOM   665 O OD1 . ASP A 1 83  ? 12.041  -5.477  -15.401 1.00 69.19  ? 1876 ASP A OD1 1 
ATOM   666 O OD2 . ASP A 1 83  ? 12.933  -4.964  -17.371 1.00 73.45  ? 1876 ASP A OD2 1 
ATOM   667 N N   . SER A 1 84  ? 8.985   -5.736  -14.344 1.00 59.01  ? 1877 SER A N   1 
ATOM   668 C CA  . SER A 1 84  ? 8.032   -6.813  -14.123 1.00 58.89  ? 1877 SER A CA  1 
ATOM   669 C C   . SER A 1 84  ? 6.622   -6.241  -14.068 1.00 56.94  ? 1877 SER A C   1 
ATOM   670 O O   . SER A 1 84  ? 6.427   -5.034  -13.903 1.00 57.02  ? 1877 SER A O   1 
ATOM   671 C CB  . SER A 1 84  ? 8.337   -7.542  -12.819 1.00 53.49  ? 1877 SER A CB  1 
ATOM   672 O OG  . SER A 1 84  ? 7.982   -6.714  -11.727 1.00 54.23  ? 1877 SER A OG  1 
ATOM   673 N N   . GLU A 1 85  ? 5.627   -7.127  -14.187 1.00 56.87  ? 1878 GLU A N   1 
ATOM   674 C CA  . GLU A 1 85  ? 4.240   -6.667  -14.207 1.00 55.75  ? 1878 GLU A CA  1 
ATOM   675 C C   . GLU A 1 85  ? 3.813   -6.118  -12.849 1.00 58.12  ? 1878 GLU A C   1 
ATOM   676 O O   . GLU A 1 85  ? 3.207   -5.038  -12.768 1.00 53.67  ? 1878 GLU A O   1 
ATOM   677 C CB  . GLU A 1 85  ? 3.302   -7.791  -14.654 1.00 58.27  ? 1878 GLU A CB  1 
ATOM   678 C CG  . GLU A 1 85  ? 3.630   -8.322  -16.053 1.00 69.32  ? 1878 GLU A CG  1 
ATOM   679 C CD  . GLU A 1 85  ? 2.812   -7.648  -17.159 1.00 79.94  ? 1878 GLU A CD  1 
ATOM   680 O OE1 . GLU A 1 85  ? 3.068   -7.938  -18.359 1.00 79.45  ? 1878 GLU A OE1 1 
ATOM   681 O OE2 . GLU A 1 85  ? 1.924   -6.824  -16.825 1.00 71.53  ? 1878 GLU A OE2 1 
ATOM   682 N N   . VAL A 1 86  ? 4.141   -6.831  -11.768 1.00 51.47  ? 1879 VAL A N   1 
ATOM   683 C CA  . VAL A 1 86  ? 3.867   -6.299  -10.438 1.00 51.17  ? 1879 VAL A CA  1 
ATOM   684 C C   . VAL A 1 86  ? 4.641   -5.008  -10.223 1.00 53.25  ? 1879 VAL A C   1 
ATOM   685 O O   . VAL A 1 86  ? 4.099   -4.030  -9.699  1.00 49.92  ? 1879 VAL A O   1 
ATOM   686 C CB  . VAL A 1 86  ? 4.207   -7.334  -9.348  1.00 54.56  ? 1879 VAL A CB  1 
ATOM   687 C CG1 . VAL A 1 86  ? 4.178   -6.651  -7.993  1.00 45.99  ? 1879 VAL A CG1 1 
ATOM   688 C CG2 . VAL A 1 86  ? 3.225   -8.498  -9.389  1.00 44.69  ? 1879 VAL A CG2 1 
ATOM   689 N N   . GLY A 1 87  ? 5.918   -4.988  -10.610 1.00 52.20  ? 1880 GLY A N   1 
ATOM   690 C CA  . GLY A 1 87  ? 6.704   -3.770  -10.600 1.00 52.12  ? 1880 GLY A CA  1 
ATOM   691 C C   . GLY A 1 87  ? 6.021   -2.591  -11.280 1.00 57.52  ? 1880 GLY A C   1 
ATOM   692 O O   . GLY A 1 87  ? 5.790   -1.558  -10.633 1.00 60.64  ? 1880 GLY A O   1 
ATOM   693 N N   . LYS A 1 88  ? 5.686   -2.719  -12.573 1.00 53.20  ? 1881 LYS A N   1 
ATOM   694 C CA  . LYS A 1 88  ? 5.052   -1.606  -13.288 1.00 51.87  ? 1881 LYS A CA  1 
ATOM   695 C C   . LYS A 1 88  ? 3.787   -1.139  -12.570 1.00 51.81  ? 1881 LYS A C   1 
ATOM   696 O O   . LYS A 1 88  ? 3.545   0.074   -12.410 1.00 58.84  ? 1881 LYS A O   1 
ATOM   697 C CB  . LYS A 1 88  ? 4.728   -2.025  -14.725 1.00 54.29  ? 1881 LYS A CB  1 
ATOM   698 C CG  . LYS A 1 88  ? 5.942   -2.409  -15.545 1.00 53.56  ? 1881 LYS A CG  1 
ATOM   699 C CD  . LYS A 1 88  ? 5.570   -2.658  -16.974 1.00 62.04  ? 1881 LYS A CD  1 
ATOM   700 C CE  . LYS A 1 88  ? 5.029   -4.057  -17.188 1.00 65.98  ? 1881 LYS A CE  1 
ATOM   701 N NZ  . LYS A 1 88  ? 5.738   -4.656  -18.365 1.00 71.73  ? 1881 LYS A NZ  1 
ATOM   702 N N   . ALA A 1 89  ? 2.969   -2.094  -12.125 1.00 45.71  ? 1882 ALA A N   1 
ATOM   703 C CA  . ALA A 1 89  ? 1.754   -1.723  -11.412 1.00 49.76  ? 1882 ALA A CA  1 
ATOM   704 C C   . ALA A 1 89  ? 2.083   -0.942  -10.152 1.00 52.01  ? 1882 ALA A C   1 
ATOM   705 O O   . ALA A 1 89  ? 1.399   0.033   -9.812  1.00 54.56  ? 1882 ALA A O   1 
ATOM   706 C CB  . ALA A 1 89  ? 0.941   -2.967  -11.077 1.00 48.09  ? 1882 ALA A CB  1 
ATOM   707 N N   . GLY A 1 90  ? 3.138   -1.359  -9.451  1.00 56.90  ? 1883 GLY A N   1 
ATOM   708 C CA  . GLY A 1 90  ? 3.533   -0.685  -8.232  1.00 54.08  ? 1883 GLY A CA  1 
ATOM   709 C C   . GLY A 1 90  ? 4.010   0.728   -8.480  1.00 51.32  ? 1883 GLY A C   1 
ATOM   710 O O   . GLY A 1 90  ? 3.759   1.620   -7.669  1.00 49.68  ? 1883 GLY A O   1 
ATOM   711 N N   . HIS A 1 91  ? 4.699   0.965   -9.592  1.00 46.98  ? 1884 HIS A N   1 
ATOM   712 C CA  . HIS A 1 91  ? 5.073   2.346   -9.866  1.00 49.84  ? 1884 HIS A CA  1 
ATOM   713 C C   . HIS A 1 91  ? 3.846   3.207   -10.148 1.00 48.77  ? 1884 HIS A C   1 
ATOM   714 O O   . HIS A 1 91  ? 3.764   4.348   -9.673  1.00 47.84  ? 1884 HIS A O   1 
ATOM   715 C CB  . HIS A 1 91  ? 6.054   2.394   -11.015 1.00 50.10  ? 1884 HIS A CB  1 
ATOM   716 C CG  . HIS A 1 91  ? 7.407   1.916   -10.631 1.00 44.98  ? 1884 HIS A CG  1 
ATOM   717 N ND1 . HIS A 1 91  ? 8.090   2.441   -9.560  1.00 46.10  ? 1884 HIS A ND1 1 
ATOM   718 C CD2 . HIS A 1 91  ? 8.205   0.967   -11.166 1.00 46.57  ? 1884 HIS A CD2 1 
ATOM   719 C CE1 . HIS A 1 91  ? 9.259   1.835   -9.449  1.00 43.24  ? 1884 HIS A CE1 1 
ATOM   720 N NE2 . HIS A 1 91  ? 9.353   0.937   -10.414 1.00 47.38  ? 1884 HIS A NE2 1 
ATOM   721 N N   . ILE A 1 92  ? 2.863   2.677   -10.883 1.00 50.65  ? 1885 ILE A N   1 
ATOM   722 C CA  . ILE A 1 92  ? 1.643   3.470   -11.067 1.00 50.56  ? 1885 ILE A CA  1 
ATOM   723 C C   . ILE A 1 92  ? 0.972   3.744   -9.721  1.00 52.22  ? 1885 ILE A C   1 
ATOM   724 O O   . ILE A 1 92  ? 0.523   4.871   -9.443  1.00 48.40  ? 1885 ILE A O   1 
ATOM   725 C CB  . ILE A 1 92  ? 0.685   2.774   -12.048 1.00 46.80  ? 1885 ILE A CB  1 
ATOM   726 C CG1 . ILE A 1 92  ? 1.355   2.644   -13.414 1.00 46.05  ? 1885 ILE A CG1 1 
ATOM   727 C CG2 . ILE A 1 92  ? -0.634  3.561   -12.132 1.00 52.63  ? 1885 ILE A CG2 1 
ATOM   728 C CD1 . ILE A 1 92  ? 0.645   1.715   -14.364 1.00 44.06  ? 1885 ILE A CD1 1 
ATOM   729 N N   . MET A 1 93  ? 0.910   2.726   -8.849  1.00 47.62  ? 1886 MET A N   1 
ATOM   730 C CA  . MET A 1 93  ? 0.215   2.917   -7.578  1.00 48.02  ? 1886 MET A CA  1 
ATOM   731 C C   . MET A 1 93  ? 0.987   3.851   -6.654  1.00 47.83  ? 1886 MET A C   1 
ATOM   732 O O   . MET A 1 93  ? 0.387   4.600   -5.862  1.00 46.74  ? 1886 MET A O   1 
ATOM   733 C CB  . MET A 1 93  ? -0.023  1.564   -6.916  1.00 50.83  ? 1886 MET A CB  1 
ATOM   734 C CG  . MET A 1 93  ? -1.080  0.727   -7.604  1.00 47.58  ? 1886 MET A CG  1 
ATOM   735 S SD  . MET A 1 93  ? -2.562  1.686   -7.882  1.00 57.46  ? 1886 MET A SD  1 
ATOM   736 C CE  . MET A 1 93  ? -3.188  2.057   -6.243  1.00 48.90  ? 1886 MET A CE  1 
ATOM   737 N N   . ARG A 1 94  ? 2.313   3.834   -6.760  1.00 48.57  ? 1887 ARG A N   1 
ATOM   738 C CA  . ARG A 1 94  ? 3.147   4.702   -5.939  1.00 51.05  ? 1887 ARG A CA  1 
ATOM   739 C C   . ARG A 1 94  ? 3.016   6.155   -6.390  1.00 44.33  ? 1887 ARG A C   1 
ATOM   740 O O   . ARG A 1 94  ? 2.807   7.048   -5.564  1.00 49.93  ? 1887 ARG A O   1 
ATOM   741 C CB  . ARG A 1 94  ? 4.614   4.226   -5.971  1.00 40.95  ? 1887 ARG A CB  1 
ATOM   742 C CG  . ARG A 1 94  ? 5.505   4.957   -4.977  1.00 38.76  ? 1887 ARG A CG  1 
ATOM   743 C CD  . ARG A 1 94  ? 6.989   4.697   -5.186  1.00 40.94  ? 1887 ARG A CD  1 
ATOM   744 N NE  . ARG A 1 94  ? 7.380   4.554   -6.587  1.00 45.76  ? 1887 ARG A NE  1 
ATOM   745 C CZ  . ARG A 1 94  ? 7.457   5.560   -7.466  1.00 49.37  ? 1887 ARG A CZ  1 
ATOM   746 N NH1 . ARG A 1 94  ? 7.145   6.808   -7.108  1.00 40.93  ? 1887 ARG A NH1 1 
ATOM   747 N NH2 . ARG A 1 94  ? 7.824   5.311   -8.720  1.00 43.78  ? 1887 ARG A NH2 1 
ATOM   748 N N   . ARG A 1 95  ? 3.103   6.415   -7.700  1.00 44.12  ? 1888 ARG A N   1 
ATOM   749 C CA  . ARG A 1 95  ? 2.921   7.795   -8.179  1.00 51.34  ? 1888 ARG A CA  1 
ATOM   750 C C   . ARG A 1 95  ? 1.532   8.332   -7.846  1.00 52.15  ? 1888 ARG A C   1 
ATOM   751 O O   . ARG A 1 95  ? 1.392   9.499   -7.438  1.00 52.60  ? 1888 ARG A O   1 
ATOM   752 C CB  . ARG A 1 95  ? 3.183   7.896   -9.680  1.00 43.69  ? 1888 ARG A CB  1 
ATOM   753 C CG  . ARG A 1 95  ? 4.646   7.735   -10.014 1.00 46.14  ? 1888 ARG A CG  1 
ATOM   754 C CD  . ARG A 1 95  ? 4.900   8.004   -11.458 1.00 36.79  ? 1888 ARG A CD  1 
ATOM   755 N NE  . ARG A 1 95  ? 4.284   6.982   -12.287 1.00 36.53  ? 1888 ARG A NE  1 
ATOM   756 C CZ  . ARG A 1 95  ? 4.959   5.994   -12.851 1.00 44.27  ? 1888 ARG A CZ  1 
ATOM   757 N NH1 . ARG A 1 95  ? 6.265   5.889   -12.633 1.00 47.12  ? 1888 ARG A NH1 1 
ATOM   758 N NH2 . ARG A 1 95  ? 4.334   5.096   -13.597 1.00 44.64  ? 1888 ARG A NH2 1 
ATOM   759 N N   . PHE A 1 96  ? 0.495   7.490   -7.995  1.00 55.20  ? 1889 PHE A N   1 
ATOM   760 C CA  . PHE A 1 96  ? -0.853  7.899   -7.602  1.00 50.34  ? 1889 PHE A CA  1 
ATOM   761 C C   . PHE A 1 96  ? -0.907  8.281   -6.126  1.00 52.46  ? 1889 PHE A C   1 
ATOM   762 O O   . PHE A 1 96  ? -1.472  9.326   -5.766  1.00 56.41  ? 1889 PHE A O   1 
ATOM   763 C CB  . PHE A 1 96  ? -1.867  6.794   -7.896  1.00 50.71  ? 1889 PHE A CB  1 
ATOM   764 C CG  . PHE A 1 96  ? -3.273  7.134   -7.462  1.00 52.83  ? 1889 PHE A CG  1 
ATOM   765 C CD1 . PHE A 1 96  ? -4.086  7.927   -8.252  1.00 54.31  ? 1889 PHE A CD1 1 
ATOM   766 C CD2 . PHE A 1 96  ? -3.781  6.670   -6.264  1.00 52.64  ? 1889 PHE A CD2 1 
ATOM   767 C CE1 . PHE A 1 96  ? -5.365  8.252   -7.846  1.00 52.54  ? 1889 PHE A CE1 1 
ATOM   768 C CE2 . PHE A 1 96  ? -5.061  6.984   -5.865  1.00 54.40  ? 1889 PHE A CE2 1 
ATOM   769 C CZ  . PHE A 1 96  ? -5.851  7.785   -6.659  1.00 58.60  ? 1889 PHE A CZ  1 
ATOM   770 N N   . PHE A 1 97  ? -0.323  7.447   -5.249  1.00 53.36  ? 1890 PHE A N   1 
ATOM   771 C CA  . PHE A 1 97  ? -0.393  7.743   -3.820  1.00 51.39  ? 1890 PHE A CA  1 
ATOM   772 C C   . PHE A 1 97  ? 0.361   9.018   -3.481  1.00 53.99  ? 1890 PHE A C   1 
ATOM   773 O O   . PHE A 1 97  ? -0.123  9.850   -2.709  1.00 59.68  ? 1890 PHE A O   1 
ATOM   774 C CB  . PHE A 1 97  ? 0.160   6.599   -2.964  1.00 50.61  ? 1890 PHE A CB  1 
ATOM   775 C CG  . PHE A 1 97  ? 0.217   6.958   -1.499  1.00 47.38  ? 1890 PHE A CG  1 
ATOM   776 C CD1 . PHE A 1 97  ? -0.927  6.904   -0.722  1.00 50.92  ? 1890 PHE A CD1 1 
ATOM   777 C CD2 . PHE A 1 97  ? 1.385   7.428   -0.919  1.00 51.59  ? 1890 PHE A CD2 1 
ATOM   778 C CE1 . PHE A 1 97  ? -0.898  7.268   0.617   1.00 53.75  ? 1890 PHE A CE1 1 
ATOM   779 C CE2 . PHE A 1 97  ? 1.420   7.803   0.420   1.00 48.88  ? 1890 PHE A CE2 1 
ATOM   780 C CZ  . PHE A 1 97  ? 0.281   7.720   1.190   1.00 49.43  ? 1890 PHE A CZ  1 
ATOM   781 N N   . GLU A 1 98  ? 1.570   9.171   -4.009  1.00 56.40  ? 1891 GLU A N   1 
ATOM   782 C CA  . GLU A 1 98  ? 2.356   10.351  -3.680  1.00 59.27  ? 1891 GLU A CA  1 
ATOM   783 C C   . GLU A 1 98  ? 1.633   11.620  -4.113  1.00 62.52  ? 1891 GLU A C   1 
ATOM   784 O O   . GLU A 1 98  ? 1.460   12.549  -3.310  1.00 65.58  ? 1891 GLU A O   1 
ATOM   785 C CB  . GLU A 1 98  ? 3.744   10.258  -4.312  1.00 61.12  ? 1891 GLU A CB  1 
ATOM   786 C CG  . GLU A 1 98  ? 4.717   9.371   -3.527  1.00 64.15  ? 1891 GLU A CG  1 
ATOM   787 C CD  . GLU A 1 98  ? 6.140   9.389   -4.096  1.00 69.84  ? 1891 GLU A CD  1 
ATOM   788 O OE1 . GLU A 1 98  ? 6.464   10.336  -4.863  1.00 76.97  ? 1891 GLU A OE1 1 
ATOM   789 O OE2 . GLU A 1 98  ? 6.925   8.453   -3.773  1.00 63.83  ? 1891 GLU A OE2 1 
ATOM   790 N N   . SER A 1 99  ? 1.156   11.662  -5.362  1.00 58.07  ? 1892 SER A N   1 
ATOM   791 C CA  . SER A 1 99  ? 0.459   12.864  -5.818  1.00 62.49  ? 1892 SER A CA  1 
ATOM   792 C C   . SER A 1 99  ? -0.792  13.133  -4.978  1.00 70.38  ? 1892 SER A C   1 
ATOM   793 O O   . SER A 1 99  ? -1.003  14.264  -4.507  1.00 78.53  ? 1892 SER A O   1 
ATOM   794 C CB  . SER A 1 99  ? 0.122   12.754  -7.306  1.00 56.40  ? 1892 SER A CB  1 
ATOM   795 O OG  . SER A 1 99  ? -1.099  12.080  -7.512  1.00 65.78  ? 1892 SER A OG  1 
ATOM   796 N N   . ARG A 1 100 ? -1.608  12.096  -4.732  1.00 67.37  ? 1893 ARG A N   1 
ATOM   797 C CA  . ARG A 1 100 ? -2.850  12.300  -3.982  1.00 69.02  ? 1893 ARG A CA  1 
ATOM   798 C C   . ARG A 1 100 ? -2.571  12.773  -2.557  1.00 72.07  ? 1893 ARG A C   1 
ATOM   799 O O   . ARG A 1 100 ? -3.202  13.718  -2.070  1.00 78.39  ? 1893 ARG A O   1 
ATOM   800 C CB  . ARG A 1 100 ? -3.686  11.020  -3.968  1.00 68.68  ? 1893 ARG A CB  1 
ATOM   801 C CG  . ARG A 1 100 ? -4.803  10.963  -5.019  1.00 69.05  ? 1893 ARG A CG  1 
ATOM   802 C CD  . ARG A 1 100 ? -5.662  12.228  -5.040  1.00 72.26  ? 1893 ARG A CD  1 
ATOM   803 N NE  . ARG A 1 100 ? -7.079  11.938  -4.839  1.00 69.69  ? 1893 ARG A NE  1 
ATOM   804 C CZ  . ARG A 1 100 ? -7.888  12.667  -4.075  1.00 73.42  ? 1893 ARG A CZ  1 
ATOM   805 N NH1 . ARG A 1 100 ? -7.423  13.735  -3.444  1.00 77.38  ? 1893 ARG A NH1 1 
ATOM   806 N NH2 . ARG A 1 100 ? -9.159  12.329  -3.933  1.00 67.09  ? 1893 ARG A NH2 1 
ATOM   807 N N   . TRP A 1 101 ? -1.617  12.134  -1.874  1.00 68.08  ? 1894 TRP A N   1 
ATOM   808 C CA  . TRP A 1 101 ? -1.214  12.583  -0.544  1.00 71.74  ? 1894 TRP A CA  1 
ATOM   809 C C   . TRP A 1 101 ? -0.772  14.041  -0.543  1.00 77.25  ? 1894 TRP A C   1 
ATOM   810 O O   . TRP A 1 101 ? -0.978  14.757  0.444   1.00 80.20  ? 1894 TRP A O   1 
ATOM   811 C CB  . TRP A 1 101 ? -0.078  11.706  -0.018  1.00 64.25  ? 1894 TRP A CB  1 
ATOM   812 C CG  . TRP A 1 101 ? 0.322   12.029  1.397   1.00 74.83  ? 1894 TRP A CG  1 
ATOM   813 C CD1 . TRP A 1 101 ? 1.318   12.874  1.802   1.00 76.71  ? 1894 TRP A CD1 1 
ATOM   814 C CD2 . TRP A 1 101 ? -0.268  11.501  2.594   1.00 68.34  ? 1894 TRP A CD2 1 
ATOM   815 N NE1 . TRP A 1 101 ? 1.384   12.900  3.179   1.00 75.85  ? 1894 TRP A NE1 1 
ATOM   816 C CE2 . TRP A 1 101 ? 0.415   12.074  3.686   1.00 67.45  ? 1894 TRP A CE2 1 
ATOM   817 C CE3 . TRP A 1 101 ? -1.320  10.617  2.843   1.00 67.60  ? 1894 TRP A CE3 1 
ATOM   818 C CZ2 . TRP A 1 101 ? 0.080   11.789  5.002   1.00 73.65  ? 1894 TRP A CZ2 1 
ATOM   819 C CZ3 . TRP A 1 101 ? -1.651  10.333  4.149   1.00 70.50  ? 1894 TRP A CZ3 1 
ATOM   820 C CH2 . TRP A 1 101 ? -0.953  10.917  5.215   1.00 74.41  ? 1894 TRP A CH2 1 
ATOM   821 N N   . GLU A 1 102 ? -0.121  14.490  -1.623  1.00 80.02  ? 1895 GLU A N   1 
ATOM   822 C CA  . GLU A 1 102 ? 0.385   15.860  -1.645  1.00 82.67  ? 1895 GLU A CA  1 
ATOM   823 C C   . GLU A 1 102 ? -0.713  16.883  -1.911  1.00 87.94  ? 1895 GLU A C   1 
ATOM   824 O O   . GLU A 1 102 ? -0.603  18.024  -1.447  1.00 92.51  ? 1895 GLU A O   1 
ATOM   825 C CB  . GLU A 1 102 ? 1.518   16.000  -2.669  1.00 82.46  ? 1895 GLU A CB  1 
ATOM   826 C CG  . GLU A 1 102 ? 2.923   15.770  -2.055  1.00 90.18  ? 1895 GLU A CG  1 
ATOM   827 C CD  . GLU A 1 102 ? 3.941   15.147  -3.016  1.00 91.89  ? 1895 GLU A CD  1 
ATOM   828 O OE1 . GLU A 1 102 ? 3.916   15.474  -4.224  1.00 94.22  ? 1895 GLU A OE1 1 
ATOM   829 O OE2 . GLU A 1 102 ? 4.768   14.326  -2.560  1.00 88.03  ? 1895 GLU A OE2 1 
ATOM   830 N N   . GLU A 1 103 ? -1.789  16.517  -2.618  1.00 82.24  ? 1896 GLU A N   1 
ATOM   831 C CA  . GLU A 1 103 ? -2.904  17.453  -2.714  1.00 83.45  ? 1896 GLU A CA  1 
ATOM   832 C C   . GLU A 1 103 ? -3.902  17.312  -1.565  1.00 86.82  ? 1896 GLU A C   1 
ATOM   833 O O   . GLU A 1 103 ? -5.084  17.628  -1.741  1.00 90.21  ? 1896 GLU A O   1 
ATOM   834 C CB  . GLU A 1 103 ? -3.605  17.344  -4.071  1.00 83.87  ? 1896 GLU A CB  1 
ATOM   835 C CG  . GLU A 1 103 ? -4.072  15.979  -4.499  1.00 79.25  ? 1896 GLU A CG  1 
ATOM   836 C CD  . GLU A 1 103 ? -4.340  15.938  -5.998  1.00 84.51  ? 1896 GLU A CD  1 
ATOM   837 O OE1 . GLU A 1 103 ? -4.345  17.011  -6.640  1.00 79.72  ? 1896 GLU A OE1 1 
ATOM   838 O OE2 . GLU A 1 103 ? -4.536  14.834  -6.543  1.00 87.68  ? 1896 GLU A OE2 1 
ATOM   839 N N   . PHE A 1 104 ? -3.460  16.835  -0.400  1.00 84.31  ? 1897 PHE A N   1 
ATOM   840 C CA  . PHE A 1 104 ? -4.092  17.118  0.888   1.00 89.92  ? 1897 PHE A CA  1 
ATOM   841 C C   . PHE A 1 104 ? -3.168  17.898  1.808   1.00 90.93  ? 1897 PHE A C   1 
ATOM   842 O O   . PHE A 1 104 ? -3.612  18.835  2.479   1.00 91.60  ? 1897 PHE A O   1 
ATOM   843 C CB  . PHE A 1 104 ? -4.493  15.834  1.632   1.00 87.83  ? 1897 PHE A CB  1 
ATOM   844 C CG  . PHE A 1 104 ? -5.634  15.084  1.022   1.00 94.15  ? 1897 PHE A CG  1 
ATOM   845 C CD1 . PHE A 1 104 ? -6.515  15.696  0.154   1.00 91.47  ? 1897 PHE A CD1 1 
ATOM   846 C CD2 . PHE A 1 104 ? -5.820  13.739  1.327   1.00 94.37  ? 1897 PHE A CD2 1 
ATOM   847 C CE1 . PHE A 1 104 ? -7.563  14.984  -0.403  1.00 92.49  ? 1897 PHE A CE1 1 
ATOM   848 C CE2 . PHE A 1 104 ? -6.861  13.023  0.765   1.00 94.32  ? 1897 PHE A CE2 1 
ATOM   849 C CZ  . PHE A 1 104 ? -7.735  13.651  -0.102  1.00 88.48  ? 1897 PHE A CZ  1 
ATOM   850 N N   . TYR A 1 105 ? -1.893  17.518  1.864   1.00 90.49  ? 1898 TYR A N   1 
ATOM   851 C CA  . TYR A 1 105 ? -0.940  18.051  2.837   1.00 89.34  ? 1898 TYR A CA  1 
ATOM   852 C C   . TYR A 1 105 ? 0.230   18.756  2.156   1.00 89.15  ? 1898 TYR A C   1 
ATOM   853 O O   . TYR A 1 105 ? 0.040   19.711  1.393   1.00 92.43  ? 1898 TYR A O   1 
ATOM   854 C CB  . TYR A 1 105 ? -0.424  16.922  3.741   1.00 83.61  ? 1898 TYR A CB  1 
ATOM   855 C CG  . TYR A 1 105 ? -1.531  16.039  4.287   1.00 86.47  ? 1898 TYR A CG  1 
ATOM   856 C CD1 . TYR A 1 105 ? -2.206  16.371  5.461   1.00 87.50  ? 1898 TYR A CD1 1 
ATOM   857 C CD2 . TYR A 1 105 ? -1.911  14.876  3.629   1.00 84.17  ? 1898 TYR A CD2 1 
ATOM   858 C CE1 . TYR A 1 105 ? -3.233  15.565  5.962   1.00 83.70  ? 1898 TYR A CE1 1 
ATOM   859 C CE2 . TYR A 1 105 ? -2.938  14.069  4.124   1.00 82.16  ? 1898 TYR A CE2 1 
ATOM   860 C CZ  . TYR A 1 105 ? -3.592  14.423  5.287   1.00 81.86  ? 1898 TYR A CZ  1 
ATOM   861 O OH  . TYR A 1 105 ? -4.608  13.633  5.772   1.00 89.05  ? 1898 TYR A OH  1 
HETATM 862 C C21 . G0I B 2 .   ? -5.015  -14.476 -6.848  1.00 80.50  ? 1901 G0I A C21 1 
HETATM 863 C C01 . G0I B 2 .   ? 4.617   -11.612 -8.070  1.00 52.56  ? 1901 G0I A C01 1 
HETATM 864 C C02 . G0I B 2 .   ? 3.725   -11.826 -6.850  1.00 54.96  ? 1901 G0I A C02 1 
HETATM 865 C C03 . G0I B 2 .   ? 3.154   -10.550 -6.217  1.00 52.83  ? 1901 G0I A C03 1 
HETATM 866 C C04 . G0I B 2 .   ? 1.834   -10.164 -6.341  1.00 51.21  ? 1901 G0I A C04 1 
HETATM 867 C C06 . G0I B 2 .   ? 2.798   -8.670  -5.072  1.00 51.94  ? 1901 G0I A C06 1 
HETATM 868 C C07 . G0I B 2 .   ? 2.911   -7.417  -4.200  1.00 49.63  ? 1901 G0I A C07 1 
HETATM 869 C C08 . G0I B 2 .   ? 3.776   -9.611  -5.407  1.00 53.96  ? 1901 G0I A C08 1 
HETATM 870 C C09 . G0I B 2 .   ? 5.235   -9.558  -4.916  1.00 52.47  ? 1901 G0I A C09 1 
HETATM 871 C C11 . G0I B 2 .   ? 6.229   -10.701 -5.118  1.00 55.14  ? 1901 G0I A C11 1 
HETATM 872 C C12 . G0I B 2 .   ? 0.693   -10.830 -7.112  1.00 55.74  ? 1901 G0I A C12 1 
HETATM 873 C C13 . G0I B 2 .   ? 0.785   -11.580 -8.323  1.00 55.15  ? 1901 G0I A C13 1 
HETATM 874 C C15 . G0I B 2 .   ? -1.554  -11.410 -7.533  1.00 56.48  ? 1901 G0I A C15 1 
HETATM 875 C C16 . G0I B 2 .   ? -3.065  -11.540 -7.362  1.00 64.80  ? 1901 G0I A C16 1 
HETATM 876 C C18 . G0I B 2 .   ? -4.209  -12.665 -8.883  1.00 77.33  ? 1901 G0I A C18 1 
HETATM 877 C C19 . G0I B 2 .   ? -5.669  -12.987 -8.585  1.00 78.35  ? 1901 G0I A C19 1 
HETATM 878 C C22 . G0I B 2 .   ? -3.836  -13.503 -6.639  1.00 86.40  ? 1901 G0I A C22 1 
HETATM 879 N N05 . G0I B 2 .   ? 1.661   -9.040  -5.643  1.00 50.38  ? 1901 G0I A N05 1 
HETATM 880 N N17 . G0I B 2 .   ? -3.406  -12.683 -7.723  1.00 77.19  ? 1901 G0I A N17 1 
HETATM 881 N N20 . G0I B 2 .   ? -5.773  -14.279 -8.024  1.00 90.26  ? 1901 G0I A N20 1 
HETATM 882 N N23 . G0I B 2 .   ? -0.710  -10.736 -6.658  1.00 54.33  ? 1901 G0I A N23 1 
HETATM 883 O O10 . G0I B 2 .   ? 5.621   -8.612  -4.325  1.00 53.96  ? 1901 G0I A O10 1 
HETATM 884 S S14 . G0I B 2 .   ? -0.690  -12.057 -8.761  1.00 66.41  ? 1901 G0I A S14 1 
HETATM 885 O O   . HOH C 3 .   ? 3.884   -7.228  1.044   1.00 53.44  ? 2001 HOH A O   1 
HETATM 886 O O   . HOH C 3 .   ? 0.199   -7.958  -2.364  1.00 51.76  ? 2002 HOH A O   1 
HETATM 887 O O   . HOH C 3 .   ? 1.953   -6.117  -1.012  1.00 46.99  ? 2003 HOH A O   1 
HETATM 888 O O   . HOH C 3 .   ? -0.207  6.711   -11.302 1.00 48.45  ? 2004 HOH A O   1 
HETATM 889 O O   . HOH C 3 .   ? 6.074   -6.865  -2.208  1.00 53.54  ? 2005 HOH A O   1 
HETATM 890 O O   . HOH C 3 .   ? 4.239   -5.002  -1.912  1.00 51.06  ? 2006 HOH A O   1 
HETATM 891 O O   . HOH C 3 .   ? 8.738   6.776   -2.148  1.00 69.42  ? 2007 HOH A O   1 
HETATM 892 O O   . HOH C 3 .   ? 7.298   -0.966  -8.150  1.00 44.94  ? 2008 HOH A O   1 
HETATM 893 O O   . HOH C 3 .   ? 9.550   -1.783  -8.772  1.00 49.43  ? 2009 HOH A O   1 
HETATM 894 O O   . HOH C 3 .   ? 1.599   -8.892  1.992   1.00 51.26  ? 2010 HOH A O   1 
HETATM 895 O O   . HOH C 3 .   ? 10.172  4.942   -3.475  1.00 48.14  ? 2011 HOH A O   1 
HETATM 896 O O   . HOH C 3 .   ? 7.935   13.511  -5.648  1.00 63.21  ? 2012 HOH A O   1 
# 
